data_2F3Z
# 
_entry.id   2F3Z 
# 
_audit_conform.dict_name       mmcif_pdbx.dic 
_audit_conform.dict_version    5.376 
_audit_conform.dict_location   http://mmcif.pdb.org/dictionaries/ascii/mmcif_pdbx.dic 
# 
loop_
_database_2.database_id 
_database_2.database_code 
_database_2.pdbx_database_accession 
_database_2.pdbx_DOI 
PDB   2F3Z         pdb_00002f3z 10.2210/pdb2f3z/pdb 
RCSB  RCSB035423   ?            ?                   
WWPDB D_1000035423 ?            ?                   
# 
loop_
_pdbx_database_related.db_name 
_pdbx_database_related.db_id 
_pdbx_database_related.details 
_pdbx_database_related.content_type 
PDB 1CDL 'calmodulin-smMLCK complex' unspecified 
PDB 1CDM 'calmodulin CaMKII complex' unspecified 
PDB 1PRW calmodulin                  unspecified 
PDB 2F3Y .                           unspecified 
# 
_pdbx_database_status.entry_id                        2F3Z 
_pdbx_database_status.deposit_site                    RCSB 
_pdbx_database_status.process_site                    RCSB 
_pdbx_database_status.recvd_initial_deposition_date   2005-11-22 
_pdbx_database_status.status_code                     REL 
_pdbx_database_status.status_code_sf                  REL 
_pdbx_database_status.status_code_mr                  ? 
_pdbx_database_status.SG_entry                        ? 
_pdbx_database_status.pdb_format_compatible           Y 
_pdbx_database_status.status_code_cs                  ? 
_pdbx_database_status.methods_development_category    ? 
_pdbx_database_status.status_code_nmr_data            ? 
# 
loop_
_audit_author.name 
_audit_author.pdbx_ordinal 
_audit_author.identifier_ORCID 
'Fallon, J.L.'  1 ? 
'Quiocho, F.A.' 2 ? 
# 
loop_
_citation.id 
_citation.title 
_citation.journal_abbrev 
_citation.journal_volume 
_citation.page_first 
_citation.page_last 
_citation.year 
_citation.journal_id_ASTM 
_citation.country 
_citation.journal_id_ISSN 
_citation.journal_id_CSD 
_citation.book_publisher 
_citation.pdbx_database_id_PubMed 
_citation.pdbx_database_id_DOI 
primary 'Structure of Calmodulin Bound to the Hydrophobic IQ Domain of the Cardiac Ca(v)1.2 Calcium Channel.' Structure 13  1881 
1886 2005 STRUE6 UK 0969-2126 2005 ? 16338416 10.1016/j.str.2005.09.021  
1       'Calmodulin interactions with IO peptides from voltage-dependent calcium channels'                    
'Am.J.Physiol., Cell Physiol.' 288 C669 C676 2005 ?      US 0363-6143 ?    ? ?        10.1152/ajpcell.00191.2004 
2       'Target enzyme recognition by calmodulin: 2.4 A structure of a calmodulin-peptide complex'            Science 257 1251 
1255 1992 SCIEAS US 0036-8075 0038 ? 1519061  ?                          
3       'A closed compact structure of native Ca2+-calmodulin'                                                Structure 11  1303 
1307 2003 STRUE6 UK 0969-2126 2005 ? 14527397 10.1016/j.str.2003.09.004  
# 
loop_
_citation_author.citation_id 
_citation_author.name 
_citation_author.ordinal 
_citation_author.identifier_ORCID 
primary 'Fallon, J.L.'   1  ? 
primary 'Halling, D.B.'  2  ? 
primary 'Hamilton, S.L.' 3  ? 
primary 'Quiocho, F.A.'  4  ? 
1       'J Black, D.'    5  ? 
1       'Halling, D.B.'  6  ? 
1       'Mandich, D.V.'  7  ? 
1       'Pedersen, S.E.' 8  ? 
1       'Altshuld, R.A.' 9  ? 
1       'Hamilton, S.L.' 10 ? 
2       'Meador, W.E.'   11 ? 
2       'Means, A.R.'    12 ? 
2       'Quiocho, F.A.'  13 ? 
3       'Fallon, J.L.'   14 ? 
3       'Quiocho, F.A.'  15 ? 
# 
_cell.entry_id           2F3Z 
_cell.length_a           86.260 
_cell.length_b           31.370 
_cell.length_c           64.110 
_cell.angle_alpha        90.00 
_cell.angle_beta         115.89 
_cell.angle_gamma        90.00 
_cell.Z_PDB              4 
_cell.pdbx_unique_axis   ? 
# 
_symmetry.entry_id                         2F3Z 
_symmetry.space_group_name_H-M             'C 1 2 1' 
_symmetry.pdbx_full_space_group_name_H-M   ? 
_symmetry.cell_setting                     ? 
_symmetry.Int_Tables_number                5 
_symmetry.space_group_name_Hall            ? 
# 
loop_
_entity.id 
_entity.type 
_entity.src_method 
_entity.pdbx_description 
_entity.formula_weight 
_entity.pdbx_number_of_molecules 
_entity.pdbx_ec 
_entity.pdbx_mutation 
_entity.pdbx_fragment 
_entity.details 
1 polymer     man Calmodulin                                                  16721.350 1   ? ?                ? ? 
2 polymer     syn 'Voltage-dependent L-type calcium channel alpha-1C subunit' 2707.196  1   ? 'I1672A, Q1673A' ? ? 
3 non-polymer syn 'CALCIUM ION'                                               40.078    4   ? ?                ? ? 
4 water       nat water                                                       18.015    173 ? ?                ? ? 
# 
loop_
_entity_name_com.entity_id 
_entity_name_com.name 
1 CaM                                                                                                                            
2 'Voltage- gated calcium channel alpha subunit Cav1.2, Calcium channel, L type, alpha-1 polypeptide, isoform 1, cardiac muscle' 
# 
loop_
_entity_poly.entity_id 
_entity_poly.type 
_entity_poly.nstd_linkage 
_entity_poly.nstd_monomer 
_entity_poly.pdbx_seq_one_letter_code 
_entity_poly.pdbx_seq_one_letter_code_can 
_entity_poly.pdbx_strand_id 
_entity_poly.pdbx_target_identifier 
1 'polypeptide(L)' no no 
;ADQLTEEQIAEFKEAFSLFDKDGDGTITTKELGTVMRSLGQNPTEAELQDMINEVDADGNGTIDFPEFLTMMARKMKDTD
SEEEIREAFRVFDKDGNGYISAAELRHVMTNLGEKLTDEEVDEMIREADIDGDGQVNYEEFVQMMTAK
;
;ADQLTEEQIAEFKEAFSLFDKDGDGTITTKELGTVMRSLGQNPTEAELQDMINEVDADGNGTIDFPEFLTMMARKMKDTD
SEEEIREAFRVFDKDGNGYISAAELRHVMTNLGEKLTDEEVDEMIREADIDGDGQVNYEEFVQMMTAK
;
A ? 
2 'polypeptide(L)' no no KFYATFLAAEYFRKFKKRKEQ KFYATFLAAEYFRKFKKRKEQ B ? 
# 
loop_
_entity_poly_seq.entity_id 
_entity_poly_seq.num 
_entity_poly_seq.mon_id 
_entity_poly_seq.hetero 
1 1   ALA n 
1 2   ASP n 
1 3   GLN n 
1 4   LEU n 
1 5   THR n 
1 6   GLU n 
1 7   GLU n 
1 8   GLN n 
1 9   ILE n 
1 10  ALA n 
1 11  GLU n 
1 12  PHE n 
1 13  LYS n 
1 14  GLU n 
1 15  ALA n 
1 16  PHE n 
1 17  SER n 
1 18  LEU n 
1 19  PHE n 
1 20  ASP n 
1 21  LYS n 
1 22  ASP n 
1 23  GLY n 
1 24  ASP n 
1 25  GLY n 
1 26  THR n 
1 27  ILE n 
1 28  THR n 
1 29  THR n 
1 30  LYS n 
1 31  GLU n 
1 32  LEU n 
1 33  GLY n 
1 34  THR n 
1 35  VAL n 
1 36  MET n 
1 37  ARG n 
1 38  SER n 
1 39  LEU n 
1 40  GLY n 
1 41  GLN n 
1 42  ASN n 
1 43  PRO n 
1 44  THR n 
1 45  GLU n 
1 46  ALA n 
1 47  GLU n 
1 48  LEU n 
1 49  GLN n 
1 50  ASP n 
1 51  MET n 
1 52  ILE n 
1 53  ASN n 
1 54  GLU n 
1 55  VAL n 
1 56  ASP n 
1 57  ALA n 
1 58  ASP n 
1 59  GLY n 
1 60  ASN n 
1 61  GLY n 
1 62  THR n 
1 63  ILE n 
1 64  ASP n 
1 65  PHE n 
1 66  PRO n 
1 67  GLU n 
1 68  PHE n 
1 69  LEU n 
1 70  THR n 
1 71  MET n 
1 72  MET n 
1 73  ALA n 
1 74  ARG n 
1 75  LYS n 
1 76  MET n 
1 77  LYS n 
1 78  ASP n 
1 79  THR n 
1 80  ASP n 
1 81  SER n 
1 82  GLU n 
1 83  GLU n 
1 84  GLU n 
1 85  ILE n 
1 86  ARG n 
1 87  GLU n 
1 88  ALA n 
1 89  PHE n 
1 90  ARG n 
1 91  VAL n 
1 92  PHE n 
1 93  ASP n 
1 94  LYS n 
1 95  ASP n 
1 96  GLY n 
1 97  ASN n 
1 98  GLY n 
1 99  TYR n 
1 100 ILE n 
1 101 SER n 
1 102 ALA n 
1 103 ALA n 
1 104 GLU n 
1 105 LEU n 
1 106 ARG n 
1 107 HIS n 
1 108 VAL n 
1 109 MET n 
1 110 THR n 
1 111 ASN n 
1 112 LEU n 
1 113 GLY n 
1 114 GLU n 
1 115 LYS n 
1 116 LEU n 
1 117 THR n 
1 118 ASP n 
1 119 GLU n 
1 120 GLU n 
1 121 VAL n 
1 122 ASP n 
1 123 GLU n 
1 124 MET n 
1 125 ILE n 
1 126 ARG n 
1 127 GLU n 
1 128 ALA n 
1 129 ASP n 
1 130 ILE n 
1 131 ASP n 
1 132 GLY n 
1 133 ASP n 
1 134 GLY n 
1 135 GLN n 
1 136 VAL n 
1 137 ASN n 
1 138 TYR n 
1 139 GLU n 
1 140 GLU n 
1 141 PHE n 
1 142 VAL n 
1 143 GLN n 
1 144 MET n 
1 145 MET n 
1 146 THR n 
1 147 ALA n 
1 148 LYS n 
2 1   LYS n 
2 2   PHE n 
2 3   TYR n 
2 4   ALA n 
2 5   THR n 
2 6   PHE n 
2 7   LEU n 
2 8   ALA n 
2 9   ALA n 
2 10  GLU n 
2 11  TYR n 
2 12  PHE n 
2 13  ARG n 
2 14  LYS n 
2 15  PHE n 
2 16  LYS n 
2 17  LYS n 
2 18  ARG n 
2 19  LYS n 
2 20  GLU n 
2 21  GLN n 
# 
_entity_src_gen.entity_id                          1 
_entity_src_gen.pdbx_src_id                        1 
_entity_src_gen.pdbx_alt_source_flag               sample 
_entity_src_gen.pdbx_seq_type                      ? 
_entity_src_gen.pdbx_beg_seq_num                   ? 
_entity_src_gen.pdbx_end_seq_num                   ? 
_entity_src_gen.gene_src_common_name               human 
_entity_src_gen.gene_src_genus                     Homo 
_entity_src_gen.pdbx_gene_src_gene                 'calm1, calm2, calm3' 
_entity_src_gen.gene_src_species                   ? 
_entity_src_gen.gene_src_strain                    ? 
_entity_src_gen.gene_src_tissue                    ? 
_entity_src_gen.gene_src_tissue_fraction           ? 
_entity_src_gen.gene_src_details                   ? 
_entity_src_gen.pdbx_gene_src_fragment             ? 
_entity_src_gen.pdbx_gene_src_scientific_name      'Homo sapiens' 
_entity_src_gen.pdbx_gene_src_ncbi_taxonomy_id     9606 
_entity_src_gen.pdbx_gene_src_variant              ? 
_entity_src_gen.pdbx_gene_src_cell_line            ? 
_entity_src_gen.pdbx_gene_src_atcc                 ? 
_entity_src_gen.pdbx_gene_src_organ                ? 
_entity_src_gen.pdbx_gene_src_organelle            ? 
_entity_src_gen.pdbx_gene_src_cell                 ? 
_entity_src_gen.pdbx_gene_src_cellular_location    ? 
_entity_src_gen.host_org_common_name               ? 
_entity_src_gen.pdbx_host_org_scientific_name      'Escherichia coli BL21(DE3)' 
_entity_src_gen.pdbx_host_org_ncbi_taxonomy_id     469008 
_entity_src_gen.host_org_genus                     Escherichia 
_entity_src_gen.pdbx_host_org_gene                 ? 
_entity_src_gen.pdbx_host_org_organ                ? 
_entity_src_gen.host_org_species                   'Escherichia coli' 
_entity_src_gen.pdbx_host_org_tissue               ? 
_entity_src_gen.pdbx_host_org_tissue_fraction      ? 
_entity_src_gen.pdbx_host_org_strain               'BL21(DE3)' 
_entity_src_gen.pdbx_host_org_variant              ? 
_entity_src_gen.pdbx_host_org_cell_line            ? 
_entity_src_gen.pdbx_host_org_atcc                 ? 
_entity_src_gen.pdbx_host_org_culture_collection   ? 
_entity_src_gen.pdbx_host_org_cell                 ? 
_entity_src_gen.pdbx_host_org_organelle            ? 
_entity_src_gen.pdbx_host_org_cellular_location    ? 
_entity_src_gen.pdbx_host_org_vector_type          plasmid 
_entity_src_gen.pdbx_host_org_vector               ? 
_entity_src_gen.host_org_details                   ? 
_entity_src_gen.expression_system_id               ? 
_entity_src_gen.plasmid_name                       pET3a 
_entity_src_gen.plasmid_details                    ? 
_entity_src_gen.pdbx_description                   ? 
# 
_pdbx_entity_src_syn.entity_id              2 
_pdbx_entity_src_syn.pdbx_src_id            1 
_pdbx_entity_src_syn.pdbx_alt_source_flag   sample 
_pdbx_entity_src_syn.pdbx_beg_seq_num       ? 
_pdbx_entity_src_syn.pdbx_end_seq_num       ? 
_pdbx_entity_src_syn.organism_scientific    ? 
_pdbx_entity_src_syn.organism_common_name   ? 
_pdbx_entity_src_syn.ncbi_taxonomy_id       ? 
_pdbx_entity_src_syn.details                'a mutant IQ domain of the cardiac Cav1.2 channel' 
# 
loop_
_struct_ref.id 
_struct_ref.db_name 
_struct_ref.db_code 
_struct_ref.pdbx_db_accession 
_struct_ref.entity_id 
_struct_ref.pdbx_seq_one_letter_code 
_struct_ref.pdbx_align_begin 
_struct_ref.pdbx_db_isoform 
1 UNP CALM_HUMAN  P62158 1 
;ADQLTEEQIAEFKEAFSLFDKDGDGTITTKELGTVMRSLGQNPTEAELQDMINEVDADGNGTIDFPEFLTMMARKMKDTD
SEEEIREAFRVFDKDGNGYISAAELRHVMTNLGEKLTDEEVDEMIREADIDGDGQVNYEEFVQMMTAK
;
1    ? 
2 UNP CAC1C_HUMAN Q13933 2 KFYATFLIQEYFRKFKKRKEQ 1665 ? 
# 
loop_
_struct_ref_seq.align_id 
_struct_ref_seq.ref_id 
_struct_ref_seq.pdbx_PDB_id_code 
_struct_ref_seq.pdbx_strand_id 
_struct_ref_seq.seq_align_beg 
_struct_ref_seq.pdbx_seq_align_beg_ins_code 
_struct_ref_seq.seq_align_end 
_struct_ref_seq.pdbx_seq_align_end_ins_code 
_struct_ref_seq.pdbx_db_accession 
_struct_ref_seq.db_align_beg 
_struct_ref_seq.pdbx_db_align_beg_ins_code 
_struct_ref_seq.db_align_end 
_struct_ref_seq.pdbx_db_align_end_ins_code 
_struct_ref_seq.pdbx_auth_seq_align_beg 
_struct_ref_seq.pdbx_auth_seq_align_end 
1 1 2F3Z A 1 ? 148 ? P62158 1    ? 148  ? 1    148  
2 2 2F3Z B 1 ? 21  ? Q13933 1665 ? 1685 ? 1665 1685 
# 
loop_
_struct_ref_seq_dif.align_id 
_struct_ref_seq_dif.pdbx_pdb_id_code 
_struct_ref_seq_dif.mon_id 
_struct_ref_seq_dif.pdbx_pdb_strand_id 
_struct_ref_seq_dif.seq_num 
_struct_ref_seq_dif.pdbx_pdb_ins_code 
_struct_ref_seq_dif.pdbx_seq_db_name 
_struct_ref_seq_dif.pdbx_seq_db_accession_code 
_struct_ref_seq_dif.db_mon_id 
_struct_ref_seq_dif.pdbx_seq_db_seq_num 
_struct_ref_seq_dif.details 
_struct_ref_seq_dif.pdbx_auth_seq_num 
_struct_ref_seq_dif.pdbx_ordinal 
2 2F3Z ALA B 8 ? UNP Q13933 ILE 1672 'engineered mutation' 1672 1 
2 2F3Z ALA B 9 ? UNP Q13933 GLN 1673 'engineered mutation' 1673 2 
# 
loop_
_chem_comp.id 
_chem_comp.type 
_chem_comp.mon_nstd_flag 
_chem_comp.name 
_chem_comp.pdbx_synonyms 
_chem_comp.formula 
_chem_comp.formula_weight 
ALA 'L-peptide linking' y ALANINE         ? 'C3 H7 N O2'     89.093  
ARG 'L-peptide linking' y ARGININE        ? 'C6 H15 N4 O2 1' 175.209 
ASN 'L-peptide linking' y ASPARAGINE      ? 'C4 H8 N2 O3'    132.118 
ASP 'L-peptide linking' y 'ASPARTIC ACID' ? 'C4 H7 N O4'     133.103 
CA  non-polymer         . 'CALCIUM ION'   ? 'Ca 2'           40.078  
GLN 'L-peptide linking' y GLUTAMINE       ? 'C5 H10 N2 O3'   146.144 
GLU 'L-peptide linking' y 'GLUTAMIC ACID' ? 'C5 H9 N O4'     147.129 
GLY 'peptide linking'   y GLYCINE         ? 'C2 H5 N O2'     75.067  
HIS 'L-peptide linking' y HISTIDINE       ? 'C6 H10 N3 O2 1' 156.162 
HOH non-polymer         . WATER           ? 'H2 O'           18.015  
ILE 'L-peptide linking' y ISOLEUCINE      ? 'C6 H13 N O2'    131.173 
LEU 'L-peptide linking' y LEUCINE         ? 'C6 H13 N O2'    131.173 
LYS 'L-peptide linking' y LYSINE          ? 'C6 H15 N2 O2 1' 147.195 
MET 'L-peptide linking' y METHIONINE      ? 'C5 H11 N O2 S'  149.211 
PHE 'L-peptide linking' y PHENYLALANINE   ? 'C9 H11 N O2'    165.189 
PRO 'L-peptide linking' y PROLINE         ? 'C5 H9 N O2'     115.130 
SER 'L-peptide linking' y SERINE          ? 'C3 H7 N O3'     105.093 
THR 'L-peptide linking' y THREONINE       ? 'C4 H9 N O3'     119.119 
TYR 'L-peptide linking' y TYROSINE        ? 'C9 H11 N O3'    181.189 
VAL 'L-peptide linking' y VALINE          ? 'C5 H11 N O2'    117.146 
# 
_exptl.crystals_number   1 
_exptl.method            'X-RAY DIFFRACTION' 
_exptl.entry_id          2F3Z 
# 
_exptl_crystal.id                    1 
_exptl_crystal.density_meas          ? 
_exptl_crystal.density_Matthews      2.01 
_exptl_crystal.density_percent_sol   38.75 
_exptl_crystal.description           ? 
_exptl_crystal.F_000                 ? 
_exptl_crystal.preparation           ? 
# 
_exptl_crystal_grow.crystal_id      1 
_exptl_crystal_grow.method          'VAPOR DIFFUSION, HANGING DROP' 
_exptl_crystal_grow.pH              8.3 
_exptl_crystal_grow.temp            298 
_exptl_crystal_grow.pdbx_details    '32% PEG 4000, 50mM TRIS, 50 mM MgCl2, pH 8.3, VAPOR DIFFUSION, HANGING DROP, temperature 298K' 
_exptl_crystal_grow.temp_details    ? 
_exptl_crystal_grow.pdbx_pH_range   . 
# 
_diffrn.id                     1 
_diffrn.ambient_temp           100 
_diffrn.ambient_temp_details   ? 
_diffrn.crystal_id             1 
# 
_diffrn_detector.diffrn_id              1 
_diffrn_detector.detector               CCD 
_diffrn_detector.type                   MARRESEARCH 
_diffrn_detector.pdbx_collection_date   2005-04-27 
_diffrn_detector.details                ? 
# 
_diffrn_radiation.diffrn_id                        1 
_diffrn_radiation.pdbx_diffrn_protocol             'SINGLE WAVELENGTH' 
_diffrn_radiation.monochromator                    Si 
_diffrn_radiation.wavelength_id                    1 
_diffrn_radiation.pdbx_monochromatic_or_laue_m_l   M 
_diffrn_radiation.pdbx_scattering_type             x-ray 
# 
_diffrn_radiation_wavelength.id           1 
_diffrn_radiation_wavelength.wavelength   1.24242 
_diffrn_radiation_wavelength.wt           1.0 
# 
_diffrn_source.diffrn_id                   1 
_diffrn_source.source                      SYNCHROTRON 
_diffrn_source.type                        'CAMD BEAMLINE GCPCC' 
_diffrn_source.pdbx_wavelength_list        1.24242 
_diffrn_source.pdbx_wavelength             ? 
_diffrn_source.pdbx_synchrotron_site       CAMD 
_diffrn_source.pdbx_synchrotron_beamline   GCPCC 
# 
_reflns.entry_id                     2F3Z 
_reflns.d_resolution_low             50.00 
_reflns.d_resolution_high            1.60 
_reflns.number_obs                   19475 
_reflns.percent_possible_obs         94.200 
_reflns.pdbx_Rmerge_I_obs            0.038 
_reflns.pdbx_chi_squared             0.898 
_reflns.pdbx_redundancy              3.500 
_reflns.pdbx_scaling_rejects         ? 
_reflns.pdbx_netI_over_sigmaI        ? 
_reflns.pdbx_Rsym_value              ? 
_reflns.observed_criterion_sigma_F   0.0 
_reflns.observed_criterion_sigma_I   0.0 
_reflns.number_all                   20711 
_reflns.B_iso_Wilson_estimate        ? 
_reflns.R_free_details               ? 
_reflns.limit_h_max                  ? 
_reflns.limit_h_min                  ? 
_reflns.limit_k_max                  ? 
_reflns.limit_k_min                  ? 
_reflns.limit_l_max                  ? 
_reflns.limit_l_min                  ? 
_reflns.observed_criterion_F_max     ? 
_reflns.observed_criterion_F_min     ? 
_reflns.pdbx_diffrn_id               1 
_reflns.pdbx_ordinal                 1 
# 
_reflns_shell.d_res_low              1.66 
_reflns_shell.d_res_high             1.60 
_reflns_shell.number_unique_all      1446 
_reflns_shell.percent_possible_all   70.100 
_reflns_shell.Rmerge_I_obs           0.188 
_reflns_shell.pdbx_chi_squared       0.490 
_reflns_shell.pdbx_redundancy        2.800 
_reflns_shell.number_unique_obs      ? 
_reflns_shell.meanI_over_sigI_obs    ? 
_reflns_shell.pdbx_Rsym_value        ? 
_reflns_shell.percent_possible_obs   ? 
_reflns_shell.number_measured_all    ? 
_reflns_shell.number_measured_obs    ? 
_reflns_shell.pdbx_diffrn_id         ? 
_reflns_shell.pdbx_ordinal           1 
# 
_refine.ls_d_res_high                            1.600 
_refine.ls_d_res_low                             21.200 
_refine.pdbx_ls_sigma_F                          0.00 
_refine.pdbx_data_cutoff_high_absF               261776528.000 
_refine.pdbx_data_cutoff_low_absF                0.000 
_refine.ls_percent_reflns_obs                    89.200 
_refine.ls_number_reflns_obs                     18494 
_refine.pdbx_ls_cross_valid_method               THROUGHOUT 
_refine.pdbx_R_Free_selection_details            RANDOM 
_refine.ls_R_factor_R_work                       0.219 
_refine.ls_R_factor_R_free                       0.272 
_refine.ls_percent_reflns_R_free                 9.900 
_refine.ls_number_reflns_R_free                  1827 
_refine.ls_R_factor_R_free_error                 0.006 
_refine.B_iso_mean                               29.400 
_refine.solvent_model_param_bsol                 37.273 
_refine.solvent_model_param_ksol                 0.354 
_refine.pdbx_isotropic_thermal_model             RESTRAINED 
_refine.aniso_B[1][1]                            -5.920 
_refine.aniso_B[2][2]                            10.870 
_refine.aniso_B[3][3]                            -4.950 
_refine.aniso_B[1][2]                            0.000 
_refine.aniso_B[1][3]                            -3.290 
_refine.aniso_B[2][3]                            0.000 
_refine.solvent_model_details                    'FLAT MODEL' 
_refine.entry_id                                 2F3Z 
_refine.pdbx_ls_sigma_I                          ? 
_refine.ls_number_reflns_all                     20733 
_refine.ls_R_factor_all                          0.219 
_refine.ls_R_factor_obs                          0.219 
_refine.ls_redundancy_reflns_obs                 ? 
_refine.ls_number_parameters                     ? 
_refine.ls_number_restraints                     ? 
_refine.ls_R_factor_R_free_error_details         ? 
_refine.pdbx_method_to_determine_struct          'MOLECULAR REPLACEMENT' 
_refine.pdbx_starting_model                      2F3Y 
_refine.pdbx_stereochem_target_val_spec_case     ? 
_refine.pdbx_stereochemistry_target_values       'Engh & Huber' 
_refine.occupancy_max                            ? 
_refine.occupancy_min                            ? 
_refine.details                                  ? 
_refine.B_iso_min                                ? 
_refine.B_iso_max                                ? 
_refine.correlation_coeff_Fo_to_Fc               ? 
_refine.correlation_coeff_Fo_to_Fc_free          ? 
_refine.pdbx_solvent_vdw_probe_radii             ? 
_refine.pdbx_solvent_ion_probe_radii             ? 
_refine.pdbx_solvent_shrinkage_radii             ? 
_refine.overall_SU_R_Cruickshank_DPI             ? 
_refine.overall_SU_R_free                        ? 
_refine.overall_SU_ML                            ? 
_refine.overall_SU_B                             ? 
_refine.pdbx_overall_ESU_R_Free                  ? 
_refine.pdbx_data_cutoff_high_rms_absF           ? 
_refine.pdbx_overall_ESU_R                       ? 
_refine.ls_wR_factor_R_free                      ? 
_refine.ls_wR_factor_R_work                      ? 
_refine.overall_FOM_free_R_set                   ? 
_refine.overall_FOM_work_R_set                   ? 
_refine.pdbx_refine_id                           'X-RAY DIFFRACTION' 
_refine.pdbx_diffrn_id                           1 
_refine.pdbx_TLS_residual_ADP_flag               ? 
_refine.pdbx_overall_phase_error                 ? 
_refine.pdbx_overall_SU_R_free_Cruickshank_DPI   ? 
_refine.pdbx_overall_SU_R_Blow_DPI               ? 
_refine.pdbx_overall_SU_R_free_Blow_DPI          ? 
# 
_refine_analyze.Luzzati_coordinate_error_obs    0.210 
_refine_analyze.Luzzati_sigma_a_obs             0.150 
_refine_analyze.Luzzati_d_res_low_obs           5.000 
_refine_analyze.Luzzati_coordinate_error_free   0.270 
_refine_analyze.Luzzati_sigma_a_free            0.140 
_refine_analyze.pdbx_refine_id                  'X-RAY DIFFRACTION' 
_refine_analyze.entry_id                        2F3Z 
_refine_analyze.Luzzati_d_res_low_free          ? 
_refine_analyze.number_disordered_residues      ? 
_refine_analyze.occupancy_sum_hydrogen          ? 
_refine_analyze.occupancy_sum_non_hydrogen      ? 
# 
_refine_hist.pdbx_refine_id                   'X-RAY DIFFRACTION' 
_refine_hist.cycle_id                         LAST 
_refine_hist.pdbx_number_atoms_protein        1303 
_refine_hist.pdbx_number_atoms_nucleic_acid   0 
_refine_hist.pdbx_number_atoms_ligand         4 
_refine_hist.number_atoms_solvent             173 
_refine_hist.number_atoms_total               1480 
_refine_hist.d_res_high                       1.600 
_refine_hist.d_res_low                        21.200 
# 
loop_
_refine_ls_restr.type 
_refine_ls_restr.number 
_refine_ls_restr.dev_ideal 
_refine_ls_restr.dev_ideal_target 
_refine_ls_restr.weight 
_refine_ls_restr.pdbx_refine_id 
_refine_ls_restr.pdbx_restraint_function 
c_bond_d           ? 0.005  ? ?     'X-RAY DIFFRACTION' ? 
c_angle_deg        ? 1.000  ? ?     'X-RAY DIFFRACTION' ? 
c_dihedral_angle_d ? 18.500 ? ?     'X-RAY DIFFRACTION' ? 
c_improper_angle_d ? 0.660  ? ?     'X-RAY DIFFRACTION' ? 
c_mcbond_it        ? 2.900  ? 1.500 'X-RAY DIFFRACTION' ? 
c_mcangle_it       ? 3.250  ? 2.000 'X-RAY DIFFRACTION' ? 
c_scbond_it        ? 2.160  ? 2.000 'X-RAY DIFFRACTION' ? 
c_scangle_it       ? 3.270  ? 2.500 'X-RAY DIFFRACTION' ? 
# 
_refine_ls_shell.d_res_high                       1.600 
_refine_ls_shell.d_res_low                        1.700 
_refine_ls_shell.pdbx_total_number_of_bins_used   6 
_refine_ls_shell.percent_reflns_obs               65.500 
_refine_ls_shell.number_reflns_R_work             2008 
_refine_ls_shell.R_factor_all                     ? 
_refine_ls_shell.R_factor_R_work                  0.302 
_refine_ls_shell.R_factor_R_free                  0.34 
_refine_ls_shell.percent_reflns_R_free            10.300 
_refine_ls_shell.number_reflns_R_free             231 
_refine_ls_shell.R_factor_R_free_error            0.022 
_refine_ls_shell.number_reflns_all                ? 
_refine_ls_shell.number_reflns_obs                2239 
_refine_ls_shell.redundancy_reflns_obs            ? 
_refine_ls_shell.pdbx_refine_id                   'X-RAY DIFFRACTION' 
# 
loop_
_pdbx_xplor_file.serial_no 
_pdbx_xplor_file.param_file 
_pdbx_xplor_file.topol_file 
_pdbx_xplor_file.pdbx_refine_id 
1 protein.top protein_rep.param 'X-RAY DIFFRACTION' 
2 water.top   water_rep.param   'X-RAY DIFFRACTION' 
3 ion.top     ion.param         'X-RAY DIFFRACTION' 
# 
_struct.entry_id                  2F3Z 
_struct.title                     'Calmodulin/IQ-AA domain complex' 
_struct.pdbx_model_details        ? 
_struct.pdbx_CASP_flag            ? 
_struct.pdbx_model_type_details   ? 
# 
_struct_keywords.text            
'calmodulin, calmodulin complex, calcium channnel, Cav1.2, IQ domain, IQ-AA mutant domain, METAL BINDING PROTEIN' 
_struct_keywords.entry_id        2F3Z 
_struct_keywords.pdbx_keywords   'METAL BINDING PROTEIN' 
# 
loop_
_struct_asym.id 
_struct_asym.pdbx_blank_PDB_chainid_flag 
_struct_asym.pdbx_modified 
_struct_asym.entity_id 
_struct_asym.details 
A N N 1 ? 
B N N 2 ? 
C N N 3 ? 
D N N 3 ? 
E N N 3 ? 
F N N 3 ? 
G N N 4 ? 
H N N 4 ? 
# 
loop_
_struct_conf.conf_type_id 
_struct_conf.id 
_struct_conf.pdbx_PDB_helix_id 
_struct_conf.beg_label_comp_id 
_struct_conf.beg_label_asym_id 
_struct_conf.beg_label_seq_id 
_struct_conf.pdbx_beg_PDB_ins_code 
_struct_conf.end_label_comp_id 
_struct_conf.end_label_asym_id 
_struct_conf.end_label_seq_id 
_struct_conf.pdbx_end_PDB_ins_code 
_struct_conf.beg_auth_comp_id 
_struct_conf.beg_auth_asym_id 
_struct_conf.beg_auth_seq_id 
_struct_conf.end_auth_comp_id 
_struct_conf.end_auth_asym_id 
_struct_conf.end_auth_seq_id 
_struct_conf.pdbx_PDB_helix_class 
_struct_conf.details 
_struct_conf.pdbx_PDB_helix_length 
HELX_P HELX_P1 1 THR A 5   ? ASP A 20  ? THR A 5    ASP A 20   1 ? 16 
HELX_P HELX_P2 2 THR A 28  ? LEU A 39  ? THR A 28   LEU A 39   1 ? 12 
HELX_P HELX_P3 3 THR A 44  ? ASP A 56  ? THR A 44   ASP A 56   1 ? 13 
HELX_P HELX_P4 4 PHE A 65  ? ASP A 78  ? PHE A 65   ASP A 78   1 ? 14 
HELX_P HELX_P5 5 GLU A 82  ? ASP A 93  ? GLU A 82   ASP A 93   1 ? 12 
HELX_P HELX_P6 6 SER A 101 ? LEU A 112 ? SER A 101  LEU A 112  1 ? 12 
HELX_P HELX_P7 7 THR A 117 ? ASP A 129 ? THR A 117  ASP A 129  1 ? 13 
HELX_P HELX_P8 8 TYR A 138 ? THR A 146 ? TYR A 138  THR A 146  1 ? 9  
HELX_P HELX_P9 9 LYS B 1   ? LYS B 17  ? LYS B 1665 LYS B 1681 1 ? 17 
# 
_struct_conf_type.id          HELX_P 
_struct_conf_type.criteria    ? 
_struct_conf_type.reference   ? 
# 
loop_
_struct_conn.id 
_struct_conn.conn_type_id 
_struct_conn.pdbx_leaving_atom_flag 
_struct_conn.pdbx_PDB_id 
_struct_conn.ptnr1_label_asym_id 
_struct_conn.ptnr1_label_comp_id 
_struct_conn.ptnr1_label_seq_id 
_struct_conn.ptnr1_label_atom_id 
_struct_conn.pdbx_ptnr1_label_alt_id 
_struct_conn.pdbx_ptnr1_PDB_ins_code 
_struct_conn.pdbx_ptnr1_standard_comp_id 
_struct_conn.ptnr1_symmetry 
_struct_conn.ptnr2_label_asym_id 
_struct_conn.ptnr2_label_comp_id 
_struct_conn.ptnr2_label_seq_id 
_struct_conn.ptnr2_label_atom_id 
_struct_conn.pdbx_ptnr2_label_alt_id 
_struct_conn.pdbx_ptnr2_PDB_ins_code 
_struct_conn.ptnr1_auth_asym_id 
_struct_conn.ptnr1_auth_comp_id 
_struct_conn.ptnr1_auth_seq_id 
_struct_conn.ptnr2_auth_asym_id 
_struct_conn.ptnr2_auth_comp_id 
_struct_conn.ptnr2_auth_seq_id 
_struct_conn.ptnr2_symmetry 
_struct_conn.pdbx_ptnr3_label_atom_id 
_struct_conn.pdbx_ptnr3_label_seq_id 
_struct_conn.pdbx_ptnr3_label_comp_id 
_struct_conn.pdbx_ptnr3_label_asym_id 
_struct_conn.pdbx_ptnr3_label_alt_id 
_struct_conn.pdbx_ptnr3_PDB_ins_code 
_struct_conn.details 
_struct_conn.pdbx_dist_value 
_struct_conn.pdbx_value_order 
_struct_conn.pdbx_role 
metalc1  metalc ? ? A ASP 20  OD2 ? ? ? 1_555 F CA  . CA ? ? A ASP 20  A CA  168 1_555 ? ? ? ? ? ? ? 2.213 ? ? 
metalc2  metalc ? ? A ASP 22  OD2 ? ? ? 1_555 F CA  . CA ? ? A ASP 22  A CA  168 1_555 ? ? ? ? ? ? ? 2.397 ? ? 
metalc3  metalc ? ? A ASP 24  OD1 ? ? ? 1_555 F CA  . CA ? ? A ASP 24  A CA  168 1_555 ? ? ? ? ? ? ? 2.290 ? ? 
metalc4  metalc ? ? A THR 26  O   ? ? ? 1_555 F CA  . CA ? ? A THR 26  A CA  168 1_555 ? ? ? ? ? ? ? 2.276 ? ? 
metalc5  metalc ? ? A GLU 31  OE1 ? ? ? 1_555 F CA  . CA ? ? A GLU 31  A CA  168 1_555 ? ? ? ? ? ? ? 2.459 ? ? 
metalc6  metalc ? ? A GLU 31  OE2 ? ? ? 1_555 F CA  . CA ? ? A GLU 31  A CA  168 1_555 ? ? ? ? ? ? ? 2.611 ? ? 
metalc7  metalc ? ? A ASP 56  OD1 ? ? ? 1_555 E CA  . CA ? ? A ASP 56  A CA  167 1_555 ? ? ? ? ? ? ? 2.198 ? ? 
metalc8  metalc ? ? A ASP 58  OD1 ? ? ? 1_555 E CA  . CA ? ? A ASP 58  A CA  167 1_555 ? ? ? ? ? ? ? 2.592 ? ? 
metalc9  metalc ? ? A ASN 60  OD1 ? ? ? 1_555 E CA  . CA ? ? A ASN 60  A CA  167 1_555 ? ? ? ? ? ? ? 2.431 ? ? 
metalc10 metalc ? ? A THR 62  O   ? ? ? 1_555 E CA  . CA ? ? A THR 62  A CA  167 1_555 ? ? ? ? ? ? ? 2.466 ? ? 
metalc11 metalc ? ? A GLU 67  OE2 ? ? ? 1_555 E CA  . CA ? ? A GLU 67  A CA  167 1_555 ? ? ? ? ? ? ? 2.524 ? ? 
metalc12 metalc ? ? A GLU 67  OE1 ? ? ? 1_555 E CA  . CA ? ? A GLU 67  A CA  167 1_555 ? ? ? ? ? ? ? 2.452 ? ? 
metalc13 metalc ? ? A ASP 93  OD2 ? ? ? 1_555 D CA  . CA ? ? A ASP 93  A CA  166 1_555 ? ? ? ? ? ? ? 2.291 ? ? 
metalc14 metalc ? ? A ASP 95  OD1 ? ? ? 1_555 D CA  . CA ? ? A ASP 95  A CA  166 1_555 ? ? ? ? ? ? ? 2.346 ? ? 
metalc15 metalc ? ? A ASN 97  OD1 ? ? ? 1_555 D CA  . CA ? ? A ASN 97  A CA  166 1_555 ? ? ? ? ? ? ? 2.414 ? ? 
metalc16 metalc ? ? A TYR 99  O   ? ? ? 1_555 D CA  . CA ? ? A TYR 99  A CA  166 1_555 ? ? ? ? ? ? ? 2.214 ? ? 
metalc17 metalc ? ? A GLU 104 OE1 ? ? ? 1_555 D CA  . CA ? ? A GLU 104 A CA  166 1_555 ? ? ? ? ? ? ? 2.534 ? ? 
metalc18 metalc ? ? A GLU 104 OE2 ? ? ? 1_555 D CA  . CA ? ? A GLU 104 A CA  166 1_555 ? ? ? ? ? ? ? 2.455 ? ? 
metalc19 metalc ? ? A ASP 129 OD1 ? ? ? 1_555 C CA  . CA ? ? A ASP 129 A CA  165 1_555 ? ? ? ? ? ? ? 2.351 ? ? 
metalc20 metalc ? ? A ASP 131 OD2 ? ? ? 1_555 C CA  . CA ? ? A ASP 131 A CA  165 1_555 ? ? ? ? ? ? ? 2.288 ? ? 
metalc21 metalc ? ? A ASP 133 OD2 ? ? ? 1_555 C CA  . CA ? ? A ASP 133 A CA  165 1_555 ? ? ? ? ? ? ? 2.366 ? ? 
metalc22 metalc ? ? A GLN 135 O   ? ? ? 1_555 C CA  . CA ? ? A GLN 135 A CA  165 1_555 ? ? ? ? ? ? ? 2.322 ? ? 
metalc23 metalc ? ? A GLU 140 OE1 ? ? ? 1_555 C CA  . CA ? ? A GLU 140 A CA  165 1_555 ? ? ? ? ? ? ? 2.587 ? ? 
metalc24 metalc ? ? A GLU 140 OE2 ? ? ? 1_555 C CA  . CA ? ? A GLU 140 A CA  165 1_555 ? ? ? ? ? ? ? 2.435 ? ? 
metalc25 metalc ? ? C CA  .   CA  ? ? ? 1_555 G HOH . O  ? ? A CA  165 A HOH 185 1_555 ? ? ? ? ? ? ? 2.303 ? ? 
metalc26 metalc ? ? D CA  .   CA  ? ? ? 1_555 G HOH . O  ? ? A CA  166 A HOH 173 1_555 ? ? ? ? ? ? ? 2.375 ? ? 
metalc27 metalc ? ? E CA  .   CA  ? ? ? 1_555 G HOH . O  ? ? A CA  167 A HOH 188 1_555 ? ? ? ? ? ? ? 2.360 ? ? 
metalc28 metalc ? ? E CA  .   CA  ? ? ? 1_555 G HOH . O  ? ? A CA  167 A HOH 190 1_555 ? ? ? ? ? ? ? 2.298 ? ? 
metalc29 metalc ? ? F CA  .   CA  ? ? ? 1_555 G HOH . O  ? ? A CA  168 A HOH 199 1_555 ? ? ? ? ? ? ? 2.442 ? ? 
# 
_struct_conn_type.id          metalc 
_struct_conn_type.criteria    ? 
_struct_conn_type.reference   ? 
# 
loop_
_struct_sheet.id 
_struct_sheet.type 
_struct_sheet.number_strands 
_struct_sheet.details 
A ? 2 ? 
B ? 2 ? 
# 
loop_
_struct_sheet_order.sheet_id 
_struct_sheet_order.range_id_1 
_struct_sheet_order.range_id_2 
_struct_sheet_order.offset 
_struct_sheet_order.sense 
A 1 2 ? anti-parallel 
B 1 2 ? anti-parallel 
# 
loop_
_struct_sheet_range.sheet_id 
_struct_sheet_range.id 
_struct_sheet_range.beg_label_comp_id 
_struct_sheet_range.beg_label_asym_id 
_struct_sheet_range.beg_label_seq_id 
_struct_sheet_range.pdbx_beg_PDB_ins_code 
_struct_sheet_range.end_label_comp_id 
_struct_sheet_range.end_label_asym_id 
_struct_sheet_range.end_label_seq_id 
_struct_sheet_range.pdbx_end_PDB_ins_code 
_struct_sheet_range.beg_auth_comp_id 
_struct_sheet_range.beg_auth_asym_id 
_struct_sheet_range.beg_auth_seq_id 
_struct_sheet_range.end_auth_comp_id 
_struct_sheet_range.end_auth_asym_id 
_struct_sheet_range.end_auth_seq_id 
A 1 THR A 26  ? ILE A 27  ? THR A 26  ILE A 27  
A 2 ILE A 63  ? ASP A 64  ? ILE A 63  ASP A 64  
B 1 TYR A 99  ? ILE A 100 ? TYR A 99  ILE A 100 
B 2 VAL A 136 ? ASN A 137 ? VAL A 136 ASN A 137 
# 
loop_
_pdbx_struct_sheet_hbond.sheet_id 
_pdbx_struct_sheet_hbond.range_id_1 
_pdbx_struct_sheet_hbond.range_id_2 
_pdbx_struct_sheet_hbond.range_1_label_atom_id 
_pdbx_struct_sheet_hbond.range_1_label_comp_id 
_pdbx_struct_sheet_hbond.range_1_label_asym_id 
_pdbx_struct_sheet_hbond.range_1_label_seq_id 
_pdbx_struct_sheet_hbond.range_1_PDB_ins_code 
_pdbx_struct_sheet_hbond.range_1_auth_atom_id 
_pdbx_struct_sheet_hbond.range_1_auth_comp_id 
_pdbx_struct_sheet_hbond.range_1_auth_asym_id 
_pdbx_struct_sheet_hbond.range_1_auth_seq_id 
_pdbx_struct_sheet_hbond.range_2_label_atom_id 
_pdbx_struct_sheet_hbond.range_2_label_comp_id 
_pdbx_struct_sheet_hbond.range_2_label_asym_id 
_pdbx_struct_sheet_hbond.range_2_label_seq_id 
_pdbx_struct_sheet_hbond.range_2_PDB_ins_code 
_pdbx_struct_sheet_hbond.range_2_auth_atom_id 
_pdbx_struct_sheet_hbond.range_2_auth_comp_id 
_pdbx_struct_sheet_hbond.range_2_auth_asym_id 
_pdbx_struct_sheet_hbond.range_2_auth_seq_id 
A 1 2 N ILE A 27  ? N ILE A 27  O ILE A 63  ? O ILE A 63  
B 1 2 N ILE A 100 ? N ILE A 100 O VAL A 136 ? O VAL A 136 
# 
loop_
_struct_site.id 
_struct_site.pdbx_evidence_code 
_struct_site.pdbx_auth_asym_id 
_struct_site.pdbx_auth_comp_id 
_struct_site.pdbx_auth_seq_id 
_struct_site.pdbx_auth_ins_code 
_struct_site.pdbx_num_residues 
_struct_site.details 
AC1 Software A CA 165 ? 6 'BINDING SITE FOR RESIDUE CA A 165' 
AC2 Software A CA 166 ? 6 'BINDING SITE FOR RESIDUE CA A 166' 
AC3 Software A CA 167 ? 7 'BINDING SITE FOR RESIDUE CA A 167' 
AC4 Software A CA 168 ? 6 'BINDING SITE FOR RESIDUE CA A 168' 
# 
loop_
_struct_site_gen.id 
_struct_site_gen.site_id 
_struct_site_gen.pdbx_num_res 
_struct_site_gen.label_comp_id 
_struct_site_gen.label_asym_id 
_struct_site_gen.label_seq_id 
_struct_site_gen.pdbx_auth_ins_code 
_struct_site_gen.auth_comp_id 
_struct_site_gen.auth_asym_id 
_struct_site_gen.auth_seq_id 
_struct_site_gen.label_atom_id 
_struct_site_gen.label_alt_id 
_struct_site_gen.symmetry 
_struct_site_gen.details 
1  AC1 6 ASP A 129 ? ASP A 129 . ? 1_555 ? 
2  AC1 6 ASP A 131 ? ASP A 131 . ? 1_555 ? 
3  AC1 6 ASP A 133 ? ASP A 133 . ? 1_555 ? 
4  AC1 6 GLN A 135 ? GLN A 135 . ? 1_555 ? 
5  AC1 6 GLU A 140 ? GLU A 140 . ? 1_555 ? 
6  AC1 6 HOH G .   ? HOH A 185 . ? 1_555 ? 
7  AC2 6 ASP A 93  ? ASP A 93  . ? 1_555 ? 
8  AC2 6 ASP A 95  ? ASP A 95  . ? 1_555 ? 
9  AC2 6 ASN A 97  ? ASN A 97  . ? 1_555 ? 
10 AC2 6 TYR A 99  ? TYR A 99  . ? 1_555 ? 
11 AC2 6 GLU A 104 ? GLU A 104 . ? 1_555 ? 
12 AC2 6 HOH G .   ? HOH A 173 . ? 1_555 ? 
13 AC3 7 ASP A 56  ? ASP A 56  . ? 1_555 ? 
14 AC3 7 ASP A 58  ? ASP A 58  . ? 1_555 ? 
15 AC3 7 ASN A 60  ? ASN A 60  . ? 1_555 ? 
16 AC3 7 THR A 62  ? THR A 62  . ? 1_555 ? 
17 AC3 7 GLU A 67  ? GLU A 67  . ? 1_555 ? 
18 AC3 7 HOH G .   ? HOH A 188 . ? 1_555 ? 
19 AC3 7 HOH G .   ? HOH A 190 . ? 1_555 ? 
20 AC4 6 ASP A 20  ? ASP A 20  . ? 1_555 ? 
21 AC4 6 ASP A 22  ? ASP A 22  . ? 1_555 ? 
22 AC4 6 ASP A 24  ? ASP A 24  . ? 1_555 ? 
23 AC4 6 THR A 26  ? THR A 26  . ? 1_555 ? 
24 AC4 6 GLU A 31  ? GLU A 31  . ? 1_555 ? 
25 AC4 6 HOH G .   ? HOH A 199 . ? 1_555 ? 
# 
_atom_sites.entry_id                    2F3Z 
_atom_sites.fract_transf_matrix[1][1]   -0.00746009 
_atom_sites.fract_transf_matrix[1][2]   -0.01030601 
_atom_sites.fract_transf_matrix[1][3]   -0.00204791 
_atom_sites.fract_transf_matrix[2][1]   0.02415401 
_atom_sites.fract_transf_matrix[2][2]   -0.01911536 
_atom_sites.fract_transf_matrix[2][3]   0.00820936 
_atom_sites.fract_transf_matrix[3][1]   -0.00908165 
_atom_sites.fract_transf_matrix[3][2]   -0.00560762 
_atom_sites.fract_transf_matrix[3][3]   0.01366325 
_atom_sites.fract_transf_vector[1]      0.222032 
_atom_sites.fract_transf_vector[2]      0.225603 
_atom_sites.fract_transf_vector[3]      0.263106 
# 
loop_
_atom_type.symbol 
C  
CA 
N  
O  
S  
# 
loop_
_atom_site.group_PDB 
_atom_site.id 
_atom_site.type_symbol 
_atom_site.label_atom_id 
_atom_site.label_alt_id 
_atom_site.label_comp_id 
_atom_site.label_asym_id 
_atom_site.label_entity_id 
_atom_site.label_seq_id 
_atom_site.pdbx_PDB_ins_code 
_atom_site.Cartn_x 
_atom_site.Cartn_y 
_atom_site.Cartn_z 
_atom_site.occupancy 
_atom_site.B_iso_or_equiv 
_atom_site.pdbx_formal_charge 
_atom_site.auth_seq_id 
_atom_site.auth_comp_id 
_atom_site.auth_asym_id 
_atom_site.auth_atom_id 
_atom_site.pdbx_PDB_model_num 
ATOM   1    N  N   . GLN A 1 3   ? 11.212  6.028   -16.917 1.00 51.86 ? 3    GLN A N   1 
ATOM   2    C  CA  . GLN A 1 3   ? 11.665  7.043   -15.925 1.00 51.83 ? 3    GLN A CA  1 
ATOM   3    C  C   . GLN A 1 3   ? 10.466  7.737   -15.285 1.00 51.33 ? 3    GLN A C   1 
ATOM   4    O  O   . GLN A 1 3   ? 9.386   7.798   -15.873 1.00 51.37 ? 3    GLN A O   1 
ATOM   5    C  CB  . GLN A 1 3   ? 12.563  8.080   -16.607 1.00 52.51 ? 3    GLN A CB  1 
ATOM   6    C  CG  . GLN A 1 3   ? 13.736  7.471   -17.368 1.00 53.10 ? 3    GLN A CG  1 
ATOM   7    C  CD  . GLN A 1 3   ? 14.727  6.752   -16.467 1.00 53.10 ? 3    GLN A CD  1 
ATOM   8    O  OE1 . GLN A 1 3   ? 15.595  6.022   -16.944 1.00 53.14 ? 3    GLN A OE1 1 
ATOM   9    N  NE2 . GLN A 1 3   ? 14.608  6.965   -15.161 1.00 52.46 ? 3    GLN A NE2 1 
ATOM   10   N  N   . LEU A 1 4   ? 10.664  8.259   -14.078 1.00 50.45 ? 4    LEU A N   1 
ATOM   11   C  CA  . LEU A 1 4   ? 9.604   8.943   -13.342 1.00 49.58 ? 4    LEU A CA  1 
ATOM   12   C  C   . LEU A 1 4   ? 9.023   10.144  -14.078 1.00 49.24 ? 4    LEU A C   1 
ATOM   13   O  O   . LEU A 1 4   ? 9.755   10.958  -14.642 1.00 48.22 ? 4    LEU A O   1 
ATOM   14   C  CB  . LEU A 1 4   ? 10.127  9.403   -11.979 1.00 49.59 ? 4    LEU A CB  1 
ATOM   15   C  CG  . LEU A 1 4   ? 10.520  8.321   -10.971 1.00 49.52 ? 4    LEU A CG  1 
ATOM   16   C  CD1 . LEU A 1 4   ? 11.132  8.974   -9.743  1.00 49.44 ? 4    LEU A CD1 1 
ATOM   17   C  CD2 . LEU A 1 4   ? 9.295   7.500   -10.589 1.00 48.83 ? 4    LEU A CD2 1 
ATOM   18   N  N   . THR A 1 5   ? 7.698   10.251  -14.058 1.00 48.56 ? 5    THR A N   1 
ATOM   19   C  CA  . THR A 1 5   ? 7.006   11.360  -14.701 1.00 48.32 ? 5    THR A CA  1 
ATOM   20   C  C   . THR A 1 5   ? 6.473   12.300  -13.624 1.00 48.72 ? 5    THR A C   1 
ATOM   21   O  O   . THR A 1 5   ? 6.479   11.964  -12.439 1.00 47.94 ? 5    THR A O   1 
ATOM   22   C  CB  . THR A 1 5   ? 5.819   10.866  -15.551 1.00 48.80 ? 5    THR A CB  1 
ATOM   23   O  OG1 . THR A 1 5   ? 4.809   10.322  -14.692 1.00 48.22 ? 5    THR A OG1 1 
ATOM   24   C  CG2 . THR A 1 5   ? 6.273   9.793   -16.530 1.00 47.71 ? 5    THR A CG2 1 
ATOM   25   N  N   . GLU A 1 6   ? 6.014   13.476  -14.037 1.00 49.99 ? 6    GLU A N   1 
ATOM   26   C  CA  . GLU A 1 6   ? 5.472   14.458  -13.104 1.00 51.96 ? 6    GLU A CA  1 
ATOM   27   C  C   . GLU A 1 6   ? 4.369   13.850  -12.246 1.00 52.48 ? 6    GLU A C   1 
ATOM   28   O  O   . GLU A 1 6   ? 4.335   14.040  -11.029 1.00 52.64 ? 6    GLU A O   1 
ATOM   29   C  CB  . GLU A 1 6   ? 4.914   15.659  -13.874 1.00 53.83 ? 6    GLU A CB  1 
ATOM   30   C  CG  . GLU A 1 6   ? 4.155   16.662  -13.013 1.00 56.01 ? 6    GLU A CG  1 
ATOM   31   C  CD  . GLU A 1 6   ? 5.052   17.410  -12.045 1.00 56.61 ? 6    GLU A CD  1 
ATOM   32   O  OE1 . GLU A 1 6   ? 5.934   18.163  -12.512 1.00 57.38 ? 6    GLU A OE1 1 
ATOM   33   O  OE2 . GLU A 1 6   ? 4.873   17.248  -10.819 1.00 57.10 ? 6    GLU A OE2 1 
ATOM   34   N  N   . GLU A 1 7   ? 3.468   13.117  -12.890 1.00 52.70 ? 7    GLU A N   1 
ATOM   35   C  CA  . GLU A 1 7   ? 2.352   12.482  -12.203 1.00 52.78 ? 7    GLU A CA  1 
ATOM   36   C  C   . GLU A 1 7   ? 2.814   11.390  -11.242 1.00 51.84 ? 7    GLU A C   1 
ATOM   37   O  O   . GLU A 1 7   ? 2.295   11.274  -10.131 1.00 51.38 ? 7    GLU A O   1 
ATOM   38   C  CB  . GLU A 1 7   ? 1.381   11.893  -13.229 1.00 54.46 ? 7    GLU A CB  1 
ATOM   39   C  CG  . GLU A 1 7   ? 0.161   11.218  -12.628 1.00 56.55 ? 7    GLU A CG  1 
ATOM   40   C  CD  . GLU A 1 7   ? -0.780  10.685  -13.689 1.00 57.73 ? 7    GLU A CD  1 
ATOM   41   O  OE1 . GLU A 1 7   ? -1.799  10.059  -13.326 1.00 58.73 ? 7    GLU A OE1 1 
ATOM   42   O  OE2 . GLU A 1 7   ? -0.498  10.894  -14.890 1.00 58.98 ? 7    GLU A OE2 1 
ATOM   43   N  N   . GLN A 1 8   ? 3.785   10.590  -11.675 1.00 50.59 ? 8    GLN A N   1 
ATOM   44   C  CA  . GLN A 1 8   ? 4.314   9.511   -10.846 1.00 49.95 ? 8    GLN A CA  1 
ATOM   45   C  C   . GLN A 1 8   ? 4.771   10.061  -9.503  1.00 49.21 ? 8    GLN A C   1 
ATOM   46   O  O   . GLN A 1 8   ? 4.457   9.506   -8.449  1.00 47.57 ? 8    GLN A O   1 
ATOM   47   C  CB  . GLN A 1 8   ? 5.499   8.836   -11.541 1.00 51.25 ? 8    GLN A CB  1 
ATOM   48   C  CG  . GLN A 1 8   ? 5.171   8.180   -12.872 1.00 53.19 ? 8    GLN A CG  1 
ATOM   49   C  CD  . GLN A 1 8   ? 4.281   6.961   -12.732 1.00 54.10 ? 8    GLN A CD  1 
ATOM   50   O  OE1 . GLN A 1 8   ? 3.971   6.293   -13.718 1.00 55.48 ? 8    GLN A OE1 1 
ATOM   51   N  NE2 . GLN A 1 8   ? 3.867   6.663   -11.504 1.00 53.91 ? 8    GLN A NE2 1 
ATOM   52   N  N   . ILE A 1 9   ? 5.519   11.160  -9.553  1.00 48.48 ? 9    ILE A N   1 
ATOM   53   C  CA  . ILE A 1 9   ? 6.032   11.803  -8.351  1.00 47.83 ? 9    ILE A CA  1 
ATOM   54   C  C   . ILE A 1 9   ? 4.882   12.310  -7.485  1.00 47.49 ? 9    ILE A C   1 
ATOM   55   O  O   . ILE A 1 9   ? 5.001   12.387  -6.262  1.00 47.37 ? 9    ILE A O   1 
ATOM   56   C  CB  . ILE A 1 9   ? 6.958   12.987  -8.713  1.00 47.79 ? 9    ILE A CB  1 
ATOM   57   C  CG1 . ILE A 1 9   ? 8.089   12.496  -9.622  1.00 47.34 ? 9    ILE A CG1 1 
ATOM   58   C  CG2 . ILE A 1 9   ? 7.535   13.607  -7.448  1.00 47.86 ? 9    ILE A CG2 1 
ATOM   59   C  CD1 . ILE A 1 9   ? 9.050   13.583  -10.058 1.00 48.00 ? 9    ILE A CD1 1 
ATOM   60   N  N   . ALA A 1 10  ? 3.770   12.654  -8.127  1.00 46.34 ? 10   ALA A N   1 
ATOM   61   C  CA  . ALA A 1 10  ? 2.596   13.146  -7.416  1.00 45.36 ? 10   ALA A CA  1 
ATOM   62   C  C   . ALA A 1 10  ? 1.971   12.021  -6.599  1.00 44.12 ? 10   ALA A C   1 
ATOM   63   O  O   . ALA A 1 10  ? 1.600   12.214  -5.442  1.00 44.39 ? 10   ALA A O   1 
ATOM   64   C  CB  . ALA A 1 10  ? 1.580   13.700  -8.407  1.00 45.33 ? 10   ALA A CB  1 
ATOM   65   N  N   . GLU A 1 11  ? 1.852   10.846  -7.209  1.00 42.45 ? 11   GLU A N   1 
ATOM   66   C  CA  . GLU A 1 11  ? 1.277   9.690   -6.533  1.00 41.62 ? 11   GLU A CA  1 
ATOM   67   C  C   . GLU A 1 11  ? 2.175   9.269   -5.375  1.00 40.65 ? 11   GLU A C   1 
ATOM   68   O  O   . GLU A 1 11  ? 1.693   8.898   -4.304  1.00 39.46 ? 11   GLU A O   1 
ATOM   69   C  CB  . GLU A 1 11  ? 1.123   8.522   -7.510  1.00 42.81 ? 11   GLU A CB  1 
ATOM   70   C  CG  . GLU A 1 11  ? 0.092   8.743   -8.607  1.00 45.06 ? 11   GLU A CG  1 
ATOM   71   C  CD  . GLU A 1 11  ? 0.023   7.581   -9.586  1.00 45.57 ? 11   GLU A CD  1 
ATOM   72   O  OE1 . GLU A 1 11  ? -0.867  7.589   -10.462 1.00 46.87 ? 11   GLU A OE1 1 
ATOM   73   O  OE2 . GLU A 1 11  ? 0.863   6.661   -9.484  1.00 46.33 ? 11   GLU A OE2 1 
ATOM   74   N  N   . PHE A 1 12  ? 3.484   9.331   -5.602  1.00 38.19 ? 12   PHE A N   1 
ATOM   75   C  CA  . PHE A 1 12  ? 4.461   8.958   -4.585  1.00 37.03 ? 12   PHE A CA  1 
ATOM   76   C  C   . PHE A 1 12  ? 4.490   9.953   -3.433  1.00 37.21 ? 12   PHE A C   1 
ATOM   77   O  O   . PHE A 1 12  ? 4.853   9.599   -2.311  1.00 38.12 ? 12   PHE A O   1 
ATOM   78   C  CB  . PHE A 1 12  ? 5.851   8.837   -5.214  1.00 33.91 ? 12   PHE A CB  1 
ATOM   79   C  CG  . PHE A 1 12  ? 6.028   7.603   -6.055  1.00 32.94 ? 12   PHE A CG  1 
ATOM   80   C  CD1 . PHE A 1 12  ? 7.000   7.555   -7.054  1.00 31.15 ? 12   PHE A CD1 1 
ATOM   81   C  CD2 . PHE A 1 12  ? 5.233   6.479   -5.841  1.00 31.89 ? 12   PHE A CD2 1 
ATOM   82   C  CE1 . PHE A 1 12  ? 7.175   6.407   -7.824  1.00 31.34 ? 12   PHE A CE1 1 
ATOM   83   C  CE2 . PHE A 1 12  ? 5.401   5.326   -6.605  1.00 32.59 ? 12   PHE A CE2 1 
ATOM   84   C  CZ  . PHE A 1 12  ? 6.376   5.292   -7.601  1.00 32.81 ? 12   PHE A CZ  1 
ATOM   85   N  N   . LYS A 1 13  ? 4.115   11.197  -3.708  1.00 37.49 ? 13   LYS A N   1 
ATOM   86   C  CA  . LYS A 1 13  ? 4.085   12.208  -2.660  1.00 38.10 ? 13   LYS A CA  1 
ATOM   87   C  C   . LYS A 1 13  ? 2.853   11.929  -1.806  1.00 37.33 ? 13   LYS A C   1 
ATOM   88   O  O   . LYS A 1 13  ? 2.865   12.132  -0.592  1.00 35.85 ? 13   LYS A O   1 
ATOM   89   C  CB  . LYS A 1 13  ? 4.005   13.614  -3.259  1.00 40.35 ? 13   LYS A CB  1 
ATOM   90   C  CG  . LYS A 1 13  ? 4.037   14.725  -2.219  1.00 43.34 ? 13   LYS A CG  1 
ATOM   91   C  CD  . LYS A 1 13  ? 5.337   14.708  -1.423  1.00 46.60 ? 13   LYS A CD  1 
ATOM   92   C  CE  . LYS A 1 13  ? 5.303   15.705  -0.274  1.00 49.25 ? 13   LYS A CE  1 
ATOM   93   N  NZ  . LYS A 1 13  ? 5.063   17.102  -0.737  1.00 51.15 ? 13   LYS A NZ  1 
ATOM   94   N  N   . GLU A 1 14  ? 1.789   11.461  -2.454  1.00 37.03 ? 14   GLU A N   1 
ATOM   95   C  CA  . GLU A 1 14  ? 0.560   11.127  -1.742  1.00 36.64 ? 14   GLU A CA  1 
ATOM   96   C  C   . GLU A 1 14  ? 0.896   10.044  -0.731  1.00 34.03 ? 14   GLU A C   1 
ATOM   97   O  O   . GLU A 1 14  ? 0.553   10.148  0.446   1.00 34.54 ? 14   GLU A O   1 
ATOM   98   C  CB  . GLU A 1 14  ? -0.505  10.586  -2.702  1.00 39.35 ? 14   GLU A CB  1 
ATOM   99   C  CG  . GLU A 1 14  ? -1.195  11.627  -3.568  1.00 44.00 ? 14   GLU A CG  1 
ATOM   100  C  CD  . GLU A 1 14  ? -2.425  11.062  -4.267  1.00 46.11 ? 14   GLU A CD  1 
ATOM   101  O  OE1 . GLU A 1 14  ? -3.327  10.562  -3.560  1.00 47.19 ? 14   GLU A OE1 1 
ATOM   102  O  OE2 . GLU A 1 14  ? -2.491  11.114  -5.515  1.00 47.18 ? 14   GLU A OE2 1 
ATOM   103  N  N   . ALA A 1 15  ? 1.572   9.005   -1.211  1.00 29.72 ? 15   ALA A N   1 
ATOM   104  C  CA  . ALA A 1 15  ? 1.970   7.883   -0.375  1.00 26.93 ? 15   ALA A CA  1 
ATOM   105  C  C   . ALA A 1 15  ? 2.860   8.345   0.768   1.00 24.99 ? 15   ALA A C   1 
ATOM   106  O  O   . ALA A 1 15  ? 2.662   7.949   1.913   1.00 24.04 ? 15   ALA A O   1 
ATOM   107  C  CB  . ALA A 1 15  ? 2.701   6.841   -1.214  1.00 27.72 ? 15   ALA A CB  1 
ATOM   108  N  N   . PHE A 1 16  ? 3.844   9.179   0.451   1.00 23.04 ? 16   PHE A N   1 
ATOM   109  C  CA  . PHE A 1 16  ? 4.764   9.690   1.462   1.00 22.24 ? 16   PHE A CA  1 
ATOM   110  C  C   . PHE A 1 16  ? 4.009   10.436  2.561   1.00 22.77 ? 16   PHE A C   1 
ATOM   111  O  O   . PHE A 1 16  ? 4.288   10.261  3.748   1.00 22.10 ? 16   PHE A O   1 
ATOM   112  C  CB  . PHE A 1 16  ? 5.795   10.613  0.803   1.00 20.63 ? 16   PHE A CB  1 
ATOM   113  C  CG  . PHE A 1 16  ? 6.841   11.145  1.750   1.00 20.25 ? 16   PHE A CG  1 
ATOM   114  C  CD1 . PHE A 1 16  ? 6.715   12.410  2.313   1.00 19.50 ? 16   PHE A CD1 1 
ATOM   115  C  CD2 . PHE A 1 16  ? 7.965   10.385  2.060   1.00 18.98 ? 16   PHE A CD2 1 
ATOM   116  C  CE1 . PHE A 1 16  ? 7.695   12.915  3.170   1.00 19.89 ? 16   PHE A CE1 1 
ATOM   117  C  CE2 . PHE A 1 16  ? 8.947   10.876  2.913   1.00 19.94 ? 16   PHE A CE2 1 
ATOM   118  C  CZ  . PHE A 1 16  ? 8.813   12.148  3.471   1.00 18.83 ? 16   PHE A CZ  1 
ATOM   119  N  N   . SER A 1 17  ? 3.049   11.264  2.163   1.00 23.11 ? 17   SER A N   1 
ATOM   120  C  CA  . SER A 1 17  ? 2.264   12.036  3.119   1.00 26.32 ? 17   SER A CA  1 
ATOM   121  C  C   . SER A 1 17  ? 1.454   11.159  4.065   1.00 25.18 ? 17   SER A C   1 
ATOM   122  O  O   . SER A 1 17  ? 1.177   11.556  5.193   1.00 24.97 ? 17   SER A O   1 
ATOM   123  C  CB  . SER A 1 17  ? 1.318   12.991  2.381   1.00 28.41 ? 17   SER A CB  1 
ATOM   124  O  OG  . SER A 1 17  ? 2.041   13.972  1.662   1.00 33.42 ? 17   SER A OG  1 
ATOM   125  N  N   . LEU A 1 18  ? 1.064   9.973   3.608   1.00 24.87 ? 18   LEU A N   1 
ATOM   126  C  CA  . LEU A 1 18  ? 0.284   9.068   4.448   1.00 22.95 ? 18   LEU A CA  1 
ATOM   127  C  C   . LEU A 1 18  ? 1.087   8.678   5.680   1.00 23.58 ? 18   LEU A C   1 
ATOM   128  O  O   . LEU A 1 18  ? 0.532   8.458   6.759   1.00 25.82 ? 18   LEU A O   1 
ATOM   129  C  CB  . LEU A 1 18  ? -0.090  7.805   3.674   1.00 25.36 ? 18   LEU A CB  1 
ATOM   130  C  CG  . LEU A 1 18  ? -0.942  6.790   4.437   1.00 29.05 ? 18   LEU A CG  1 
ATOM   131  C  CD1 . LEU A 1 18  ? -2.304  7.393   4.746   1.00 32.07 ? 18   LEU A CD1 1 
ATOM   132  C  CD2 . LEU A 1 18  ? -1.096  5.533   3.609   1.00 28.84 ? 18   LEU A CD2 1 
ATOM   133  N  N   . PHE A 1 19  ? 2.399   8.575   5.505   1.00 19.51 ? 19   PHE A N   1 
ATOM   134  C  CA  . PHE A 1 19  ? 3.298   8.214   6.592   1.00 20.14 ? 19   PHE A CA  1 
ATOM   135  C  C   . PHE A 1 19  ? 3.780   9.460   7.345   1.00 20.22 ? 19   PHE A C   1 
ATOM   136  O  O   . PHE A 1 19  ? 3.838   9.468   8.573   1.00 22.05 ? 19   PHE A O   1 
ATOM   137  C  CB  . PHE A 1 19  ? 4.491   7.433   6.029   1.00 17.56 ? 19   PHE A CB  1 
ATOM   138  C  CG  . PHE A 1 19  ? 4.124   6.075   5.482   1.00 19.24 ? 19   PHE A CG  1 
ATOM   139  C  CD1 . PHE A 1 19  ? 4.139   4.953   6.306   1.00 17.75 ? 19   PHE A CD1 1 
ATOM   140  C  CD2 . PHE A 1 19  ? 3.748   5.920   4.149   1.00 18.80 ? 19   PHE A CD2 1 
ATOM   141  C  CE1 . PHE A 1 19  ? 3.783   3.697   5.810   1.00 20.98 ? 19   PHE A CE1 1 
ATOM   142  C  CE2 . PHE A 1 19  ? 3.391   4.669   3.645   1.00 18.88 ? 19   PHE A CE2 1 
ATOM   143  C  CZ  . PHE A 1 19  ? 3.408   3.556   4.477   1.00 21.07 ? 19   PHE A CZ  1 
ATOM   144  N  N   . ASP A 1 20  ? 4.119   10.514  6.610   1.00 21.48 ? 20   ASP A N   1 
ATOM   145  C  CA  . ASP A 1 20  ? 4.585   11.746  7.239   1.00 22.09 ? 20   ASP A CA  1 
ATOM   146  C  C   . ASP A 1 20  ? 3.384   12.557  7.730   1.00 25.00 ? 20   ASP A C   1 
ATOM   147  O  O   . ASP A 1 20  ? 3.059   13.609  7.174   1.00 24.29 ? 20   ASP A O   1 
ATOM   148  C  CB  . ASP A 1 20  ? 5.403   12.574  6.240   1.00 22.07 ? 20   ASP A CB  1 
ATOM   149  C  CG  . ASP A 1 20  ? 6.037   13.793  6.881   1.00 22.65 ? 20   ASP A CG  1 
ATOM   150  O  OD1 . ASP A 1 20  ? 6.455   14.702  6.133   1.00 24.08 ? 20   ASP A OD1 1 
ATOM   151  O  OD2 . ASP A 1 20  ? 6.127   13.837  8.131   1.00 22.38 ? 20   ASP A OD2 1 
ATOM   152  N  N   . LYS A 1 21  ? 2.733   12.059  8.778   1.00 26.15 ? 21   LYS A N   1 
ATOM   153  C  CA  . LYS A 1 21  ? 1.550   12.706  9.341   1.00 29.78 ? 21   LYS A CA  1 
ATOM   154  C  C   . LYS A 1 21  ? 1.747   14.168  9.731   1.00 29.84 ? 21   LYS A C   1 
ATOM   155  O  O   . LYS A 1 21  ? 0.875   14.996  9.471   1.00 31.52 ? 21   LYS A O   1 
ATOM   156  C  CB  . LYS A 1 21  ? 1.055   11.942  10.575  1.00 31.91 ? 21   LYS A CB  1 
ATOM   157  C  CG  . LYS A 1 21  ? 0.753   10.469  10.352  1.00 35.77 ? 21   LYS A CG  1 
ATOM   158  C  CD  . LYS A 1 21  ? -0.437  10.242  9.437   1.00 35.66 ? 21   LYS A CD  1 
ATOM   159  C  CE  . LYS A 1 21  ? -0.797  8.760   9.388   1.00 35.77 ? 21   LYS A CE  1 
ATOM   160  N  NZ  . LYS A 1 21  ? -1.813  8.458   8.348   1.00 33.16 ? 21   LYS A NZ  1 
ATOM   161  N  N   . ASP A 1 22  ? 2.877   14.485  10.360  1.00 29.81 ? 22   ASP A N   1 
ATOM   162  C  CA  . ASP A 1 22  ? 3.132   15.857  10.790  1.00 29.86 ? 22   ASP A CA  1 
ATOM   163  C  C   . ASP A 1 22  ? 3.757   16.725  9.700   1.00 31.54 ? 22   ASP A C   1 
ATOM   164  O  O   . ASP A 1 22  ? 4.136   17.868  9.948   1.00 31.72 ? 22   ASP A O   1 
ATOM   165  C  CB  . ASP A 1 22  ? 4.001   15.874  12.061  1.00 28.45 ? 22   ASP A CB  1 
ATOM   166  C  CG  . ASP A 1 22  ? 5.391   15.292  11.849  1.00 28.70 ? 22   ASP A CG  1 
ATOM   167  O  OD1 . ASP A 1 22  ? 6.129   15.165  12.851  1.00 27.49 ? 22   ASP A OD1 1 
ATOM   168  O  OD2 . ASP A 1 22  ? 5.752   14.969  10.699  1.00 24.49 ? 22   ASP A OD2 1 
ATOM   169  N  N   . GLY A 1 23  ? 3.844   16.169  8.494   1.00 30.21 ? 23   GLY A N   1 
ATOM   170  C  CA  . GLY A 1 23  ? 4.399   16.883  7.357   1.00 30.11 ? 23   GLY A CA  1 
ATOM   171  C  C   . GLY A 1 23  ? 5.714   17.605  7.578   1.00 29.61 ? 23   GLY A C   1 
ATOM   172  O  O   . GLY A 1 23  ? 5.925   18.685  7.019   1.00 30.60 ? 23   GLY A O   1 
ATOM   173  N  N   . ASP A 1 24  ? 6.604   17.019  8.372   1.00 27.66 ? 24   ASP A N   1 
ATOM   174  C  CA  . ASP A 1 24  ? 7.894   17.643  8.648   1.00 26.77 ? 24   ASP A CA  1 
ATOM   175  C  C   . ASP A 1 24  ? 8.960   17.217  7.638   1.00 26.70 ? 24   ASP A C   1 
ATOM   176  O  O   . ASP A 1 24  ? 10.134  17.561  7.780   1.00 25.81 ? 24   ASP A O   1 
ATOM   177  C  CB  . ASP A 1 24  ? 8.345   17.318  10.077  1.00 27.20 ? 24   ASP A CB  1 
ATOM   178  C  CG  . ASP A 1 24  ? 9.052   15.983  10.186  1.00 28.76 ? 24   ASP A CG  1 
ATOM   179  O  OD1 . ASP A 1 24  ? 8.613   15.015  9.537   1.00 24.21 ? 24   ASP A OD1 1 
ATOM   180  O  OD2 . ASP A 1 24  ? 10.046  15.903  10.938  1.00 28.73 ? 24   ASP A OD2 1 
ATOM   181  N  N   . GLY A 1 25  ? 8.545   16.468  6.619   1.00 23.40 ? 25   GLY A N   1 
ATOM   182  C  CA  . GLY A 1 25  ? 9.476   16.042  5.586   1.00 22.44 ? 25   GLY A CA  1 
ATOM   183  C  C   . GLY A 1 25  ? 10.231  14.751  5.840   1.00 22.52 ? 25   GLY A C   1 
ATOM   184  O  O   . GLY A 1 25  ? 11.083  14.355  5.044   1.00 22.05 ? 25   GLY A O   1 
ATOM   185  N  N   . THR A 1 26  ? 9.935   14.087  6.948   1.00 22.16 ? 26   THR A N   1 
ATOM   186  C  CA  . THR A 1 26  ? 10.619  12.840  7.251   1.00 20.98 ? 26   THR A CA  1 
ATOM   187  C  C   . THR A 1 26  ? 9.685   11.841  7.896   1.00 19.98 ? 26   THR A C   1 
ATOM   188  O  O   . THR A 1 26  ? 8.782   12.212  8.640   1.00 21.17 ? 26   THR A O   1 
ATOM   189  C  CB  . THR A 1 26  ? 11.802  13.052  8.212   1.00 24.66 ? 26   THR A CB  1 
ATOM   190  O  OG1 . THR A 1 26  ? 11.312  13.471  9.491   1.00 27.12 ? 26   THR A OG1 1 
ATOM   191  C  CG2 . THR A 1 26  ? 12.747  14.111  7.672   1.00 26.97 ? 26   THR A CG2 1 
ATOM   192  N  N   . ILE A 1 27  ? 9.914   10.570  7.604   1.00 15.72 ? 27   ILE A N   1 
ATOM   193  C  CA  . ILE A 1 27  ? 9.110   9.503   8.192   1.00 15.10 ? 27   ILE A CA  1 
ATOM   194  C  C   . ILE A 1 27  ? 9.949   8.873   9.303   1.00 15.31 ? 27   ILE A C   1 
ATOM   195  O  O   . ILE A 1 27  ? 11.077  8.437   9.072   1.00 16.20 ? 27   ILE A O   1 
ATOM   196  C  CB  . ILE A 1 27  ? 8.753   8.439   7.142   1.00 14.01 ? 27   ILE A CB  1 
ATOM   197  C  CG1 . ILE A 1 27  ? 7.898   9.070   6.040   1.00 16.25 ? 27   ILE A CG1 1 
ATOM   198  C  CG2 . ILE A 1 27  ? 8.005   7.263   7.810   1.00 15.29 ? 27   ILE A CG2 1 
ATOM   199  C  CD1 . ILE A 1 27  ? 7.657   8.165   4.838   1.00 19.28 ? 27   ILE A CD1 1 
ATOM   200  N  N   . THR A 1 28  ? 9.390   8.828   10.508  1.00 17.05 ? 28   THR A N   1 
ATOM   201  C  CA  . THR A 1 28  ? 10.079  8.261   11.660  1.00 16.77 ? 28   THR A CA  1 
ATOM   202  C  C   . THR A 1 28  ? 9.555   6.849   11.929  1.00 18.23 ? 28   THR A C   1 
ATOM   203  O  O   . THR A 1 28  ? 8.536   6.442   11.370  1.00 16.56 ? 28   THR A O   1 
ATOM   204  C  CB  . THR A 1 28  ? 9.825   9.106   12.916  1.00 19.04 ? 28   THR A CB  1 
ATOM   205  O  OG1 . THR A 1 28  ? 8.426   9.083   13.222  1.00 19.18 ? 28   THR A OG1 1 
ATOM   206  C  CG2 . THR A 1 28  ? 10.249  10.550  12.697  1.00 16.66 ? 28   THR A CG2 1 
ATOM   207  N  N   . THR A 1 29  ? 10.246  6.098   12.782  1.00 19.39 ? 29   THR A N   1 
ATOM   208  C  CA  . THR A 1 29  ? 9.778   4.753   13.098  1.00 20.06 ? 29   THR A CA  1 
ATOM   209  C  C   . THR A 1 29  ? 8.432   4.863   13.812  1.00 19.50 ? 29   THR A C   1 
ATOM   210  O  O   . THR A 1 29  ? 7.589   3.976   13.696  1.00 19.09 ? 29   THR A O   1 
ATOM   211  C  CB  . THR A 1 29  ? 10.780  3.975   13.986  1.00 22.47 ? 29   THR A CB  1 
ATOM   212  O  OG1 . THR A 1 29  ? 11.066  4.726   15.171  1.00 23.54 ? 29   THR A OG1 1 
ATOM   213  C  CG2 . THR A 1 29  ? 12.069  3.710   13.228  1.00 25.19 ? 29   THR A CG2 1 
ATOM   214  N  N   . LYS A 1 30  ? 8.229   5.969   14.526  1.00 17.97 ? 30   LYS A N   1 
ATOM   215  C  CA  . LYS A 1 30  ? 6.977   6.212   15.246  1.00 20.58 ? 30   LYS A CA  1 
ATOM   216  C  C   . LYS A 1 30  ? 5.823   6.355   14.251  1.00 19.20 ? 30   LYS A C   1 
ATOM   217  O  O   . LYS A 1 30  ? 4.748   5.765   14.424  1.00 18.98 ? 30   LYS A O   1 
ATOM   218  C  CB  . LYS A 1 30  ? 7.088   7.487   16.087  1.00 21.41 ? 30   LYS A CB  1 
ATOM   219  C  CG  . LYS A 1 30  ? 5.845   7.798   16.911  1.00 27.28 ? 30   LYS A CG  1 
ATOM   220  C  CD  . LYS A 1 30  ? 6.073   8.989   17.828  1.00 31.00 ? 30   LYS A CD  1 
ATOM   221  C  CE  . LYS A 1 30  ? 4.891   9.198   18.760  1.00 32.83 ? 30   LYS A CE  1 
ATOM   222  N  NZ  . LYS A 1 30  ? 5.132   10.306  19.724  1.00 38.39 ? 30   LYS A NZ  1 
ATOM   223  N  N   . GLU A 1 31  ? 6.047   7.143   13.207  1.00 19.42 ? 31   GLU A N   1 
ATOM   224  C  CA  . GLU A 1 31  ? 5.028   7.362   12.188  1.00 17.76 ? 31   GLU A CA  1 
ATOM   225  C  C   . GLU A 1 31  ? 4.760   6.100   11.382  1.00 19.10 ? 31   GLU A C   1 
ATOM   226  O  O   . GLU A 1 31  ? 3.619   5.828   11.010  1.00 18.97 ? 31   GLU A O   1 
ATOM   227  C  CB  . GLU A 1 31  ? 5.445   8.504   11.256  1.00 18.06 ? 31   GLU A CB  1 
ATOM   228  C  CG  . GLU A 1 31  ? 5.468   9.854   11.943  1.00 18.36 ? 31   GLU A CG  1 
ATOM   229  C  CD  . GLU A 1 31  ? 5.878   10.975  11.011  1.00 20.83 ? 31   GLU A CD  1 
ATOM   230  O  OE1 . GLU A 1 31  ? 6.919   10.831  10.349  1.00 17.99 ? 31   GLU A OE1 1 
ATOM   231  O  OE2 . GLU A 1 31  ? 5.162   11.996  10.948  1.00 19.92 ? 31   GLU A OE2 1 
ATOM   232  N  N   . LEU A 1 32  ? 5.809   5.329   11.114  1.00 17.63 ? 32   LEU A N   1 
ATOM   233  C  CA  . LEU A 1 32  ? 5.653   4.089   10.358  1.00 15.97 ? 32   LEU A CA  1 
ATOM   234  C  C   . LEU A 1 32  ? 4.844   3.110   11.191  1.00 16.16 ? 32   LEU A C   1 
ATOM   235  O  O   . LEU A 1 32  ? 3.990   2.404   10.666  1.00 17.56 ? 32   LEU A O   1 
ATOM   236  C  CB  . LEU A 1 32  ? 7.026   3.483   10.024  1.00 18.22 ? 32   LEU A CB  1 
ATOM   237  C  CG  . LEU A 1 32  ? 7.046   2.113   9.324   1.00 17.94 ? 32   LEU A CG  1 
ATOM   238  C  CD1 . LEU A 1 32  ? 6.178   2.130   8.078   1.00 18.40 ? 32   LEU A CD1 1 
ATOM   239  C  CD2 . LEU A 1 32  ? 8.478   1.744   8.969   1.00 20.86 ? 32   LEU A CD2 1 
ATOM   240  N  N   . GLY A 1 33  ? 5.120   3.073   12.489  1.00 17.69 ? 33   GLY A N   1 
ATOM   241  C  CA  . GLY A 1 33  ? 4.388   2.175   13.362  1.00 16.07 ? 33   GLY A CA  1 
ATOM   242  C  C   . GLY A 1 33  ? 2.908   2.497   13.355  1.00 16.82 ? 33   GLY A C   1 
ATOM   243  O  O   . GLY A 1 33  ? 2.063   1.599   13.341  1.00 15.71 ? 33   GLY A O   1 
ATOM   244  N  N   . THR A 1 34  ? 2.591   3.786   13.364  1.00 16.55 ? 34   THR A N   1 
ATOM   245  C  CA  . THR A 1 34  ? 1.204   4.231   13.366  1.00 17.41 ? 34   THR A CA  1 
ATOM   246  C  C   . THR A 1 34  ? 0.481   3.725   12.116  1.00 18.36 ? 34   THR A C   1 
ATOM   247  O  O   . THR A 1 34  ? -0.637  3.217   12.197  1.00 19.58 ? 34   THR A O   1 
ATOM   248  C  CB  . THR A 1 34  ? 1.127   5.776   13.431  1.00 17.54 ? 34   THR A CB  1 
ATOM   249  O  OG1 . THR A 1 34  ? 1.673   6.229   14.679  1.00 19.35 ? 34   THR A OG1 1 
ATOM   250  C  CG2 . THR A 1 34  ? -0.312  6.251   13.306  1.00 21.28 ? 34   THR A CG2 1 
ATOM   251  N  N   . VAL A 1 35  ? 1.112   3.860   10.956  1.00 17.96 ? 35   VAL A N   1 
ATOM   252  C  CA  . VAL A 1 35  ? 0.482   3.391   9.729   1.00 19.14 ? 35   VAL A CA  1 
ATOM   253  C  C   . VAL A 1 35  ? 0.437   1.863   9.656   1.00 19.21 ? 35   VAL A C   1 
ATOM   254  O  O   . VAL A 1 35  ? -0.566  1.296   9.231   1.00 23.22 ? 35   VAL A O   1 
ATOM   255  C  CB  . VAL A 1 35  ? 1.202   3.940   8.473   1.00 19.50 ? 35   VAL A CB  1 
ATOM   256  C  CG1 . VAL A 1 35  ? 0.564   3.373   7.211   1.00 20.02 ? 35   VAL A CG1 1 
ATOM   257  C  CG2 . VAL A 1 35  ? 1.120   5.460   8.459   1.00 19.23 ? 35   VAL A CG2 1 
ATOM   258  N  N   . MET A 1 36  ? 1.510   1.193   10.070  1.00 19.29 ? 36   MET A N   1 
ATOM   259  C  CA  . MET A 1 36  ? 1.538   -0.269  10.024  1.00 20.15 ? 36   MET A CA  1 
ATOM   260  C  C   . MET A 1 36  ? 0.424   -0.857  10.876  1.00 21.41 ? 36   MET A C   1 
ATOM   261  O  O   . MET A 1 36  ? -0.224  -1.825  10.477  1.00 21.23 ? 36   MET A O   1 
ATOM   262  C  CB  . MET A 1 36  ? 2.894   -0.806  10.497  1.00 21.90 ? 36   MET A CB  1 
ATOM   263  C  CG  . MET A 1 36  ? 4.061   -0.459  9.575   1.00 24.34 ? 36   MET A CG  1 
ATOM   264  S  SD  . MET A 1 36  ? 3.974   -1.277  7.973   1.00 30.29 ? 36   MET A SD  1 
ATOM   265  C  CE  . MET A 1 36  ? 2.698   -0.343  7.177   1.00 24.51 ? 36   MET A CE  1 
ATOM   266  N  N   . ARG A 1 37  ? 0.200   -0.269  12.048  1.00 20.04 ? 37   ARG A N   1 
ATOM   267  C  CA  . ARG A 1 37  ? -0.853  -0.752  12.928  1.00 21.43 ? 37   ARG A CA  1 
ATOM   268  C  C   . ARG A 1 37  ? -2.223  -0.471  12.324  1.00 25.51 ? 37   ARG A C   1 
ATOM   269  O  O   . ARG A 1 37  ? -3.202  -1.143  12.645  1.00 26.38 ? 37   ARG A O   1 
ATOM   270  C  CB  . ARG A 1 37  ? -0.734  -0.110  14.312  1.00 20.66 ? 37   ARG A CB  1 
ATOM   271  C  CG  . ARG A 1 37  ? 0.421   -0.675  15.130  1.00 19.78 ? 37   ARG A CG  1 
ATOM   272  C  CD  . ARG A 1 37  ? 0.411   -0.159  16.561  1.00 16.78 ? 37   ARG A CD  1 
ATOM   273  N  NE  . ARG A 1 37  ? 0.688   1.272   16.652  1.00 19.19 ? 37   ARG A NE  1 
ATOM   274  C  CZ  . ARG A 1 37  ? 1.906   1.804   16.634  1.00 17.24 ? 37   ARG A CZ  1 
ATOM   275  N  NH1 . ARG A 1 37  ? 2.055   3.121   16.721  1.00 19.36 ? 37   ARG A NH1 1 
ATOM   276  N  NH2 . ARG A 1 37  ? 2.976   1.025   16.544  1.00 17.41 ? 37   ARG A NH2 1 
ATOM   277  N  N   . SER A 1 38  ? -2.295  0.516   11.443  1.00 27.08 ? 38   SER A N   1 
ATOM   278  C  CA  . SER A 1 38  ? -3.564  0.841   10.802  1.00 30.65 ? 38   SER A CA  1 
ATOM   279  C  C   . SER A 1 38  ? -3.784  -0.101  9.622   1.00 30.14 ? 38   SER A C   1 
ATOM   280  O  O   . SER A 1 38  ? -4.873  -0.159  9.058   1.00 33.80 ? 38   SER A O   1 
ATOM   281  C  CB  . SER A 1 38  ? -3.558  2.290   10.313  1.00 31.81 ? 38   SER A CB  1 
ATOM   282  O  OG  . SER A 1 38  ? -2.727  2.432   9.174   1.00 33.99 ? 38   SER A OG  1 
ATOM   283  N  N   . LEU A 1 39  ? -2.749  -0.846  9.256   1.00 32.21 ? 39   LEU A N   1 
ATOM   284  C  CA  . LEU A 1 39  ? -2.848  -1.779  8.141   1.00 32.34 ? 39   LEU A CA  1 
ATOM   285  C  C   . LEU A 1 39  ? -2.975  -3.231  8.596   1.00 33.61 ? 39   LEU A C   1 
ATOM   286  O  O   . LEU A 1 39  ? -2.868  -4.159  7.786   1.00 33.55 ? 39   LEU A O   1 
ATOM   287  C  CB  . LEU A 1 39  ? -1.643  -1.612  7.216   1.00 33.23 ? 39   LEU A CB  1 
ATOM   288  C  CG  . LEU A 1 39  ? -1.563  -0.236  6.546   1.00 33.72 ? 39   LEU A CG  1 
ATOM   289  C  CD1 . LEU A 1 39  ? -0.338  -0.171  5.660   1.00 34.40 ? 39   LEU A CD1 1 
ATOM   290  C  CD2 . LEU A 1 39  ? -2.830  0.017   5.736   1.00 33.58 ? 39   LEU A CD2 1 
ATOM   291  N  N   . GLY A 1 40  ? -3.205  -3.416  9.895   1.00 33.10 ? 40   GLY A N   1 
ATOM   292  C  CA  . GLY A 1 40  ? -3.373  -4.753  10.449  1.00 33.30 ? 40   GLY A CA  1 
ATOM   293  C  C   . GLY A 1 40  ? -2.104  -5.433  10.930  1.00 31.42 ? 40   GLY A C   1 
ATOM   294  O  O   . GLY A 1 40  ? -2.115  -6.625  11.251  1.00 32.03 ? 40   GLY A O   1 
ATOM   295  N  N   . GLN A 1 41  ? -1.013  -4.682  10.989  1.00 28.90 ? 41   GLN A N   1 
ATOM   296  C  CA  . GLN A 1 41  ? 0.265   -5.223  11.429  1.00 26.32 ? 41   GLN A CA  1 
ATOM   297  C  C   . GLN A 1 41  ? 0.535   -4.788  12.864  1.00 22.60 ? 41   GLN A C   1 
ATOM   298  O  O   . GLN A 1 41  ? -0.167  -3.942  13.407  1.00 20.65 ? 41   GLN A O   1 
ATOM   299  C  CB  . GLN A 1 41  ? 1.396   -4.691  10.545  1.00 31.25 ? 41   GLN A CB  1 
ATOM   300  C  CG  . GLN A 1 41  ? 1.241   -4.951  9.058   1.00 36.14 ? 41   GLN A CG  1 
ATOM   301  C  CD  . GLN A 1 41  ? 1.598   -6.368  8.686   1.00 38.59 ? 41   GLN A CD  1 
ATOM   302  O  OE1 . GLN A 1 41  ? 0.923   -7.315  9.089   1.00 40.66 ? 41   GLN A OE1 1 
ATOM   303  N  NE2 . GLN A 1 41  ? 2.673   -6.525  7.920   1.00 39.95 ? 41   GLN A NE2 1 
ATOM   304  N  N   . ASN A 1 42  ? 1.555   -5.379  13.473  1.00 21.38 ? 42   ASN A N   1 
ATOM   305  C  CA  . ASN A 1 42  ? 1.945   -5.012  14.831  1.00 19.82 ? 42   ASN A CA  1 
ATOM   306  C  C   . ASN A 1 42  ? 3.446   -5.218  14.970  1.00 19.83 ? 42   ASN A C   1 
ATOM   307  O  O   . ASN A 1 42  ? 3.920   -6.037  15.762  1.00 18.42 ? 42   ASN A O   1 
ATOM   308  C  CB  . ASN A 1 42  ? 1.192   -5.839  15.877  1.00 19.06 ? 42   ASN A CB  1 
ATOM   309  C  CG  . ASN A 1 42  ? 1.400   -5.308  17.281  1.00 20.15 ? 42   ASN A CG  1 
ATOM   310  O  OD1 . ASN A 1 42  ? 1.606   -4.107  17.467  1.00 19.11 ? 42   ASN A OD1 1 
ATOM   311  N  ND2 . ASN A 1 42  ? 1.343   -6.188  18.274  1.00 20.08 ? 42   ASN A ND2 1 
ATOM   312  N  N   . PRO A 1 43  ? 4.223   -4.456  14.192  1.00 21.05 ? 43   PRO A N   1 
ATOM   313  C  CA  . PRO A 1 43  ? 5.678   -4.552  14.216  1.00 19.68 ? 43   PRO A CA  1 
ATOM   314  C  C   . PRO A 1 43  ? 6.306   -4.116  15.530  1.00 19.46 ? 43   PRO A C   1 
ATOM   315  O  O   . PRO A 1 43  ? 5.814   -3.205  16.199  1.00 17.25 ? 43   PRO A O   1 
ATOM   316  C  CB  . PRO A 1 43  ? 6.096   -3.656  13.049  1.00 21.26 ? 43   PRO A CB  1 
ATOM   317  C  CG  . PRO A 1 43  ? 5.031   -2.604  13.044  1.00 22.87 ? 43   PRO A CG  1 
ATOM   318  C  CD  . PRO A 1 43  ? 3.779   -3.421  13.239  1.00 21.73 ? 43   PRO A CD  1 
ATOM   319  N  N   . THR A 1 44  ? 7.390   -4.792  15.898  1.00 17.89 ? 44   THR A N   1 
ATOM   320  C  CA  . THR A 1 44  ? 8.131   -4.456  17.100  1.00 18.88 ? 44   THR A CA  1 
ATOM   321  C  C   . THR A 1 44  ? 9.011   -3.282  16.691  1.00 18.63 ? 44   THR A C   1 
ATOM   322  O  O   . THR A 1 44  ? 9.157   -3.001  15.504  1.00 19.58 ? 44   THR A O   1 
ATOM   323  C  CB  . THR A 1 44  ? 9.055   -5.605  17.532  1.00 19.70 ? 44   THR A CB  1 
ATOM   324  O  OG1 . THR A 1 44  ? 9.933   -5.933  16.444  1.00 20.44 ? 44   THR A OG1 1 
ATOM   325  C  CG2 . THR A 1 44  ? 8.245   -6.833  17.923  1.00 19.99 ? 44   THR A CG2 1 
ATOM   326  N  N   . GLU A 1 45  ? 9.606   -2.601  17.661  1.00 20.73 ? 45   GLU A N   1 
ATOM   327  C  CA  . GLU A 1 45  ? 10.464  -1.478  17.332  1.00 20.36 ? 45   GLU A CA  1 
ATOM   328  C  C   . GLU A 1 45  ? 11.643  -1.929  16.472  1.00 22.30 ? 45   GLU A C   1 
ATOM   329  O  O   . GLU A 1 45  ? 12.070  -1.205  15.571  1.00 21.62 ? 45   GLU A O   1 
ATOM   330  C  CB  . GLU A 1 45  ? 10.937  -0.786  18.611  1.00 22.07 ? 45   GLU A CB  1 
ATOM   331  C  CG  . GLU A 1 45  ? 9.788   -0.143  19.375  1.00 25.50 ? 45   GLU A CG  1 
ATOM   332  C  CD  . GLU A 1 45  ? 9.040   0.874   18.532  1.00 26.52 ? 45   GLU A CD  1 
ATOM   333  O  OE1 . GLU A 1 45  ? 9.643   1.912   18.188  1.00 30.06 ? 45   GLU A OE1 1 
ATOM   334  O  OE2 . GLU A 1 45  ? 7.858   0.635   18.201  1.00 25.10 ? 45   GLU A OE2 1 
ATOM   335  N  N   . ALA A 1 46  ? 12.156  -3.129  16.733  1.00 20.52 ? 46   ALA A N   1 
ATOM   336  C  CA  . ALA A 1 46  ? 13.269  -3.661  15.948  1.00 22.31 ? 46   ALA A CA  1 
ATOM   337  C  C   . ALA A 1 46  ? 12.848  -3.828  14.489  1.00 22.95 ? 46   ALA A C   1 
ATOM   338  O  O   . ALA A 1 46  ? 13.618  -3.540  13.572  1.00 23.13 ? 46   ALA A O   1 
ATOM   339  C  CB  . ALA A 1 46  ? 13.717  -4.992  16.513  1.00 23.08 ? 46   ALA A CB  1 
ATOM   340  N  N   . GLU A 1 47  ? 11.625  -4.306  14.281  1.00 21.53 ? 47   GLU A N   1 
ATOM   341  C  CA  . GLU A 1 47  ? 11.100  -4.497  12.936  1.00 21.36 ? 47   GLU A CA  1 
ATOM   342  C  C   . GLU A 1 47  ? 10.980  -3.162  12.216  1.00 19.95 ? 47   GLU A C   1 
ATOM   343  O  O   . GLU A 1 47  ? 11.347  -3.048  11.050  1.00 20.31 ? 47   GLU A O   1 
ATOM   344  C  CB  . GLU A 1 47  ? 9.726   -5.162  12.979  1.00 25.28 ? 47   GLU A CB  1 
ATOM   345  C  CG  . GLU A 1 47  ? 9.750   -6.672  13.093  1.00 29.67 ? 47   GLU A CG  1 
ATOM   346  C  CD  . GLU A 1 47  ? 8.351   -7.256  13.087  1.00 31.14 ? 47   GLU A CD  1 
ATOM   347  O  OE1 . GLU A 1 47  ? 7.622   -7.057  14.080  1.00 30.92 ? 47   GLU A OE1 1 
ATOM   348  O  OE2 . GLU A 1 47  ? 7.977   -7.898  12.084  1.00 34.49 ? 47   GLU A OE2 1 
ATOM   349  N  N   . LEU A 1 48  ? 10.451  -2.160  12.915  1.00 17.75 ? 48   LEU A N   1 
ATOM   350  C  CA  . LEU A 1 48  ? 10.285  -0.835  12.334  1.00 18.01 ? 48   LEU A CA  1 
ATOM   351  C  C   . LEU A 1 48  ? 11.631  -0.232  11.969  1.00 19.37 ? 48   LEU A C   1 
ATOM   352  O  O   . LEU A 1 48  ? 11.767  0.397   10.921  1.00 18.45 ? 48   LEU A O   1 
ATOM   353  C  CB  . LEU A 1 48  ? 9.555   0.082   13.317  1.00 17.88 ? 48   LEU A CB  1 
ATOM   354  C  CG  . LEU A 1 48  ? 8.092   -0.304  13.549  1.00 18.44 ? 48   LEU A CG  1 
ATOM   355  C  CD1 . LEU A 1 48  ? 7.532   0.471   14.731  1.00 19.39 ? 48   LEU A CD1 1 
ATOM   356  C  CD2 . LEU A 1 48  ? 7.291   -0.025  12.279  1.00 18.06 ? 48   LEU A CD2 1 
ATOM   357  N  N   . GLN A 1 49  ? 12.617  -0.420  12.837  1.00 20.80 ? 49   GLN A N   1 
ATOM   358  C  CA  . GLN A 1 49  ? 13.948  0.112   12.585  1.00 23.17 ? 49   GLN A CA  1 
ATOM   359  C  C   . GLN A 1 49  ? 14.534  -0.511  11.323  1.00 23.46 ? 49   GLN A C   1 
ATOM   360  O  O   . GLN A 1 49  ? 15.174  0.172   10.533  1.00 24.25 ? 49   GLN A O   1 
ATOM   361  C  CB  . GLN A 1 49  ? 14.857  -0.147  13.790  1.00 25.55 ? 49   GLN A CB  1 
ATOM   362  C  CG  . GLN A 1 49  ? 14.351  0.507   15.068  1.00 33.44 ? 49   GLN A CG  1 
ATOM   363  C  CD  . GLN A 1 49  ? 15.324  0.390   16.227  1.00 35.53 ? 49   GLN A CD  1 
ATOM   364  O  OE1 . GLN A 1 49  ? 15.836  -0.692  16.522  1.00 39.48 ? 49   GLN A OE1 1 
ATOM   365  N  NE2 . GLN A 1 49  ? 15.573  1.507   16.902  1.00 38.08 ? 49   GLN A NE2 1 
ATOM   366  N  N   . ASP A 1 50  ? 14.303  -1.806  11.135  1.00 23.39 ? 50   ASP A N   1 
ATOM   367  C  CA  . ASP A 1 50  ? 14.802  -2.499  9.951   1.00 23.65 ? 50   ASP A CA  1 
ATOM   368  C  C   . ASP A 1 50  ? 14.124  -1.972  8.689   1.00 22.31 ? 50   ASP A C   1 
ATOM   369  O  O   . ASP A 1 50  ? 14.762  -1.836  7.648   1.00 22.97 ? 50   ASP A O   1 
ATOM   370  C  CB  . ASP A 1 50  ? 14.559  -4.006  10.068  1.00 24.89 ? 50   ASP A CB  1 
ATOM   371  C  CG  . ASP A 1 50  ? 15.486  -4.672  11.071  1.00 29.79 ? 50   ASP A CG  1 
ATOM   372  O  OD1 . ASP A 1 50  ? 15.285  -5.871  11.357  1.00 31.96 ? 50   ASP A OD1 1 
ATOM   373  O  OD2 . ASP A 1 50  ? 16.420  -4.006  11.566  1.00 32.71 ? 50   ASP A OD2 1 
ATOM   374  N  N   . MET A 1 51  ? 12.829  -1.681  8.781   1.00 20.84 ? 51   MET A N   1 
ATOM   375  C  CA  . MET A 1 51  ? 12.081  -1.169  7.635   1.00 19.83 ? 51   MET A CA  1 
ATOM   376  C  C   . MET A 1 51  ? 12.567  0.222   7.237   1.00 19.04 ? 51   MET A C   1 
ATOM   377  O  O   . MET A 1 51  ? 12.672  0.537   6.047   1.00 19.65 ? 51   MET A O   1 
ATOM   378  C  CB  . MET A 1 51  ? 10.588  -1.125  7.955   1.00 22.98 ? 51   MET A CB  1 
ATOM   379  C  CG  . MET A 1 51  ? 9.991   -2.499  8.155   1.00 25.79 ? 51   MET A CG  1 
ATOM   380  S  SD  . MET A 1 51  ? 8.275   -2.406  8.653   1.00 32.84 ? 51   MET A SD  1 
ATOM   381  C  CE  . MET A 1 51  ? 7.529   -1.994  7.115   1.00 30.24 ? 51   MET A CE  1 
ATOM   382  N  N   . ILE A 1 52  ? 12.857  1.051   8.235   1.00 19.74 ? 52   ILE A N   1 
ATOM   383  C  CA  . ILE A 1 52  ? 13.357  2.395   7.968   1.00 19.76 ? 52   ILE A CA  1 
ATOM   384  C  C   . ILE A 1 52  ? 14.761  2.285   7.377   1.00 21.43 ? 52   ILE A C   1 
ATOM   385  O  O   . ILE A 1 52  ? 15.092  2.973   6.413   1.00 21.36 ? 52   ILE A O   1 
ATOM   386  C  CB  . ILE A 1 52  ? 13.434  3.241   9.263   1.00 19.76 ? 52   ILE A CB  1 
ATOM   387  C  CG1 . ILE A 1 52  ? 12.026  3.542   9.787   1.00 21.48 ? 52   ILE A CG1 1 
ATOM   388  C  CG2 . ILE A 1 52  ? 14.203  4.534   8.997   1.00 20.04 ? 52   ILE A CG2 1 
ATOM   389  C  CD1 . ILE A 1 52  ? 11.179  4.395   8.866   1.00 23.04 ? 52   ILE A CD1 1 
ATOM   390  N  N   . ASN A 1 53  ? 15.581  1.409   7.951   1.00 22.79 ? 53   ASN A N   1 
ATOM   391  C  CA  . ASN A 1 53  ? 16.960  1.228   7.491   1.00 25.40 ? 53   ASN A CA  1 
ATOM   392  C  C   . ASN A 1 53  ? 17.116  0.882   6.017   1.00 26.52 ? 53   ASN A C   1 
ATOM   393  O  O   . ASN A 1 53  ? 18.037  1.371   5.359   1.00 26.97 ? 53   ASN A O   1 
ATOM   394  C  CB  . ASN A 1 53  ? 17.666  0.156   8.328   1.00 27.95 ? 53   ASN A CB  1 
ATOM   395  C  CG  . ASN A 1 53  ? 18.043  0.649   9.708   1.00 31.45 ? 53   ASN A CG  1 
ATOM   396  O  OD1 . ASN A 1 53  ? 18.623  -0.090  10.510  1.00 36.07 ? 53   ASN A OD1 1 
ATOM   397  N  ND2 . ASN A 1 53  ? 17.716  1.903   9.997   1.00 30.80 ? 53   ASN A ND2 1 
ATOM   398  N  N   . GLU A 1 54  ? 16.234  0.034   5.501   1.00 25.40 ? 54   GLU A N   1 
ATOM   399  C  CA  . GLU A 1 54  ? 16.302  -0.378  4.101   1.00 26.95 ? 54   GLU A CA  1 
ATOM   400  C  C   . GLU A 1 54  ? 16.133  0.782   3.130   1.00 25.41 ? 54   GLU A C   1 
ATOM   401  O  O   . GLU A 1 54  ? 16.593  0.720   1.988   1.00 26.66 ? 54   GLU A O   1 
ATOM   402  C  CB  . GLU A 1 54  ? 15.226  -1.419  3.797   1.00 30.74 ? 54   GLU A CB  1 
ATOM   403  C  CG  . GLU A 1 54  ? 15.366  -2.710  4.570   1.00 38.05 ? 54   GLU A CG  1 
ATOM   404  C  CD  . GLU A 1 54  ? 14.414  -3.770  4.069   1.00 41.00 ? 54   GLU A CD  1 
ATOM   405  O  OE1 . GLU A 1 54  ? 13.198  -3.492  4.008   1.00 44.37 ? 54   GLU A OE1 1 
ATOM   406  O  OE2 . GLU A 1 54  ? 14.880  -4.881  3.734   1.00 44.97 ? 54   GLU A OE2 1 
ATOM   407  N  N   . VAL A 1 55  ? 15.467  1.833   3.591   1.00 21.58 ? 55   VAL A N   1 
ATOM   408  C  CA  . VAL A 1 55  ? 15.191  3.010   2.771   1.00 20.56 ? 55   VAL A CA  1 
ATOM   409  C  C   . VAL A 1 55  ? 16.069  4.208   3.129   1.00 19.47 ? 55   VAL A C   1 
ATOM   410  O  O   . VAL A 1 55  ? 16.410  5.022   2.261   1.00 19.53 ? 55   VAL A O   1 
ATOM   411  C  CB  . VAL A 1 55  ? 13.705  3.421   2.919   1.00 20.76 ? 55   VAL A CB  1 
ATOM   412  C  CG1 . VAL A 1 55  ? 13.370  4.552   1.978   1.00 18.03 ? 55   VAL A CG1 1 
ATOM   413  C  CG2 . VAL A 1 55  ? 12.809  2.221   2.656   1.00 19.00 ? 55   VAL A CG2 1 
ATOM   414  N  N   . ASP A 1 56  ? 16.413  4.321   4.408   1.00 19.96 ? 56   ASP A N   1 
ATOM   415  C  CA  . ASP A 1 56  ? 17.239  5.420   4.904   1.00 21.37 ? 56   ASP A CA  1 
ATOM   416  C  C   . ASP A 1 56  ? 18.668  5.308   4.370   1.00 22.90 ? 56   ASP A C   1 
ATOM   417  O  O   . ASP A 1 56  ? 19.567  4.814   5.048   1.00 22.40 ? 56   ASP A O   1 
ATOM   418  C  CB  . ASP A 1 56  ? 17.221  5.400   6.436   1.00 20.94 ? 56   ASP A CB  1 
ATOM   419  C  CG  . ASP A 1 56  ? 18.087  6.476   7.054   1.00 21.33 ? 56   ASP A CG  1 
ATOM   420  O  OD1 . ASP A 1 56  ? 18.269  7.546   6.428   1.00 19.78 ? 56   ASP A OD1 1 
ATOM   421  O  OD2 . ASP A 1 56  ? 18.570  6.250   8.184   1.00 23.90 ? 56   ASP A OD2 1 
ATOM   422  N  N   . ALA A 1 57  ? 18.864  5.790   3.147   1.00 23.80 ? 57   ALA A N   1 
ATOM   423  C  CA  . ALA A 1 57  ? 20.160  5.724   2.485   1.00 24.80 ? 57   ALA A CA  1 
ATOM   424  C  C   . ALA A 1 57  ? 21.327  6.397   3.208   1.00 27.41 ? 57   ALA A C   1 
ATOM   425  O  O   . ALA A 1 57  ? 22.442  5.866   3.196   1.00 27.40 ? 57   ALA A O   1 
ATOM   426  C  CB  . ALA A 1 57  ? 20.035  6.282   1.076   1.00 24.92 ? 57   ALA A CB  1 
ATOM   427  N  N   . ASP A 1 58  ? 21.097  7.553   3.829   1.00 27.26 ? 58   ASP A N   1 
ATOM   428  C  CA  . ASP A 1 58  ? 22.192  8.235   4.518   1.00 27.54 ? 58   ASP A CA  1 
ATOM   429  C  C   . ASP A 1 58  ? 22.323  7.907   6.001   1.00 27.97 ? 58   ASP A C   1 
ATOM   430  O  O   . ASP A 1 58  ? 23.088  8.549   6.723   1.00 28.82 ? 58   ASP A O   1 
ATOM   431  C  CB  . ASP A 1 58  ? 22.107  9.753   4.336   1.00 26.58 ? 58   ASP A CB  1 
ATOM   432  C  CG  . ASP A 1 58  ? 20.837  10.350  4.894   1.00 26.98 ? 58   ASP A CG  1 
ATOM   433  O  OD1 . ASP A 1 58  ? 20.148  9.691   5.709   1.00 22.87 ? 58   ASP A OD1 1 
ATOM   434  O  OD2 . ASP A 1 58  ? 20.535  11.503  4.517   1.00 26.06 ? 58   ASP A OD2 1 
ATOM   435  N  N   . GLY A 1 59  ? 21.565  6.911   6.445   1.00 27.85 ? 59   GLY A N   1 
ATOM   436  C  CA  . GLY A 1 59  ? 21.620  6.471   7.828   1.00 27.11 ? 59   GLY A CA  1 
ATOM   437  C  C   . GLY A 1 59  ? 21.388  7.457   8.958   1.00 26.97 ? 59   GLY A C   1 
ATOM   438  O  O   . GLY A 1 59  ? 21.993  7.309   10.022  1.00 27.74 ? 59   GLY A O   1 
ATOM   439  N  N   . ASN A 1 60  ? 20.523  8.451   8.768   1.00 25.46 ? 60   ASN A N   1 
ATOM   440  C  CA  . ASN A 1 60  ? 20.273  9.395   9.849   1.00 25.06 ? 60   ASN A CA  1 
ATOM   441  C  C   . ASN A 1 60  ? 19.068  8.963   10.683  1.00 24.30 ? 60   ASN A C   1 
ATOM   442  O  O   . ASN A 1 60  ? 18.570  9.717   11.513  1.00 25.02 ? 60   ASN A O   1 
ATOM   443  C  CB  . ASN A 1 60  ? 20.100  10.827  9.317   1.00 24.97 ? 60   ASN A CB  1 
ATOM   444  C  CG  . ASN A 1 60  ? 18.862  11.002  8.462   1.00 26.37 ? 60   ASN A CG  1 
ATOM   445  O  OD1 . ASN A 1 60  ? 18.153  10.043  8.162   1.00 23.83 ? 60   ASN A OD1 1 
ATOM   446  N  ND2 . ASN A 1 60  ? 18.599  12.240  8.058   1.00 27.99 ? 60   ASN A ND2 1 
ATOM   447  N  N   . GLY A 1 61  ? 18.607  7.737   10.450  1.00 22.70 ? 61   GLY A N   1 
ATOM   448  C  CA  . GLY A 1 61  ? 17.491  7.206   11.219  1.00 21.88 ? 61   GLY A CA  1 
ATOM   449  C  C   . GLY A 1 61  ? 16.073  7.504   10.768  1.00 20.97 ? 61   GLY A C   1 
ATOM   450  O  O   . GLY A 1 61  ? 15.129  7.062   11.418  1.00 19.14 ? 61   GLY A O   1 
ATOM   451  N  N   . THR A 1 62  ? 15.908  8.254   9.683   1.00 20.21 ? 62   THR A N   1 
ATOM   452  C  CA  . THR A 1 62  ? 14.573  8.566   9.178   1.00 19.48 ? 62   THR A CA  1 
ATOM   453  C  C   . THR A 1 62  ? 14.587  8.568   7.655   1.00 18.93 ? 62   THR A C   1 
ATOM   454  O  O   . THR A 1 62  ? 15.649  8.536   7.036   1.00 21.34 ? 62   THR A O   1 
ATOM   455  C  CB  . THR A 1 62  ? 14.082  9.942   9.660   1.00 19.37 ? 62   THR A CB  1 
ATOM   456  O  OG1 . THR A 1 62  ? 14.940  10.965  9.137   1.00 19.07 ? 62   THR A OG1 1 
ATOM   457  C  CG2 . THR A 1 62  ? 14.085  10.012  11.182  1.00 20.12 ? 62   THR A CG2 1 
ATOM   458  N  N   . ILE A 1 63  ? 13.405  8.609   7.054   1.00 18.33 ? 63   ILE A N   1 
ATOM   459  C  CA  . ILE A 1 63  ? 13.288  8.608   5.598   1.00 16.26 ? 63   ILE A CA  1 
ATOM   460  C  C   . ILE A 1 63  ? 12.786  9.954   5.106   1.00 17.57 ? 63   ILE A C   1 
ATOM   461  O  O   . ILE A 1 63  ? 11.738  10.418  5.546   1.00 16.56 ? 63   ILE A O   1 
ATOM   462  C  CB  . ILE A 1 63  ? 12.281  7.538   5.124   1.00 16.07 ? 63   ILE A CB  1 
ATOM   463  C  CG1 . ILE A 1 63  ? 12.777  6.146   5.507   1.00 15.91 ? 63   ILE A CG1 1 
ATOM   464  C  CG2 . ILE A 1 63  ? 12.079  7.637   3.611   1.00 15.57 ? 63   ILE A CG2 1 
ATOM   465  C  CD1 . ILE A 1 63  ? 11.697  5.082   5.396   1.00 14.95 ? 63   ILE A CD1 1 
ATOM   466  N  N   . ASP A 1 64  ? 13.540  10.598  4.219   1.00 18.68 ? 64   ASP A N   1 
ATOM   467  C  CA  . ASP A 1 64  ? 13.091  11.872  3.673   1.00 20.79 ? 64   ASP A CA  1 
ATOM   468  C  C   . ASP A 1 64  ? 12.476  11.593  2.302   1.00 19.03 ? 64   ASP A C   1 
ATOM   469  O  O   . ASP A 1 64  ? 12.500  10.452  1.832   1.00 19.47 ? 64   ASP A O   1 
ATOM   470  C  CB  . ASP A 1 64  ? 14.243  12.890  3.574   1.00 19.10 ? 64   ASP A CB  1 
ATOM   471  C  CG  . ASP A 1 64  ? 15.403  12.406  2.720   1.00 20.64 ? 64   ASP A CG  1 
ATOM   472  O  OD1 . ASP A 1 64  ? 15.179  11.621  1.779   1.00 21.19 ? 64   ASP A OD1 1 
ATOM   473  O  OD2 . ASP A 1 64  ? 16.545  12.842  2.981   1.00 25.11 ? 64   ASP A OD2 1 
ATOM   474  N  N   . PHE A 1 65  ? 11.922  12.613  1.657   1.00 20.41 ? 65   PHE A N   1 
ATOM   475  C  CA  . PHE A 1 65  ? 11.276  12.389  0.369   1.00 21.24 ? 65   PHE A CA  1 
ATOM   476  C  C   . PHE A 1 65  ? 12.209  11.840  -0.703  1.00 21.14 ? 65   PHE A C   1 
ATOM   477  O  O   . PHE A 1 65  ? 11.855  10.908  -1.423  1.00 18.98 ? 65   PHE A O   1 
ATOM   478  C  CB  . PHE A 1 65  ? 10.598  13.664  -0.132  1.00 23.18 ? 65   PHE A CB  1 
ATOM   479  C  CG  . PHE A 1 65  ? 9.713   13.440  -1.326  1.00 24.29 ? 65   PHE A CG  1 
ATOM   480  C  CD1 . PHE A 1 65  ? 9.777   14.287  -2.426  1.00 26.17 ? 65   PHE A CD1 1 
ATOM   481  C  CD2 . PHE A 1 65  ? 8.821   12.369  -1.354  1.00 24.81 ? 65   PHE A CD2 1 
ATOM   482  C  CE1 . PHE A 1 65  ? 8.969   14.072  -3.540  1.00 28.43 ? 65   PHE A CE1 1 
ATOM   483  C  CE2 . PHE A 1 65  ? 8.009   12.145  -2.463  1.00 26.85 ? 65   PHE A CE2 1 
ATOM   484  C  CZ  . PHE A 1 65  ? 8.084   13.001  -3.559  1.00 27.94 ? 65   PHE A CZ  1 
ATOM   485  N  N   . PRO A 1 66  ? 13.412  12.419  -0.838  1.00 19.39 ? 66   PRO A N   1 
ATOM   486  C  CA  . PRO A 1 66  ? 14.326  11.900  -1.860  1.00 20.12 ? 66   PRO A CA  1 
ATOM   487  C  C   . PRO A 1 66  ? 14.587  10.400  -1.689  1.00 18.69 ? 66   PRO A C   1 
ATOM   488  O  O   . PRO A 1 66  ? 14.629  9.650   -2.666  1.00 19.24 ? 66   PRO A O   1 
ATOM   489  C  CB  . PRO A 1 66  ? 15.582  12.747  -1.652  1.00 21.15 ? 66   PRO A CB  1 
ATOM   490  C  CG  . PRO A 1 66  ? 15.009  14.063  -1.228  1.00 22.61 ? 66   PRO A CG  1 
ATOM   491  C  CD  . PRO A 1 66  ? 13.943  13.653  -0.234  1.00 21.46 ? 66   PRO A CD  1 
ATOM   492  N  N   . GLU A 1 67  ? 14.754  9.966   -0.443  1.00 18.09 ? 67   GLU A N   1 
ATOM   493  C  CA  . GLU A 1 67  ? 15.006  8.554   -0.155  1.00 17.20 ? 67   GLU A CA  1 
ATOM   494  C  C   . GLU A 1 67  ? 13.779  7.722   -0.507  1.00 17.81 ? 67   GLU A C   1 
ATOM   495  O  O   . GLU A 1 67  ? 13.886  6.644   -1.098  1.00 17.24 ? 67   GLU A O   1 
ATOM   496  C  CB  . GLU A 1 67  ? 15.352  8.375   1.324   1.00 18.09 ? 67   GLU A CB  1 
ATOM   497  C  CG  . GLU A 1 67  ? 16.789  8.744   1.666   1.00 18.54 ? 67   GLU A CG  1 
ATOM   498  C  CD  . GLU A 1 67  ? 17.021  8.918   3.153   1.00 19.37 ? 67   GLU A CD  1 
ATOM   499  O  OE1 . GLU A 1 67  ? 18.196  8.912   3.573   1.00 19.05 ? 67   GLU A OE1 1 
ATOM   500  O  OE2 . GLU A 1 67  ? 16.033  9.075   3.906   1.00 18.87 ? 67   GLU A OE2 1 
ATOM   501  N  N   . PHE A 1 68  ? 12.613  8.238   -0.141  1.00 16.38 ? 68   PHE A N   1 
ATOM   502  C  CA  . PHE A 1 68  ? 11.344  7.570   -0.409  1.00 18.87 ? 68   PHE A CA  1 
ATOM   503  C  C   . PHE A 1 68  ? 11.148  7.420   -1.916  1.00 19.81 ? 68   PHE A C   1 
ATOM   504  O  O   . PHE A 1 68  ? 10.820  6.342   -2.405  1.00 17.75 ? 68   PHE A O   1 
ATOM   505  C  CB  . PHE A 1 68  ? 10.205  8.401   0.187   1.00 18.18 ? 68   PHE A CB  1 
ATOM   506  C  CG  . PHE A 1 68  ? 8.861   7.728   0.140   1.00 18.45 ? 68   PHE A CG  1 
ATOM   507  C  CD1 . PHE A 1 68  ? 8.501   6.804   1.111   1.00 20.45 ? 68   PHE A CD1 1 
ATOM   508  C  CD2 . PHE A 1 68  ? 7.945   8.049   -0.855  1.00 19.55 ? 68   PHE A CD2 1 
ATOM   509  C  CE1 . PHE A 1 68  ? 7.238   6.208   1.098   1.00 19.00 ? 68   PHE A CE1 1 
ATOM   510  C  CE2 . PHE A 1 68  ? 6.678   7.459   -0.879  1.00 19.99 ? 68   PHE A CE2 1 
ATOM   511  C  CZ  . PHE A 1 68  ? 6.326   6.538   0.103   1.00 19.78 ? 68   PHE A CZ  1 
ATOM   512  N  N   . LEU A 1 69  ? 11.371  8.511   -2.649  1.00 21.00 ? 69   LEU A N   1 
ATOM   513  C  CA  . LEU A 1 69  ? 11.218  8.513   -4.100  1.00 21.88 ? 69   LEU A CA  1 
ATOM   514  C  C   . LEU A 1 69  ? 12.164  7.520   -4.762  1.00 19.89 ? 69   LEU A C   1 
ATOM   515  O  O   . LEU A 1 69  ? 11.780  6.805   -5.678  1.00 20.14 ? 69   LEU A O   1 
ATOM   516  C  CB  . LEU A 1 69  ? 11.499  9.907   -4.665  1.00 22.19 ? 69   LEU A CB  1 
ATOM   517  C  CG  . LEU A 1 69  ? 10.426  10.675  -5.442  1.00 26.43 ? 69   LEU A CG  1 
ATOM   518  C  CD1 . LEU A 1 69  ? 11.125  11.750  -6.263  1.00 22.62 ? 69   LEU A CD1 1 
ATOM   519  C  CD2 . LEU A 1 69  ? 9.648   9.756   -6.364  1.00 25.06 ? 69   LEU A CD2 1 
ATOM   520  N  N   . THR A 1 70  ? 13.410  7.495   -4.305  1.00 20.25 ? 70   THR A N   1 
ATOM   521  C  CA  . THR A 1 70  ? 14.400  6.583   -4.866  1.00 21.26 ? 70   THR A CA  1 
ATOM   522  C  C   . THR A 1 70  ? 13.931  5.135   -4.752  1.00 20.87 ? 70   THR A C   1 
ATOM   523  O  O   . THR A 1 70  ? 13.996  4.372   -5.714  1.00 21.16 ? 70   THR A O   1 
ATOM   524  C  CB  . THR A 1 70  ? 15.746  6.716   -4.134  1.00 22.43 ? 70   THR A CB  1 
ATOM   525  O  OG1 . THR A 1 70  ? 16.273  8.030   -4.345  1.00 24.47 ? 70   THR A OG1 1 
ATOM   526  C  CG2 . THR A 1 70  ? 16.737  5.682   -4.646  1.00 19.62 ? 70   THR A CG2 1 
ATOM   527  N  N   . MET A 1 71  ? 13.456  4.762   -3.568  1.00 21.26 ? 71   MET A N   1 
ATOM   528  C  CA  . MET A 1 71  ? 12.992  3.399   -3.343  1.00 19.54 ? 71   MET A CA  1 
ATOM   529  C  C   . MET A 1 71  ? 11.736  3.072   -4.133  1.00 20.17 ? 71   MET A C   1 
ATOM   530  O  O   . MET A 1 71  ? 11.648  2.015   -4.752  1.00 19.44 ? 71   MET A O   1 
ATOM   531  C  CB  . MET A 1 71  ? 12.751  3.172   -1.845  1.00 21.39 ? 71   MET A CB  1 
ATOM   532  C  CG  . MET A 1 71  ? 12.134  1.818   -1.482  1.00 21.63 ? 71   MET A CG  1 
ATOM   533  S  SD  . MET A 1 71  ? 10.331  1.850   -1.549  1.00 22.89 ? 71   MET A SD  1 
ATOM   534  C  CE  . MET A 1 71  ? 9.979   2.925   -0.169  1.00 23.35 ? 71   MET A CE  1 
ATOM   535  N  N   . MET A 1 72  ? 10.769  3.979   -4.122  1.00 19.66 ? 72   MET A N   1 
ATOM   536  C  CA  . MET A 1 72  ? 9.516   3.746   -4.828  1.00 21.47 ? 72   MET A CA  1 
ATOM   537  C  C   . MET A 1 72  ? 9.703   3.689   -6.341  1.00 24.84 ? 72   MET A C   1 
ATOM   538  O  O   . MET A 1 72  ? 9.028   2.929   -7.029  1.00 25.12 ? 72   MET A O   1 
ATOM   539  C  CB  . MET A 1 72  ? 8.508   4.828   -4.450  1.00 22.45 ? 72   MET A CB  1 
ATOM   540  C  CG  . MET A 1 72  ? 8.227   4.910   -2.950  1.00 22.05 ? 72   MET A CG  1 
ATOM   541  S  SD  . MET A 1 72  ? 7.222   3.536   -2.289  1.00 22.51 ? 72   MET A SD  1 
ATOM   542  C  CE  . MET A 1 72  ? 5.595   4.134   -2.690  1.00 24.87 ? 72   MET A CE  1 
ATOM   543  N  N   . ALA A 1 73  ? 10.624  4.494   -6.859  1.00 25.54 ? 73   ALA A N   1 
ATOM   544  C  CA  . ALA A 1 73  ? 10.886  4.505   -8.292  1.00 27.20 ? 73   ALA A CA  1 
ATOM   545  C  C   . ALA A 1 73  ? 11.561  3.201   -8.708  1.00 27.76 ? 73   ALA A C   1 
ATOM   546  O  O   . ALA A 1 73  ? 11.292  2.664   -9.782  1.00 29.72 ? 73   ALA A O   1 
ATOM   547  C  CB  . ALA A 1 73  ? 11.777  5.697   -8.653  1.00 27.49 ? 73   ALA A CB  1 
ATOM   548  N  N   . ARG A 1 74  ? 12.433  2.692   -7.845  1.00 28.89 ? 74   ARG A N   1 
ATOM   549  C  CA  . ARG A 1 74  ? 13.159  1.459   -8.122  1.00 31.28 ? 74   ARG A CA  1 
ATOM   550  C  C   . ARG A 1 74  ? 12.225  0.253   -8.161  1.00 31.90 ? 74   ARG A C   1 
ATOM   551  O  O   . ARG A 1 74  ? 12.269  -0.549  -9.095  1.00 30.50 ? 74   ARG A O   1 
ATOM   552  C  CB  . ARG A 1 74  ? 14.249  1.252   -7.069  1.00 33.38 ? 74   ARG A CB  1 
ATOM   553  C  CG  . ARG A 1 74  ? 15.095  0.004   -7.256  1.00 37.54 ? 74   ARG A CG  1 
ATOM   554  C  CD  . ARG A 1 74  ? 16.226  -0.018  -6.243  1.00 41.69 ? 74   ARG A CD  1 
ATOM   555  N  NE  . ARG A 1 74  ? 17.068  -1.205  -6.362  1.00 45.73 ? 74   ARG A NE  1 
ATOM   556  C  CZ  . ARG A 1 74  ? 18.203  -1.384  -5.691  1.00 47.64 ? 74   ARG A CZ  1 
ATOM   557  N  NH1 . ARG A 1 74  ? 18.908  -2.496  -5.858  1.00 47.45 ? 74   ARG A NH1 1 
ATOM   558  N  NH2 . ARG A 1 74  ? 18.639  -0.447  -4.857  1.00 48.33 ? 74   ARG A NH2 1 
ATOM   559  N  N   . LYS A 1 75  ? 11.374  0.127   -7.149  1.00 32.27 ? 75   LYS A N   1 
ATOM   560  C  CA  . LYS A 1 75  ? 10.445  -0.992  -7.106  1.00 33.05 ? 75   LYS A CA  1 
ATOM   561  C  C   . LYS A 1 75  ? 9.456   -0.946  -8.265  1.00 35.16 ? 75   LYS A C   1 
ATOM   562  O  O   . LYS A 1 75  ? 9.052   -1.988  -8.787  1.00 34.47 ? 75   LYS A O   1 
ATOM   563  C  CB  . LYS A 1 75  ? 9.704   -1.013  -5.764  1.00 30.38 ? 75   LYS A CB  1 
ATOM   564  C  CG  . LYS A 1 75  ? 10.610  -1.407  -4.613  1.00 29.28 ? 75   LYS A CG  1 
ATOM   565  C  CD  . LYS A 1 75  ? 9.866   -1.524  -3.300  1.00 29.31 ? 75   LYS A CD  1 
ATOM   566  C  CE  . LYS A 1 75  ? 10.776  -2.100  -2.224  1.00 30.04 ? 75   LYS A CE  1 
ATOM   567  N  NZ  . LYS A 1 75  ? 10.048  -2.326  -0.949  1.00 32.65 ? 75   LYS A NZ  1 
ATOM   568  N  N   . MET A 1 76  ? 9.071   0.255   -8.678  1.00 37.78 ? 76   MET A N   1 
ATOM   569  C  CA  . MET A 1 76  ? 8.131   0.393   -9.781  1.00 41.35 ? 76   MET A CA  1 
ATOM   570  C  C   . MET A 1 76  ? 8.756   -0.074  -11.091 1.00 44.10 ? 76   MET A C   1 
ATOM   571  O  O   . MET A 1 76  ? 8.057   -0.553  -11.984 1.00 43.84 ? 76   MET A O   1 
ATOM   572  C  CB  . MET A 1 76  ? 7.673   1.843   -9.921  1.00 41.95 ? 76   MET A CB  1 
ATOM   573  C  CG  . MET A 1 76  ? 6.697   2.053   -11.067 1.00 45.08 ? 76   MET A CG  1 
ATOM   574  S  SD  . MET A 1 76  ? 6.081   3.734   -11.179 1.00 47.00 ? 76   MET A SD  1 
ATOM   575  C  CE  . MET A 1 76  ? 4.574   3.604   -10.207 1.00 46.13 ? 76   MET A CE  1 
ATOM   576  N  N   . LYS A 1 77  ? 10.073  0.069   -11.203 1.00 46.62 ? 77   LYS A N   1 
ATOM   577  C  CA  . LYS A 1 77  ? 10.784  -0.342  -12.409 1.00 50.14 ? 77   LYS A CA  1 
ATOM   578  C  C   . LYS A 1 77  ? 10.871  -1.858  -12.512 1.00 51.68 ? 77   LYS A C   1 
ATOM   579  O  O   . LYS A 1 77  ? 11.110  -2.401  -13.591 1.00 52.24 ? 77   LYS A O   1 
ATOM   580  C  CB  . LYS A 1 77  ? 12.197  0.248   -12.432 1.00 51.56 ? 77   LYS A CB  1 
ATOM   581  C  CG  . LYS A 1 77  ? 12.254  1.746   -12.681 1.00 53.28 ? 77   LYS A CG  1 
ATOM   582  C  CD  . LYS A 1 77  ? 13.690  2.211   -12.863 1.00 54.44 ? 77   LYS A CD  1 
ATOM   583  C  CE  . LYS A 1 77  ? 13.758  3.694   -13.191 1.00 55.72 ? 77   LYS A CE  1 
ATOM   584  N  NZ  . LYS A 1 77  ? 15.161  4.144   -13.412 1.00 56.38 ? 77   LYS A NZ  1 
ATOM   585  N  N   . ASP A 1 78  ? 10.682  -2.539  -11.388 1.00 52.91 ? 78   ASP A N   1 
ATOM   586  C  CA  . ASP A 1 78  ? 10.745  -3.994  -11.375 1.00 54.34 ? 78   ASP A CA  1 
ATOM   587  C  C   . ASP A 1 78  ? 9.356   -4.578  -11.619 1.00 55.52 ? 78   ASP A C   1 
ATOM   588  O  O   . ASP A 1 78  ? 8.763   -5.191  -10.730 1.00 55.86 ? 78   ASP A O   1 
ATOM   589  C  CB  . ASP A 1 78  ? 11.281  -4.494  -10.033 1.00 54.27 ? 78   ASP A CB  1 
ATOM   590  C  CG  . ASP A 1 78  ? 11.784  -5.923  -10.106 1.00 54.34 ? 78   ASP A CG  1 
ATOM   591  O  OD1 . ASP A 1 78  ? 11.150  -6.740  -10.806 1.00 54.40 ? 78   ASP A OD1 1 
ATOM   592  O  OD2 . ASP A 1 78  ? 12.808  -6.231  -9.460  1.00 54.34 ? 78   ASP A OD2 1 
ATOM   593  N  N   . THR A 1 79  ? 8.841   -4.383  -12.829 1.00 56.33 ? 79   THR A N   1 
ATOM   594  C  CA  . THR A 1 79  ? 7.523   -4.889  -13.189 1.00 57.08 ? 79   THR A CA  1 
ATOM   595  C  C   . THR A 1 79  ? 7.479   -6.415  -13.217 1.00 57.02 ? 79   THR A C   1 
ATOM   596  O  O   . THR A 1 79  ? 6.405   -7.010  -13.294 1.00 57.68 ? 79   THR A O   1 
ATOM   597  C  CB  . THR A 1 79  ? 7.084   -4.358  -14.570 1.00 57.41 ? 79   THR A CB  1 
ATOM   598  O  OG1 . THR A 1 79  ? 8.123   -4.602  -15.526 1.00 57.89 ? 79   THR A OG1 1 
ATOM   599  C  CG2 . THR A 1 79  ? 6.800   -2.866  -14.504 1.00 57.61 ? 79   THR A CG2 1 
ATOM   600  N  N   . ASP A 1 80  ? 8.649   -7.044  -13.151 1.00 56.80 ? 80   ASP A N   1 
ATOM   601  C  CA  . ASP A 1 80  ? 8.736   -8.501  -13.168 1.00 55.91 ? 80   ASP A CA  1 
ATOM   602  C  C   . ASP A 1 80  ? 8.652   -9.084  -11.761 1.00 54.24 ? 80   ASP A C   1 
ATOM   603  O  O   . ASP A 1 80  ? 8.464   -10.288 -11.588 1.00 54.13 ? 80   ASP A O   1 
ATOM   604  C  CB  . ASP A 1 80  ? 10.045  -8.947  -13.827 1.00 58.18 ? 80   ASP A CB  1 
ATOM   605  C  CG  . ASP A 1 80  ? 10.134  -8.538  -15.284 1.00 59.44 ? 80   ASP A CG  1 
ATOM   606  O  OD1 . ASP A 1 80  ? 9.281   -8.983  -16.080 1.00 60.53 ? 80   ASP A OD1 1 
ATOM   607  O  OD2 . ASP A 1 80  ? 11.056  -7.771  -15.633 1.00 60.92 ? 80   ASP A OD2 1 
ATOM   608  N  N   . SER A 1 81  ? 8.795   -8.222  -10.758 1.00 51.49 ? 81   SER A N   1 
ATOM   609  C  CA  . SER A 1 81  ? 8.735   -8.654  -9.366  1.00 48.10 ? 81   SER A CA  1 
ATOM   610  C  C   . SER A 1 81  ? 7.292   -8.836  -8.919  1.00 44.55 ? 81   SER A C   1 
ATOM   611  O  O   . SER A 1 81  ? 6.409   -8.077  -9.314  1.00 44.01 ? 81   SER A O   1 
ATOM   612  C  CB  . SER A 1 81  ? 9.420   -7.627  -8.461  1.00 49.01 ? 81   SER A CB  1 
ATOM   613  O  OG  . SER A 1 81  ? 9.340   -8.014  -7.100  1.00 50.53 ? 81   SER A OG  1 
ATOM   614  N  N   . GLU A 1 82  ? 7.060   -9.850  -8.093  1.00 40.78 ? 82   GLU A N   1 
ATOM   615  C  CA  . GLU A 1 82  ? 5.726   -10.134 -7.583  1.00 36.92 ? 82   GLU A CA  1 
ATOM   616  C  C   . GLU A 1 82  ? 5.694   -9.990  -6.070  1.00 33.98 ? 82   GLU A C   1 
ATOM   617  O  O   . GLU A 1 82  ? 4.626   -10.018 -5.462  1.00 30.42 ? 82   GLU A O   1 
ATOM   618  C  CB  . GLU A 1 82  ? 5.308   -11.557 -7.952  1.00 39.71 ? 82   GLU A CB  1 
ATOM   619  C  CG  . GLU A 1 82  ? 5.111   -11.788 -9.437  1.00 42.41 ? 82   GLU A CG  1 
ATOM   620  C  CD  . GLU A 1 82  ? 4.867   -13.247 -9.761  1.00 44.86 ? 82   GLU A CD  1 
ATOM   621  O  OE1 . GLU A 1 82  ? 3.985   -13.857 -9.118  1.00 44.53 ? 82   GLU A OE1 1 
ATOM   622  O  OE2 . GLU A 1 82  ? 5.553   -13.782 -10.659 1.00 45.72 ? 82   GLU A OE2 1 
ATOM   623  N  N   . GLU A 1 83  ? 6.865   -9.837  -5.462  1.00 29.76 ? 83   GLU A N   1 
ATOM   624  C  CA  . GLU A 1 83  ? 6.938   -9.710  -4.016  1.00 28.97 ? 83   GLU A CA  1 
ATOM   625  C  C   . GLU A 1 83  ? 6.135   -8.528  -3.487  1.00 25.80 ? 83   GLU A C   1 
ATOM   626  O  O   . GLU A 1 83  ? 5.511   -8.627  -2.437  1.00 23.78 ? 83   GLU A O   1 
ATOM   627  C  CB  . GLU A 1 83  ? 8.392   -9.596  -3.548  1.00 32.36 ? 83   GLU A CB  1 
ATOM   628  C  CG  . GLU A 1 83  ? 8.528   -9.405  -2.044  1.00 36.77 ? 83   GLU A CG  1 
ATOM   629  C  CD  . GLU A 1 83  ? 7.884   -10.529 -1.245  1.00 41.68 ? 83   GLU A CD  1 
ATOM   630  O  OE1 . GLU A 1 83  ? 7.693   -10.356 -0.020  1.00 42.86 ? 83   GLU A OE1 1 
ATOM   631  O  OE2 . GLU A 1 83  ? 7.575   -11.589 -1.835  1.00 43.34 ? 83   GLU A OE2 1 
ATOM   632  N  N   . GLU A 1 84  ? 6.144   -7.409  -4.207  1.00 23.33 ? 84   GLU A N   1 
ATOM   633  C  CA  . GLU A 1 84  ? 5.391   -6.249  -3.753  1.00 21.53 ? 84   GLU A CA  1 
ATOM   634  C  C   . GLU A 1 84  ? 3.889   -6.522  -3.815  1.00 18.93 ? 84   GLU A C   1 
ATOM   635  O  O   . GLU A 1 84  ? 3.139   -6.061  -2.957  1.00 18.32 ? 84   GLU A O   1 
ATOM   636  C  CB  . GLU A 1 84  ? 5.749   -5.014  -4.578  1.00 25.59 ? 84   GLU A CB  1 
ATOM   637  C  CG  . GLU A 1 84  ? 7.160   -4.510  -4.306  1.00 29.31 ? 84   GLU A CG  1 
ATOM   638  C  CD  . GLU A 1 84  ? 7.440   -4.352  -2.819  1.00 31.54 ? 84   GLU A CD  1 
ATOM   639  O  OE1 . GLU A 1 84  ? 6.597   -3.763  -2.114  1.00 33.95 ? 84   GLU A OE1 1 
ATOM   640  O  OE2 . GLU A 1 84  ? 8.504   -4.812  -2.353  1.00 35.73 ? 84   GLU A OE2 1 
ATOM   641  N  N   . ILE A 1 85  ? 3.458   -7.273  -4.823  1.00 19.03 ? 85   ILE A N   1 
ATOM   642  C  CA  . ILE A 1 85  ? 2.043   -7.620  -4.953  1.00 18.45 ? 85   ILE A CA  1 
ATOM   643  C  C   . ILE A 1 85  ? 1.662   -8.568  -3.814  1.00 18.81 ? 85   ILE A C   1 
ATOM   644  O  O   . ILE A 1 85  ? 0.582   -8.449  -3.225  1.00 16.58 ? 85   ILE A O   1 
ATOM   645  C  CB  . ILE A 1 85  ? 1.757   -8.289  -6.316  1.00 20.00 ? 85   ILE A CB  1 
ATOM   646  C  CG1 . ILE A 1 85  ? 2.007   -7.272  -7.436  1.00 22.47 ? 85   ILE A CG1 1 
ATOM   647  C  CG2 . ILE A 1 85  ? 0.316   -8.799  -6.364  1.00 19.01 ? 85   ILE A CG2 1 
ATOM   648  C  CD1 . ILE A 1 85  ? 1.874   -7.830  -8.830  1.00 25.93 ? 85   ILE A CD1 1 
ATOM   649  N  N   . ARG A 1 86  ? 2.550   -9.508  -3.498  1.00 15.74 ? 86   ARG A N   1 
ATOM   650  C  CA  . ARG A 1 86  ? 2.287   -10.431 -2.400  1.00 17.03 ? 86   ARG A CA  1 
ATOM   651  C  C   . ARG A 1 86  ? 2.173   -9.643  -1.101  1.00 16.05 ? 86   ARG A C   1 
ATOM   652  O  O   . ARG A 1 86  ? 1.319   -9.932  -0.265  1.00 16.17 ? 86   ARG A O   1 
ATOM   653  C  CB  . ARG A 1 86  ? 3.397   -11.481 -2.278  1.00 20.56 ? 86   ARG A CB  1 
ATOM   654  C  CG  . ARG A 1 86  ? 3.423   -12.481 -3.426  1.00 22.47 ? 86   ARG A CG  1 
ATOM   655  C  CD  . ARG A 1 86  ? 4.278   -13.695 -3.088  1.00 26.44 ? 86   ARG A CD  1 
ATOM   656  N  NE  . ARG A 1 86  ? 5.707   -13.390 -3.109  1.00 30.35 ? 86   ARG A NE  1 
ATOM   657  C  CZ  . ARG A 1 86  ? 6.472   -13.449 -4.195  1.00 30.65 ? 86   ARG A CZ  1 
ATOM   658  N  NH1 . ARG A 1 86  ? 7.762   -13.148 -4.113  1.00 31.75 ? 86   ARG A NH1 1 
ATOM   659  N  NH2 . ARG A 1 86  ? 5.955   -13.825 -5.356  1.00 30.04 ? 86   ARG A NH2 1 
ATOM   660  N  N   . GLU A 1 87  ? 3.025   -8.632  -0.933  1.00 15.71 ? 87   GLU A N   1 
ATOM   661  C  CA  . GLU A 1 87  ? 2.978   -7.815  0.269   1.00 17.85 ? 87   GLU A CA  1 
ATOM   662  C  C   . GLU A 1 87  ? 1.672   -7.040  0.354   1.00 17.27 ? 87   GLU A C   1 
ATOM   663  O  O   . GLU A 1 87  ? 1.077   -6.931  1.424   1.00 18.43 ? 87   GLU A O   1 
ATOM   664  C  CB  . GLU A 1 87  ? 4.161   -6.840  0.293   1.00 21.35 ? 87   GLU A CB  1 
ATOM   665  C  CG  . GLU A 1 87  ? 5.465   -7.477  0.736   1.00 26.55 ? 87   GLU A CG  1 
ATOM   666  C  CD  . GLU A 1 87  ? 5.460   -7.832  2.209   1.00 29.86 ? 87   GLU A CD  1 
ATOM   667  O  OE1 . GLU A 1 87  ? 5.636   -6.921  3.044   1.00 33.94 ? 87   GLU A OE1 1 
ATOM   668  O  OE2 . GLU A 1 87  ? 5.265   -9.020  2.535   1.00 32.52 ? 87   GLU A OE2 1 
ATOM   669  N  N   . ALA A 1 88  ? 1.232   -6.498  -0.776  1.00 16.45 ? 88   ALA A N   1 
ATOM   670  C  CA  . ALA A 1 88  ? -0.010  -5.737  -0.807  1.00 15.56 ? 88   ALA A CA  1 
ATOM   671  C  C   . ALA A 1 88  ? -1.168  -6.667  -0.462  1.00 14.40 ? 88   ALA A C   1 
ATOM   672  O  O   . ALA A 1 88  ? -2.068  -6.297  0.290   1.00 15.39 ? 88   ALA A O   1 
ATOM   673  C  CB  . ALA A 1 88  ? -0.217  -5.123  -2.184  1.00 17.73 ? 88   ALA A CB  1 
ATOM   674  N  N   . PHE A 1 89  ? -1.138  -7.875  -1.016  1.00 14.28 ? 89   PHE A N   1 
ATOM   675  C  CA  . PHE A 1 89  ? -2.202  -8.838  -0.742  1.00 15.88 ? 89   PHE A CA  1 
ATOM   676  C  C   . PHE A 1 89  ? -2.313  -9.082  0.762   1.00 17.14 ? 89   PHE A C   1 
ATOM   677  O  O   . PHE A 1 89  ? -3.407  -9.087  1.318   1.00 16.60 ? 89   PHE A O   1 
ATOM   678  C  CB  . PHE A 1 89  ? -1.934  -10.169 -1.450  1.00 14.56 ? 89   PHE A CB  1 
ATOM   679  C  CG  . PHE A 1 89  ? -3.079  -11.145 -1.341  1.00 15.50 ? 89   PHE A CG  1 
ATOM   680  C  CD1 . PHE A 1 89  ? -4.200  -11.012 -2.153  1.00 13.46 ? 89   PHE A CD1 1 
ATOM   681  C  CD2 . PHE A 1 89  ? -3.055  -12.164 -0.393  1.00 14.91 ? 89   PHE A CD2 1 
ATOM   682  C  CE1 . PHE A 1 89  ? -5.281  -11.875 -2.024  1.00 16.73 ? 89   PHE A CE1 1 
ATOM   683  C  CE2 . PHE A 1 89  ? -4.135  -13.035 -0.253  1.00 18.83 ? 89   PHE A CE2 1 
ATOM   684  C  CZ  . PHE A 1 89  ? -5.250  -12.889 -1.073  1.00 15.12 ? 89   PHE A CZ  1 
ATOM   685  N  N   . ARG A 1 90  ? -1.177  -9.294  1.420   1.00 16.26 ? 90   ARG A N   1 
ATOM   686  C  CA  . ARG A 1 90  ? -1.178  -9.525  2.861   1.00 16.13 ? 90   ARG A CA  1 
ATOM   687  C  C   . ARG A 1 90  ? -1.726  -8.321  3.642   1.00 15.65 ? 90   ARG A C   1 
ATOM   688  O  O   . ARG A 1 90  ? -2.344  -8.486  4.688   1.00 17.60 ? 90   ARG A O   1 
ATOM   689  C  CB  . ARG A 1 90  ? 0.231   -9.882  3.336   1.00 19.02 ? 90   ARG A CB  1 
ATOM   690  C  CG  . ARG A 1 90  ? 0.637   -11.314 2.990   1.00 24.01 ? 90   ARG A CG  1 
ATOM   691  C  CD  . ARG A 1 90  ? 1.930   -11.714 3.687   1.00 27.47 ? 90   ARG A CD  1 
ATOM   692  N  NE  . ARG A 1 90  ? 3.117   -11.189 3.018   1.00 29.03 ? 90   ARG A NE  1 
ATOM   693  C  CZ  . ARG A 1 90  ? 3.726   -11.787 1.999   1.00 28.52 ? 90   ARG A CZ  1 
ATOM   694  N  NH1 . ARG A 1 90  ? 4.799   -11.236 1.453   1.00 27.80 ? 90   ARG A NH1 1 
ATOM   695  N  NH2 . ARG A 1 90  ? 3.274   -12.938 1.534   1.00 29.73 ? 90   ARG A NH2 1 
ATOM   696  N  N   . VAL A 1 91  ? -1.502  -7.111  3.133   1.00 15.40 ? 91   VAL A N   1 
ATOM   697  C  CA  . VAL A 1 91  ? -2.025  -5.922  3.799   1.00 15.82 ? 91   VAL A CA  1 
ATOM   698  C  C   . VAL A 1 91  ? -3.555  -5.980  3.780   1.00 16.60 ? 91   VAL A C   1 
ATOM   699  O  O   . VAL A 1 91  ? -4.223  -5.665  4.772   1.00 15.84 ? 91   VAL A O   1 
ATOM   700  C  CB  . VAL A 1 91  ? -1.550  -4.628  3.086   1.00 18.22 ? 91   VAL A CB  1 
ATOM   701  C  CG1 . VAL A 1 91  ? -2.369  -3.427  3.564   1.00 18.29 ? 91   VAL A CG1 1 
ATOM   702  C  CG2 . VAL A 1 91  ? -0.078  -4.394  3.378   1.00 19.35 ? 91   VAL A CG2 1 
ATOM   703  N  N   . PHE A 1 92  ? -4.107  -6.389  2.645   1.00 14.97 ? 92   PHE A N   1 
ATOM   704  C  CA  . PHE A 1 92  ? -5.553  -6.493  2.508   1.00 16.31 ? 92   PHE A CA  1 
ATOM   705  C  C   . PHE A 1 92  ? -6.104  -7.678  3.308   1.00 14.69 ? 92   PHE A C   1 
ATOM   706  O  O   . PHE A 1 92  ? -7.047  -7.525  4.081   1.00 14.51 ? 92   PHE A O   1 
ATOM   707  C  CB  . PHE A 1 92  ? -5.928  -6.679  1.038   1.00 16.46 ? 92   PHE A CB  1 
ATOM   708  C  CG  . PHE A 1 92  ? -5.942  -5.405  0.244   1.00 19.01 ? 92   PHE A CG  1 
ATOM   709  C  CD1 . PHE A 1 92  ? -7.041  -4.560  0.289   1.00 21.76 ? 92   PHE A CD1 1 
ATOM   710  C  CD2 . PHE A 1 92  ? -4.861  -5.056  -0.552  1.00 19.66 ? 92   PHE A CD2 1 
ATOM   711  C  CE1 . PHE A 1 92  ? -7.067  -3.382  -0.452  1.00 22.58 ? 92   PHE A CE1 1 
ATOM   712  C  CE2 . PHE A 1 92  ? -4.873  -3.880  -1.299  1.00 22.23 ? 92   PHE A CE2 1 
ATOM   713  C  CZ  . PHE A 1 92  ? -5.979  -3.043  -1.248  1.00 20.88 ? 92   PHE A CZ  1 
ATOM   714  N  N   . ASP A 1 93  ? -5.487  -8.843  3.121   1.00 15.32 ? 93   ASP A N   1 
ATOM   715  C  CA  . ASP A 1 93  ? -5.923  -10.086 3.769   1.00 16.16 ? 93   ASP A CA  1 
ATOM   716  C  C   . ASP A 1 93  ? -5.535  -10.162 5.242   1.00 16.42 ? 93   ASP A C   1 
ATOM   717  O  O   . ASP A 1 93  ? -4.696  -10.974 5.633   1.00 16.88 ? 93   ASP A O   1 
ATOM   718  C  CB  . ASP A 1 93  ? -5.322  -11.279 3.029   1.00 15.97 ? 93   ASP A CB  1 
ATOM   719  C  CG  . ASP A 1 93  ? -5.874  -12.597 3.518   1.00 16.03 ? 93   ASP A CG  1 
ATOM   720  O  OD1 . ASP A 1 93  ? -5.230  -13.634 3.278   1.00 15.74 ? 93   ASP A OD1 1 
ATOM   721  O  OD2 . ASP A 1 93  ? -6.957  -12.587 4.134   1.00 15.92 ? 93   ASP A OD2 1 
ATOM   722  N  N   . LYS A 1 94  ? -6.170  -9.340  6.065   1.00 17.07 ? 94   LYS A N   1 
ATOM   723  C  CA  . LYS A 1 94  ? -5.844  -9.304  7.479   1.00 18.13 ? 94   LYS A CA  1 
ATOM   724  C  C   . LYS A 1 94  ? -5.987  -10.596 8.265   1.00 18.12 ? 94   LYS A C   1 
ATOM   725  O  O   . LYS A 1 94  ? -5.163  -10.872 9.147   1.00 17.89 ? 94   LYS A O   1 
ATOM   726  C  CB  . LYS A 1 94  ? -6.628  -8.179  8.149   1.00 19.45 ? 94   LYS A CB  1 
ATOM   727  C  CG  . LYS A 1 94  ? -6.086  -6.817  7.753   1.00 21.47 ? 94   LYS A CG  1 
ATOM   728  C  CD  . LYS A 1 94  ? -6.876  -5.691  8.367   1.00 23.87 ? 94   LYS A CD  1 
ATOM   729  C  CE  . LYS A 1 94  ? -6.161  -4.365  8.154   1.00 25.04 ? 94   LYS A CE  1 
ATOM   730  N  NZ  . LYS A 1 94  ? -5.841  -4.113  6.715   1.00 23.44 ? 94   LYS A NZ  1 
ATOM   731  N  N   . ASP A 1 95  ? -7.000  -11.404 7.965   1.00 16.79 ? 95   ASP A N   1 
ATOM   732  C  CA  . ASP A 1 95  ? -7.141  -12.643 8.719   1.00 16.32 ? 95   ASP A CA  1 
ATOM   733  C  C   . ASP A 1 95  ? -6.321  -13.808 8.160   1.00 17.42 ? 95   ASP A C   1 
ATOM   734  O  O   . ASP A 1 95  ? -6.395  -14.932 8.668   1.00 19.04 ? 95   ASP A O   1 
ATOM   735  C  CB  . ASP A 1 95  ? -8.620  -13.030 8.862   1.00 16.85 ? 95   ASP A CB  1 
ATOM   736  C  CG  . ASP A 1 95  ? -9.266  -13.453 7.556   1.00 17.49 ? 95   ASP A CG  1 
ATOM   737  O  OD1 . ASP A 1 95  ? -8.598  -13.472 6.502   1.00 18.45 ? 95   ASP A OD1 1 
ATOM   738  O  OD2 . ASP A 1 95  ? -10.474 -13.774 7.601   1.00 21.09 ? 95   ASP A OD2 1 
ATOM   739  N  N   . GLY A 1 96  ? -5.535  -13.531 7.122   1.00 17.70 ? 96   GLY A N   1 
ATOM   740  C  CA  . GLY A 1 96  ? -4.683  -14.542 6.514   1.00 18.82 ? 96   GLY A CA  1 
ATOM   741  C  C   . GLY A 1 96  ? -5.336  -15.780 5.925   1.00 19.05 ? 96   GLY A C   1 
ATOM   742  O  O   . GLY A 1 96  ? -4.683  -16.815 5.775   1.00 21.31 ? 96   GLY A O   1 
ATOM   743  N  N   . ASN A 1 97  ? -6.610  -15.694 5.555   1.00 17.36 ? 97   ASN A N   1 
ATOM   744  C  CA  . ASN A 1 97  ? -7.277  -16.865 5.008   1.00 17.88 ? 97   ASN A CA  1 
ATOM   745  C  C   . ASN A 1 97  ? -7.139  -17.011 3.494   1.00 17.63 ? 97   ASN A C   1 
ATOM   746  O  O   . ASN A 1 97  ? -7.723  -17.909 2.891   1.00 18.00 ? 97   ASN A O   1 
ATOM   747  C  CB  . ASN A 1 97  ? -8.745  -16.867 5.441   1.00 15.08 ? 97   ASN A CB  1 
ATOM   748  C  CG  . ASN A 1 97  ? -9.601  -15.929 4.633   1.00 17.68 ? 97   ASN A CG  1 
ATOM   749  O  OD1 . ASN A 1 97  ? -9.108  -14.981 4.021   1.00 14.97 ? 97   ASN A OD1 1 
ATOM   750  N  ND2 . ASN A 1 97  ? -10.908 -16.179 4.639   1.00 14.13 ? 97   ASN A ND2 1 
ATOM   751  N  N   . GLY A 1 98  ? -6.350  -16.131 2.887   1.00 16.29 ? 98   GLY A N   1 
ATOM   752  C  CA  . GLY A 1 98  ? -6.132  -16.199 1.455   1.00 15.97 ? 98   GLY A CA  1 
ATOM   753  C  C   . GLY A 1 98  ? -7.196  -15.560 0.589   1.00 15.38 ? 98   GLY A C   1 
ATOM   754  O  O   . GLY A 1 98  ? -7.131  -15.655 -0.631  1.00 14.69 ? 98   GLY A O   1 
ATOM   755  N  N   . TYR A 1 99  ? -8.174  -14.913 1.219   1.00 15.17 ? 99   TYR A N   1 
ATOM   756  C  CA  . TYR A 1 99  ? -9.259  -14.254 0.493   1.00 16.07 ? 99   TYR A CA  1 
ATOM   757  C  C   . TYR A 1 99  ? -9.486  -12.847 1.021   1.00 16.21 ? 99   TYR A C   1 
ATOM   758  O  O   . TYR A 1 99  ? -9.569  -12.648 2.230   1.00 16.33 ? 99   TYR A O   1 
ATOM   759  C  CB  . TYR A 1 99  ? -10.555 -15.045 0.664   1.00 15.79 ? 99   TYR A CB  1 
ATOM   760  C  CG  . TYR A 1 99  ? -10.516 -16.407 0.029   1.00 15.13 ? 99   TYR A CG  1 
ATOM   761  C  CD1 . TYR A 1 99  ? -10.640 -16.559 -1.348  1.00 14.98 ? 99   TYR A CD1 1 
ATOM   762  C  CD2 . TYR A 1 99  ? -10.308 -17.545 0.805   1.00 17.98 ? 99   TYR A CD2 1 
ATOM   763  C  CE1 . TYR A 1 99  ? -10.555 -17.814 -1.941  1.00 16.29 ? 99   TYR A CE1 1 
ATOM   764  C  CE2 . TYR A 1 99  ? -10.218 -18.803 0.223   1.00 15.53 ? 99   TYR A CE2 1 
ATOM   765  C  CZ  . TYR A 1 99  ? -10.340 -18.928 -1.147  1.00 18.10 ? 99   TYR A CZ  1 
ATOM   766  O  OH  . TYR A 1 99  ? -10.228 -20.165 -1.733  1.00 17.72 ? 99   TYR A OH  1 
ATOM   767  N  N   . ILE A 1 100 ? -9.578  -11.873 0.122   1.00 13.99 ? 100  ILE A N   1 
ATOM   768  C  CA  . ILE A 1 100 ? -9.835  -10.506 0.542   1.00 12.40 ? 100  ILE A CA  1 
ATOM   769  C  C   . ILE A 1 100 ? -11.351 -10.348 0.538   1.00 12.37 ? 100  ILE A C   1 
ATOM   770  O  O   . ILE A 1 100 ? -11.989 -10.453 -0.506  1.00 12.85 ? 100  ILE A O   1 
ATOM   771  C  CB  . ILE A 1 100 ? -9.231  -9.469  -0.426  1.00 12.92 ? 100  ILE A CB  1 
ATOM   772  C  CG1 . ILE A 1 100 ? -7.705  -9.609  -0.466  1.00 14.60 ? 100  ILE A CG1 1 
ATOM   773  C  CG2 . ILE A 1 100 ? -9.594  -8.056  0.039   1.00 13.11 ? 100  ILE A CG2 1 
ATOM   774  C  CD1 . ILE A 1 100 ? -7.035  -8.726  -1.504  1.00 14.62 ? 100  ILE A CD1 1 
ATOM   775  N  N   . SER A 1 101 ? -11.920 -10.113 1.711   1.00 13.30 ? 101  SER A N   1 
ATOM   776  C  CA  . SER A 1 101 ? -13.359 -9.941  1.824   1.00 12.91 ? 101  SER A CA  1 
ATOM   777  C  C   . SER A 1 101 ? -13.692 -8.479  1.587   1.00 13.69 ? 101  SER A C   1 
ATOM   778  O  O   . SER A 1 101 ? -12.803 -7.628  1.550   1.00 13.93 ? 101  SER A O   1 
ATOM   779  C  CB  . SER A 1 101 ? -13.832 -10.327 3.227   1.00 16.21 ? 101  SER A CB  1 
ATOM   780  O  OG  . SER A 1 101 ? -13.266 -9.463  4.207   1.00 16.50 ? 101  SER A OG  1 
ATOM   781  N  N   . ALA A 1 102 ? -14.980 -8.193  1.427   1.00 14.65 ? 102  ALA A N   1 
ATOM   782  C  CA  . ALA A 1 102 ? -15.445 -6.828  1.230   1.00 15.83 ? 102  ALA A CA  1 
ATOM   783  C  C   . ALA A 1 102 ? -15.004 -5.963  2.412   1.00 14.98 ? 102  ALA A C   1 
ATOM   784  O  O   . ALA A 1 102 ? -14.539 -4.836  2.235   1.00 16.27 ? 102  ALA A O   1 
ATOM   785  C  CB  . ALA A 1 102 ? -16.968 -6.807  1.110   1.00 17.36 ? 102  ALA A CB  1 
ATOM   786  N  N   . ALA A 1 103 ? -15.150 -6.487  3.626   1.00 12.21 ? 103  ALA A N   1 
ATOM   787  C  CA  . ALA A 1 103 ? -14.758 -5.723  4.803   1.00 13.71 ? 103  ALA A CA  1 
ATOM   788  C  C   . ALA A 1 103 ? -13.262 -5.460  4.801   1.00 14.04 ? 103  ALA A C   1 
ATOM   789  O  O   . ALA A 1 103 ? -12.822 -4.383  5.183   1.00 12.92 ? 103  ALA A O   1 
ATOM   790  C  CB  . ALA A 1 103 ? -15.143 -6.457  6.070   1.00 12.42 ? 103  ALA A CB  1 
ATOM   791  N  N   . GLU A 1 104 ? -12.476 -6.448  4.385   1.00 13.31 ? 104  GLU A N   1 
ATOM   792  C  CA  . GLU A 1 104 ? -11.029 -6.262  4.372   1.00 11.98 ? 104  GLU A CA  1 
ATOM   793  C  C   . GLU A 1 104 ? -10.626 -5.210  3.362   1.00 14.13 ? 104  GLU A C   1 
ATOM   794  O  O   . GLU A 1 104 ? -9.740  -4.396  3.632   1.00 14.39 ? 104  GLU A O   1 
ATOM   795  C  CB  . GLU A 1 104 ? -10.312 -7.584  4.082   1.00 12.62 ? 104  GLU A CB  1 
ATOM   796  C  CG  . GLU A 1 104 ? -10.217 -8.474  5.323   1.00 13.70 ? 104  GLU A CG  1 
ATOM   797  C  CD  . GLU A 1 104 ? -9.723  -9.878  5.013   1.00 11.95 ? 104  GLU A CD  1 
ATOM   798  O  OE1 . GLU A 1 104 ? -9.318  -10.595 5.960   1.00 15.58 ? 104  GLU A OE1 1 
ATOM   799  O  OE2 . GLU A 1 104 ? -9.745  -10.274 3.837   1.00 12.61 ? 104  GLU A OE2 1 
ATOM   800  N  N   . LEU A 1 105 ? -11.276 -5.212  2.204   1.00 12.52 ? 105  LEU A N   1 
ATOM   801  C  CA  . LEU A 1 105 ? -10.954 -4.223  1.190   1.00 13.63 ? 105  LEU A CA  1 
ATOM   802  C  C   . LEU A 1 105 ? -11.363 -2.841  1.686   1.00 13.16 ? 105  LEU A C   1 
ATOM   803  O  O   . LEU A 1 105 ? -10.603 -1.884  1.574   1.00 12.46 ? 105  LEU A O   1 
ATOM   804  C  CB  . LEU A 1 105 ? -11.666 -4.550  -0.122  1.00 14.71 ? 105  LEU A CB  1 
ATOM   805  C  CG  . LEU A 1 105 ? -11.474 -3.539  -1.255  1.00 18.60 ? 105  LEU A CG  1 
ATOM   806  C  CD1 . LEU A 1 105 ? -11.539 -4.263  -2.585  1.00 22.22 ? 105  LEU A CD1 1 
ATOM   807  C  CD2 . LEU A 1 105 ? -12.538 -2.450  -1.180  1.00 21.34 ? 105  LEU A CD2 1 
ATOM   808  N  N   . ARG A 1 106 ? -12.566 -2.731  2.242   1.00 13.46 ? 106  ARG A N   1 
ATOM   809  C  CA  . ARG A 1 106 ? -13.024 -1.445  2.754   1.00 14.30 ? 106  ARG A CA  1 
ATOM   810  C  C   . ARG A 1 106 ? -12.063 -0.880  3.790   1.00 14.08 ? 106  ARG A C   1 
ATOM   811  O  O   . ARG A 1 106 ? -11.765 0.316   3.795   1.00 15.51 ? 106  ARG A O   1 
ATOM   812  C  CB  . ARG A 1 106 ? -14.401 -1.576  3.412   1.00 15.11 ? 106  ARG A CB  1 
ATOM   813  C  CG  . ARG A 1 106 ? -14.926 -0.247  3.931   1.00 15.65 ? 106  ARG A CG  1 
ATOM   814  C  CD  . ARG A 1 106 ? -16.031 -0.394  4.981   1.00 18.58 ? 106  ARG A CD  1 
ATOM   815  N  NE  . ARG A 1 106 ? -17.261 -0.965  4.438   1.00 20.66 ? 106  ARG A NE  1 
ATOM   816  C  CZ  . ARG A 1 106 ? -17.694 -2.194  4.703   1.00 23.10 ? 106  ARG A CZ  1 
ATOM   817  N  NH1 . ARG A 1 106 ? -18.827 -2.632  4.169   1.00 24.83 ? 106  ARG A NH1 1 
ATOM   818  N  NH2 . ARG A 1 106 ? -16.997 -2.985  5.506   1.00 21.33 ? 106  ARG A NH2 1 
ATOM   819  N  N   . HIS A 1 107 ? -11.580 -1.747  4.674   1.00 14.51 ? 107  HIS A N   1 
ATOM   820  C  CA  . HIS A 1 107 ? -10.696 -1.312  5.739   1.00 14.43 ? 107  HIS A CA  1 
ATOM   821  C  C   . HIS A 1 107 ? -9.451  -0.627  5.213   1.00 13.95 ? 107  HIS A C   1 
ATOM   822  O  O   . HIS A 1 107 ? -9.049  0.406   5.742   1.00 14.80 ? 107  HIS A O   1 
ATOM   823  C  CB  . HIS A 1 107 ? -10.317 -2.485  6.644   1.00 15.05 ? 107  HIS A CB  1 
ATOM   824  C  CG  . HIS A 1 107 ? -9.700  -2.061  7.939   1.00 16.08 ? 107  HIS A CG  1 
ATOM   825  N  ND1 . HIS A 1 107 ? -8.365  -1.741  8.061   1.00 18.09 ? 107  HIS A ND1 1 
ATOM   826  C  CD2 . HIS A 1 107 ? -10.248 -1.861  9.162   1.00 16.89 ? 107  HIS A CD2 1 
ATOM   827  C  CE1 . HIS A 1 107 ? -8.117  -1.362  9.302   1.00 19.19 ? 107  HIS A CE1 1 
ATOM   828  N  NE2 . HIS A 1 107 ? -9.244  -1.425  9.990   1.00 18.27 ? 107  HIS A NE2 1 
ATOM   829  N  N   . VAL A 1 108 ? -8.846  -1.191  4.170   1.00 13.41 ? 108  VAL A N   1 
ATOM   830  C  CA  . VAL A 1 108 ? -7.647  -0.588  3.599   1.00 14.57 ? 108  VAL A CA  1 
ATOM   831  C  C   . VAL A 1 108 ? -7.986  0.751   2.957   1.00 15.07 ? 108  VAL A C   1 
ATOM   832  O  O   . VAL A 1 108 ? -7.275  1.736   3.147   1.00 17.36 ? 108  VAL A O   1 
ATOM   833  C  CB  . VAL A 1 108 ? -6.995  -1.501  2.545   1.00 16.17 ? 108  VAL A CB  1 
ATOM   834  C  CG1 . VAL A 1 108 ? -5.808  -0.785  1.905   1.00 15.45 ? 108  VAL A CG1 1 
ATOM   835  C  CG2 . VAL A 1 108 ? -6.516  -2.796  3.199   1.00 17.40 ? 108  VAL A CG2 1 
ATOM   836  N  N   . MET A 1 109 ? -9.076  0.790   2.200   1.00 16.92 ? 109  MET A N   1 
ATOM   837  C  CA  . MET A 1 109 ? -9.487  2.026   1.541   1.00 16.41 ? 109  MET A CA  1 
ATOM   838  C  C   . MET A 1 109 ? -9.779  3.122   2.560   1.00 18.16 ? 109  MET A C   1 
ATOM   839  O  O   . MET A 1 109 ? -9.436  4.286   2.348   1.00 18.96 ? 109  MET A O   1 
ATOM   840  C  CB  . MET A 1 109 ? -10.722 1.767   0.678   1.00 15.85 ? 109  MET A CB  1 
ATOM   841  C  CG  . MET A 1 109 ? -10.469 0.804   -0.480  1.00 16.55 ? 109  MET A CG  1 
ATOM   842  S  SD  . MET A 1 109 ? -9.245  1.431   -1.640  1.00 20.92 ? 109  MET A SD  1 
ATOM   843  C  CE  . MET A 1 109 ? -8.000  0.126   -1.614  1.00 21.01 ? 109  MET A CE  1 
ATOM   844  N  N   . THR A 1 110 ? -10.415 2.751   3.665   1.00 17.30 ? 110  THR A N   1 
ATOM   845  C  CA  . THR A 1 110 ? -10.740 3.718   4.708   1.00 20.18 ? 110  THR A CA  1 
ATOM   846  C  C   . THR A 1 110 ? -9.438  4.318   5.223   1.00 22.16 ? 110  THR A C   1 
ATOM   847  O  O   . THR A 1 110 ? -9.338  5.526   5.457   1.00 20.35 ? 110  THR A O   1 
ATOM   848  C  CB  . THR A 1 110 ? -11.512 3.049   5.868   1.00 21.18 ? 110  THR A CB  1 
ATOM   849  O  OG1 . THR A 1 110 ? -12.779 2.583   5.385   1.00 18.74 ? 110  THR A OG1 1 
ATOM   850  C  CG2 . THR A 1 110 ? -11.748 4.038   7.008   1.00 20.15 ? 110  THR A CG2 1 
ATOM   851  N  N   . ASN A 1 111 ? -8.435  3.462   5.382   1.00 21.56 ? 111  ASN A N   1 
ATOM   852  C  CA  . ASN A 1 111 ? -7.125  3.886   5.854   1.00 24.21 ? 111  ASN A CA  1 
ATOM   853  C  C   . ASN A 1 111 ? -6.477  4.866   4.891   1.00 24.55 ? 111  ASN A C   1 
ATOM   854  O  O   . ASN A 1 111 ? -5.770  5.778   5.311   1.00 25.72 ? 111  ASN A O   1 
ATOM   855  C  CB  . ASN A 1 111 ? -6.216  2.674   6.041   1.00 26.82 ? 111  ASN A CB  1 
ATOM   856  C  CG  . ASN A 1 111 ? -6.115  2.251   7.484   1.00 29.34 ? 111  ASN A CG  1 
ATOM   857  O  OD1 . ASN A 1 111 ? -5.510  2.944   8.298   1.00 32.04 ? 111  ASN A OD1 1 
ATOM   858  N  ND2 . ASN A 1 111 ? -6.719  1.115   7.817   1.00 30.64 ? 111  ASN A ND2 1 
ATOM   859  N  N   . LEU A 1 112 ? -6.711  4.669   3.598   1.00 23.48 ? 112  LEU A N   1 
ATOM   860  C  CA  . LEU A 1 112 ? -6.156  5.560   2.583   1.00 25.73 ? 112  LEU A CA  1 
ATOM   861  C  C   . LEU A 1 112 ? -6.933  6.877   2.562   1.00 27.98 ? 112  LEU A C   1 
ATOM   862  O  O   . LEU A 1 112 ? -6.592  7.802   1.820   1.00 27.01 ? 112  LEU A O   1 
ATOM   863  C  CB  . LEU A 1 112 ? -6.224  4.899   1.202   1.00 27.09 ? 112  LEU A CB  1 
ATOM   864  C  CG  . LEU A 1 112 ? -5.407  3.624   0.980   1.00 28.60 ? 112  LEU A CG  1 
ATOM   865  C  CD1 . LEU A 1 112 ? -5.647  3.109   -0.431  1.00 28.98 ? 112  LEU A CD1 1 
ATOM   866  C  CD2 . LEU A 1 112 ? -3.924  3.907   1.196   1.00 29.22 ? 112  LEU A CD2 1 
ATOM   867  N  N   . GLY A 1 113 ? -7.981  6.957   3.376   1.00 27.41 ? 113  GLY A N   1 
ATOM   868  C  CA  . GLY A 1 113 ? -8.786  8.166   3.425   1.00 30.74 ? 113  GLY A CA  1 
ATOM   869  C  C   . GLY A 1 113 ? -9.941  8.161   2.438   1.00 32.66 ? 113  GLY A C   1 
ATOM   870  O  O   . GLY A 1 113 ? -10.544 9.204   2.168   1.00 32.88 ? 113  GLY A O   1 
ATOM   871  N  N   . GLU A 1 114 ? -10.249 6.985   1.898   1.00 32.95 ? 114  GLU A N   1 
ATOM   872  C  CA  . GLU A 1 114 ? -11.338 6.838   0.941   1.00 34.19 ? 114  GLU A CA  1 
ATOM   873  C  C   . GLU A 1 114 ? -12.544 6.156   1.578   1.00 34.21 ? 114  GLU A C   1 
ATOM   874  O  O   . GLU A 1 114 ? -12.538 4.942   1.786   1.00 34.95 ? 114  GLU A O   1 
ATOM   875  C  CB  . GLU A 1 114 ? -10.875 6.019   -0.265  1.00 35.29 ? 114  GLU A CB  1 
ATOM   876  C  CG  . GLU A 1 114 ? -9.816  6.696   -1.114  1.00 38.53 ? 114  GLU A CG  1 
ATOM   877  C  CD  . GLU A 1 114 ? -10.272 8.044   -1.648  1.00 39.92 ? 114  GLU A CD  1 
ATOM   878  O  OE1 . GLU A 1 114 ? -11.396 8.126   -2.183  1.00 40.31 ? 114  GLU A OE1 1 
ATOM   879  O  OE2 . GLU A 1 114 ? -9.501  9.018   -1.539  1.00 40.89 ? 114  GLU A OE2 1 
ATOM   880  N  N   . LYS A 1 115 ? -13.571 6.942   1.885   1.00 32.84 ? 115  LYS A N   1 
ATOM   881  C  CA  . LYS A 1 115 ? -14.797 6.426   2.491   1.00 33.44 ? 115  LYS A CA  1 
ATOM   882  C  C   . LYS A 1 115 ? -15.704 5.919   1.376   1.00 32.45 ? 115  LYS A C   1 
ATOM   883  O  O   . LYS A 1 115 ? -16.190 6.698   0.557   1.00 33.34 ? 115  LYS A O   1 
ATOM   884  C  CB  . LYS A 1 115 ? -15.515 7.535   3.265   1.00 35.92 ? 115  LYS A CB  1 
ATOM   885  C  CG  . LYS A 1 115 ? -14.651 8.247   4.290   1.00 38.80 ? 115  LYS A CG  1 
ATOM   886  C  CD  . LYS A 1 115 ? -14.355 7.376   5.494   1.00 41.04 ? 115  LYS A CD  1 
ATOM   887  C  CE  . LYS A 1 115 ? -13.534 8.142   6.520   1.00 43.24 ? 115  LYS A CE  1 
ATOM   888  N  NZ  . LYS A 1 115 ? -13.392 7.401   7.801   1.00 43.30 ? 115  LYS A NZ  1 
ATOM   889  N  N   . LEU A 1 116 ? -15.938 4.614   1.347   1.00 29.59 ? 116  LEU A N   1 
ATOM   890  C  CA  . LEU A 1 116 ? -16.771 4.027   0.308   1.00 27.46 ? 116  LEU A CA  1 
ATOM   891  C  C   . LEU A 1 116 ? -18.084 3.468   0.829   1.00 27.11 ? 116  LEU A C   1 
ATOM   892  O  O   . LEU A 1 116 ? -18.148 2.930   1.933   1.00 27.83 ? 116  LEU A O   1 
ATOM   893  C  CB  . LEU A 1 116 ? -16.000 2.913   -0.393  1.00 26.64 ? 116  LEU A CB  1 
ATOM   894  C  CG  . LEU A 1 116 ? -14.677 3.343   -1.024  1.00 26.36 ? 116  LEU A CG  1 
ATOM   895  C  CD1 . LEU A 1 116 ? -13.989 2.139   -1.647  1.00 27.84 ? 116  LEU A CD1 1 
ATOM   896  C  CD2 . LEU A 1 116 ? -14.942 4.412   -2.070  1.00 26.81 ? 116  LEU A CD2 1 
ATOM   897  N  N   . THR A 1 117 ? -19.133 3.592   0.025   1.00 26.64 ? 117  THR A N   1 
ATOM   898  C  CA  . THR A 1 117 ? -20.434 3.062   0.411   1.00 26.39 ? 117  THR A CA  1 
ATOM   899  C  C   . THR A 1 117 ? -20.345 1.558   0.228   1.00 26.14 ? 117  THR A C   1 
ATOM   900  O  O   . THR A 1 117 ? -19.434 1.064   -0.436  1.00 25.13 ? 117  THR A O   1 
ATOM   901  C  CB  . THR A 1 117 ? -21.559 3.586   -0.498  1.00 28.21 ? 117  THR A CB  1 
ATOM   902  O  OG1 . THR A 1 117 ? -21.392 3.055   -1.816  1.00 28.11 ? 117  THR A OG1 1 
ATOM   903  C  CG2 . THR A 1 117 ? -21.535 5.101   -0.561  1.00 28.96 ? 117  THR A CG2 1 
ATOM   904  N  N   . ASP A 1 118 ? -21.290 0.825   0.805   1.00 25.18 ? 118  ASP A N   1 
ATOM   905  C  CA  . ASP A 1 118 ? -21.286 -0.627  0.671   1.00 26.02 ? 118  ASP A CA  1 
ATOM   906  C  C   . ASP A 1 118 ? -21.364 -1.046  -0.794  1.00 26.05 ? 118  ASP A C   1 
ATOM   907  O  O   . ASP A 1 118 ? -20.797 -2.063  -1.185  1.00 26.40 ? 118  ASP A O   1 
ATOM   908  C  CB  . ASP A 1 118 ? -22.457 -1.233  1.443   1.00 29.11 ? 118  ASP A CB  1 
ATOM   909  C  CG  . ASP A 1 118 ? -22.285 -1.115  2.942   1.00 31.89 ? 118  ASP A CG  1 
ATOM   910  O  OD1 . ASP A 1 118 ? -23.232 -1.462  3.686   1.00 34.35 ? 118  ASP A OD1 1 
ATOM   911  O  OD2 . ASP A 1 118 ? -21.199 -0.677  3.377   1.00 30.85 ? 118  ASP A OD2 1 
ATOM   912  N  N   . GLU A 1 119 ? -22.067 -0.261  -1.605  1.00 26.51 ? 119  GLU A N   1 
ATOM   913  C  CA  . GLU A 1 119 ? -22.198 -0.583  -3.021  1.00 26.05 ? 119  GLU A CA  1 
ATOM   914  C  C   . GLU A 1 119 ? -20.873 -0.391  -3.744  1.00 22.77 ? 119  GLU A C   1 
ATOM   915  O  O   . GLU A 1 119 ? -20.507 -1.194  -4.593  1.00 22.72 ? 119  GLU A O   1 
ATOM   916  C  CB  . GLU A 1 119 ? -23.278 0.284   -3.679  1.00 29.82 ? 119  GLU A CB  1 
ATOM   917  C  CG  . GLU A 1 119 ? -23.511 -0.051  -5.146  1.00 34.42 ? 119  GLU A CG  1 
ATOM   918  C  CD  . GLU A 1 119 ? -23.638 -1.546  -5.389  1.00 37.58 ? 119  GLU A CD  1 
ATOM   919  O  OE1 . GLU A 1 119 ? -24.393 -2.209  -4.648  1.00 39.02 ? 119  GLU A OE1 1 
ATOM   920  O  OE2 . GLU A 1 119 ? -22.987 -2.060  -6.323  1.00 41.41 ? 119  GLU A OE2 1 
ATOM   921  N  N   . GLU A 1 120 ? -20.155 0.675   -3.407  1.00 20.03 ? 120  GLU A N   1 
ATOM   922  C  CA  . GLU A 1 120 ? -18.866 0.927   -4.036  1.00 21.29 ? 120  GLU A CA  1 
ATOM   923  C  C   . GLU A 1 120 ? -17.908 -0.206  -3.696  1.00 19.04 ? 120  GLU A C   1 
ATOM   924  O  O   . GLU A 1 120 ? -17.157 -0.674  -4.551  1.00 21.29 ? 120  GLU A O   1 
ATOM   925  C  CB  . GLU A 1 120 ? -18.283 2.254   -3.550  1.00 22.35 ? 120  GLU A CB  1 
ATOM   926  C  CG  . GLU A 1 120 ? -18.914 3.478   -4.184  1.00 25.05 ? 120  GLU A CG  1 
ATOM   927  C  CD  . GLU A 1 120 ? -18.426 4.757   -3.548  1.00 25.25 ? 120  GLU A CD  1 
ATOM   928  O  OE1 . GLU A 1 120 ? -18.722 4.973   -2.353  1.00 25.68 ? 120  GLU A OE1 1 
ATOM   929  O  OE2 . GLU A 1 120 ? -17.742 5.538   -4.240  1.00 28.02 ? 120  GLU A OE2 1 
ATOM   930  N  N   . VAL A 1 121 ? -17.937 -0.641  -2.440  1.00 19.43 ? 121  VAL A N   1 
ATOM   931  C  CA  . VAL A 1 121 ? -17.076 -1.729  -1.992  1.00 19.67 ? 121  VAL A CA  1 
ATOM   932  C  C   . VAL A 1 121 ? -17.396 -3.011  -2.750  1.00 19.64 ? 121  VAL A C   1 
ATOM   933  O  O   . VAL A 1 121 ? -16.496 -3.691  -3.240  1.00 18.38 ? 121  VAL A O   1 
ATOM   934  C  CB  . VAL A 1 121 ? -17.240 -1.985  -0.479  1.00 20.62 ? 121  VAL A CB  1 
ATOM   935  C  CG1 . VAL A 1 121 ? -16.414 -3.204  -0.056  1.00 22.79 ? 121  VAL A CG1 1 
ATOM   936  C  CG2 . VAL A 1 121 ? -16.813 -0.753  0.296   1.00 23.06 ? 121  VAL A CG2 1 
ATOM   937  N  N   . ASP A 1 122 ? -18.682 -3.346  -2.847  1.00 19.83 ? 122  ASP A N   1 
ATOM   938  C  CA  . ASP A 1 122 ? -19.067 -4.553  -3.567  1.00 21.66 ? 122  ASP A CA  1 
ATOM   939  C  C   . ASP A 1 122 ? -18.634 -4.459  -5.024  1.00 21.80 ? 122  ASP A C   1 
ATOM   940  O  O   . ASP A 1 122 ? -18.236 -5.454  -5.623  1.00 20.99 ? 122  ASP A O   1 
ATOM   941  C  CB  . ASP A 1 122 ? -20.579 -4.779  -3.487  1.00 25.11 ? 122  ASP A CB  1 
ATOM   942  C  CG  . ASP A 1 122 ? -21.042 -5.103  -2.084  1.00 29.94 ? 122  ASP A CG  1 
ATOM   943  O  OD1 . ASP A 1 122 ? -20.394 -5.950  -1.431  1.00 31.10 ? 122  ASP A OD1 1 
ATOM   944  O  OD2 . ASP A 1 122 ? -22.054 -4.520  -1.637  1.00 32.96 ? 122  ASP A OD2 1 
ATOM   945  N  N   . GLU A 1 123 ? -18.696 -3.256  -5.585  1.00 22.22 ? 123  GLU A N   1 
ATOM   946  C  CA  . GLU A 1 123 ? -18.303 -3.059  -6.975  1.00 23.41 ? 123  GLU A CA  1 
ATOM   947  C  C   . GLU A 1 123 ? -16.798 -3.236  -7.140  1.00 21.51 ? 123  GLU A C   1 
ATOM   948  O  O   . GLU A 1 123 ? -16.342 -3.756  -8.151  1.00 21.87 ? 123  GLU A O   1 
ATOM   949  C  CB  . GLU A 1 123 ? -18.724 -1.671  -7.460  1.00 26.65 ? 123  GLU A CB  1 
ATOM   950  C  CG  . GLU A 1 123 ? -18.408 -1.398  -8.927  1.00 33.96 ? 123  GLU A CG  1 
ATOM   951  C  CD  . GLU A 1 123 ? -19.035 -2.413  -9.870  1.00 37.88 ? 123  GLU A CD  1 
ATOM   952  O  OE1 . GLU A 1 123 ? -20.266 -2.615  -9.795  1.00 38.09 ? 123  GLU A OE1 1 
ATOM   953  O  OE2 . GLU A 1 123 ? -18.297 -3.003  -10.693 1.00 41.82 ? 123  GLU A OE2 1 
ATOM   954  N  N   . MET A 1 124 ? -16.028 -2.806  -6.142  1.00 21.11 ? 124  MET A N   1 
ATOM   955  C  CA  . MET A 1 124 ? -14.575 -2.948  -6.196  1.00 23.60 ? 124  MET A CA  1 
ATOM   956  C  C   . MET A 1 124 ? -14.207 -4.422  -6.147  1.00 25.06 ? 124  MET A C   1 
ATOM   957  O  O   . MET A 1 124 ? -13.286 -4.870  -6.829  1.00 26.49 ? 124  MET A O   1 
ATOM   958  C  CB  . MET A 1 124 ? -13.904 -2.213  -5.033  1.00 25.27 ? 124  MET A CB  1 
ATOM   959  C  CG  . MET A 1 124 ? -13.752 -0.716  -5.241  1.00 28.73 ? 124  MET A CG  1 
ATOM   960  S  SD  . MET A 1 124 ? -12.645 0.049   -4.030  1.00 32.79 ? 124  MET A SD  1 
ATOM   961  C  CE  . MET A 1 124 ? -11.093 -0.478  -4.600  1.00 28.17 ? 124  MET A CE  1 
ATOM   962  N  N   . ILE A 1 125 ? -14.931 -5.170  -5.324  1.00 24.96 ? 125  ILE A N   1 
ATOM   963  C  CA  . ILE A 1 125 ? -14.707 -6.600  -5.200  1.00 26.28 ? 125  ILE A CA  1 
ATOM   964  C  C   . ILE A 1 125 ? -15.060 -7.244  -6.534  1.00 29.22 ? 125  ILE A C   1 
ATOM   965  O  O   . ILE A 1 125 ? -14.248 -7.954  -7.130  1.00 28.37 ? 125  ILE A O   1 
ATOM   966  C  CB  . ILE A 1 125 ? -15.605 -7.199  -4.092  1.00 25.16 ? 125  ILE A CB  1 
ATOM   967  C  CG1 . ILE A 1 125 ? -15.144 -6.694  -2.723  1.00 24.19 ? 125  ILE A CG1 1 
ATOM   968  C  CG2 . ILE A 1 125 ? -15.593 -8.730  -4.160  1.00 25.03 ? 125  ILE A CG2 1 
ATOM   969  C  CD1 . ILE A 1 125 ? -13.810 -7.241  -2.272  1.00 21.63 ? 125  ILE A CD1 1 
ATOM   970  N  N   . ARG A 1 126 ? -16.275 -6.972  -7.003  1.00 31.96 ? 126  ARG A N   1 
ATOM   971  C  CA  . ARG A 1 126 ? -16.768 -7.528  -8.259  1.00 34.65 ? 126  ARG A CA  1 
ATOM   972  C  C   . ARG A 1 126 ? -15.791 -7.323  -9.419  1.00 35.35 ? 126  ARG A C   1 
ATOM   973  O  O   . ARG A 1 126 ? -15.628 -8.204  -10.264 1.00 35.32 ? 126  ARG A O   1 
ATOM   974  C  CB  . ARG A 1 126 ? -18.124 -6.906  -8.608  1.00 36.28 ? 126  ARG A CB  1 
ATOM   975  C  CG  . ARG A 1 126 ? -18.797 -7.540  -9.816  1.00 41.07 ? 126  ARG A CG  1 
ATOM   976  C  CD  . ARG A 1 126 ? -20.114 -6.863  -10.183 1.00 43.00 ? 126  ARG A CD  1 
ATOM   977  N  NE  . ARG A 1 126 ? -21.062 -6.808  -9.071  1.00 45.45 ? 126  ARG A NE  1 
ATOM   978  C  CZ  . ARG A 1 126 ? -21.138 -5.806  -8.200  1.00 46.59 ? 126  ARG A CZ  1 
ATOM   979  N  NH1 . ARG A 1 126 ? -22.030 -5.839  -7.218  1.00 47.58 ? 126  ARG A NH1 1 
ATOM   980  N  NH2 . ARG A 1 126 ? -20.329 -4.762  -8.315  1.00 48.08 ? 126  ARG A NH2 1 
ATOM   981  N  N   . GLU A 1 127 ? -15.140 -6.165  -9.451  1.00 36.28 ? 127  GLU A N   1 
ATOM   982  C  CA  . GLU A 1 127 ? -14.188 -5.841  -10.510 1.00 36.80 ? 127  GLU A CA  1 
ATOM   983  C  C   . GLU A 1 127 ? -12.996 -6.791  -10.589 1.00 34.27 ? 127  GLU A C   1 
ATOM   984  O  O   . GLU A 1 127 ? -12.396 -6.953  -11.650 1.00 35.15 ? 127  GLU A O   1 
ATOM   985  C  CB  . GLU A 1 127 ? -13.681 -4.405  -10.343 1.00 40.39 ? 127  GLU A CB  1 
ATOM   986  C  CG  . GLU A 1 127 ? -14.675 -3.339  -10.784 1.00 45.66 ? 127  GLU A CG  1 
ATOM   987  C  CD  . GLU A 1 127 ? -14.921 -3.350  -12.284 1.00 47.85 ? 127  GLU A CD  1 
ATOM   988  O  OE1 . GLU A 1 127 ? -15.760 -2.554  -12.756 1.00 50.04 ? 127  GLU A OE1 1 
ATOM   989  O  OE2 . GLU A 1 127 ? -14.275 -4.152  -12.994 1.00 49.23 ? 127  GLU A OE2 1 
ATOM   990  N  N   . ALA A 1 128 ? -12.645 -7.413  -9.471  1.00 29.59 ? 128  ALA A N   1 
ATOM   991  C  CA  . ALA A 1 128 ? -11.520 -8.333  -9.462  1.00 27.06 ? 128  ALA A CA  1 
ATOM   992  C  C   . ALA A 1 128 ? -11.977 -9.768  -9.224  1.00 23.88 ? 128  ALA A C   1 
ATOM   993  O  O   . ALA A 1 128 ? -11.251 -10.713 -9.523  1.00 22.72 ? 128  ALA A O   1 
ATOM   994  C  CB  . ALA A 1 128 ? -10.520 -7.924  -8.383  1.00 28.79 ? 128  ALA A CB  1 
ATOM   995  N  N   . ASP A 1 129 ? -13.192 -9.922  -8.705  1.00 22.62 ? 129  ASP A N   1 
ATOM   996  C  CA  . ASP A 1 129 ? -13.738 -11.238 -8.380  1.00 19.35 ? 129  ASP A CA  1 
ATOM   997  C  C   . ASP A 1 129 ? -14.165 -12.083 -9.579  1.00 20.05 ? 129  ASP A C   1 
ATOM   998  O  O   . ASP A 1 129 ? -15.353 -12.275 -9.837  1.00 21.21 ? 129  ASP A O   1 
ATOM   999  C  CB  . ASP A 1 129 ? -14.906 -11.061 -7.414  1.00 20.04 ? 129  ASP A CB  1 
ATOM   1000 C  CG  . ASP A 1 129 ? -15.509 -12.376 -6.977  1.00 18.19 ? 129  ASP A CG  1 
ATOM   1001 O  OD1 . ASP A 1 129 ? -14.826 -13.422 -7.086  1.00 17.45 ? 129  ASP A OD1 1 
ATOM   1002 O  OD2 . ASP A 1 129 ? -16.663 -12.356 -6.500  1.00 21.04 ? 129  ASP A OD2 1 
ATOM   1003 N  N   . ILE A 1 130 ? -13.178 -12.621 -10.280 1.00 19.97 ? 130  ILE A N   1 
ATOM   1004 C  CA  . ILE A 1 130 ? -13.418 -13.435 -11.461 1.00 22.10 ? 130  ILE A CA  1 
ATOM   1005 C  C   . ILE A 1 130 ? -14.383 -14.606 -11.286 1.00 21.37 ? 130  ILE A C   1 
ATOM   1006 O  O   . ILE A 1 130 ? -15.276 -14.790 -12.116 1.00 20.94 ? 130  ILE A O   1 
ATOM   1007 C  CB  . ILE A 1 130 ? -12.087 -13.969 -12.029 1.00 22.98 ? 130  ILE A CB  1 
ATOM   1008 C  CG1 . ILE A 1 130 ? -11.191 -12.797 -12.435 1.00 24.92 ? 130  ILE A CG1 1 
ATOM   1009 C  CG2 . ILE A 1 130 ? -12.353 -14.890 -13.218 1.00 24.61 ? 130  ILE A CG2 1 
ATOM   1010 C  CD1 . ILE A 1 130 ? -11.823 -11.847 -13.440 1.00 29.39 ? 130  ILE A CD1 1 
ATOM   1011 N  N   . ASP A 1 131 ? -14.224 -15.395 -10.224 1.00 18.61 ? 131  ASP A N   1 
ATOM   1012 C  CA  . ASP A 1 131 ? -15.109 -16.545 -10.034 1.00 19.84 ? 131  ASP A CA  1 
ATOM   1013 C  C   . ASP A 1 131 ? -16.421 -16.229 -9.321  1.00 20.59 ? 131  ASP A C   1 
ATOM   1014 O  O   . ASP A 1 131 ? -17.231 -17.123 -9.074  1.00 22.57 ? 131  ASP A O   1 
ATOM   1015 C  CB  . ASP A 1 131 ? -14.373 -17.698 -9.326  1.00 19.50 ? 131  ASP A CB  1 
ATOM   1016 C  CG  . ASP A 1 131 ? -14.013 -17.387 -7.890  1.00 21.68 ? 131  ASP A CG  1 
ATOM   1017 O  OD1 . ASP A 1 131 ? -13.363 -18.249 -7.265  1.00 23.72 ? 131  ASP A OD1 1 
ATOM   1018 O  OD2 . ASP A 1 131 ? -14.372 -16.308 -7.380  1.00 21.95 ? 131  ASP A OD2 1 
ATOM   1019 N  N   . GLY A 1 132 ? -16.624 -14.957 -9.003  1.00 18.52 ? 132  GLY A N   1 
ATOM   1020 C  CA  . GLY A 1 132 ? -17.853 -14.519 -8.361  1.00 22.43 ? 132  GLY A CA  1 
ATOM   1021 C  C   . GLY A 1 132 ? -18.240 -15.045 -6.990  1.00 21.51 ? 132  GLY A C   1 
ATOM   1022 O  O   . GLY A 1 132 ? -19.424 -15.019 -6.649  1.00 23.81 ? 132  GLY A O   1 
ATOM   1023 N  N   . ASP A 1 133 ? -17.284 -15.504 -6.184  1.00 20.86 ? 133  ASP A N   1 
ATOM   1024 C  CA  . ASP A 1 133 ? -17.644 -16.005 -4.860  1.00 19.92 ? 133  ASP A CA  1 
ATOM   1025 C  C   . ASP A 1 133 ? -17.736 -14.917 -3.792  1.00 19.15 ? 133  ASP A C   1 
ATOM   1026 O  O   . ASP A 1 133 ? -17.915 -15.209 -2.610  1.00 20.23 ? 133  ASP A O   1 
ATOM   1027 C  CB  . ASP A 1 133 ? -16.677 -17.106 -4.400  1.00 18.97 ? 133  ASP A CB  1 
ATOM   1028 C  CG  . ASP A 1 133 ? -15.248 -16.615 -4.252  1.00 21.50 ? 133  ASP A CG  1 
ATOM   1029 O  OD1 . ASP A 1 133 ? -14.410 -17.407 -3.766  1.00 17.83 ? 133  ASP A OD1 1 
ATOM   1030 O  OD2 . ASP A 1 133 ? -14.962 -15.455 -4.621  1.00 18.08 ? 133  ASP A OD2 1 
ATOM   1031 N  N   . GLY A 1 134 ? -17.613 -13.660 -4.201  1.00 18.05 ? 134  GLY A N   1 
ATOM   1032 C  CA  . GLY A 1 134 ? -17.713 -12.574 -3.243  1.00 18.37 ? 134  GLY A CA  1 
ATOM   1033 C  C   . GLY A 1 134 ? -16.411 -12.146 -2.600  1.00 18.71 ? 134  GLY A C   1 
ATOM   1034 O  O   . GLY A 1 134 ? -16.384 -11.208 -1.801  1.00 20.29 ? 134  GLY A O   1 
ATOM   1035 N  N   . GLN A 1 135 ? -15.324 -12.832 -2.931  1.00 18.47 ? 135  GLN A N   1 
ATOM   1036 C  CA  . GLN A 1 135 ? -14.035 -12.459 -2.375  1.00 20.58 ? 135  GLN A CA  1 
ATOM   1037 C  C   . GLN A 1 135 ? -12.949 -12.517 -3.433  1.00 19.37 ? 135  GLN A C   1 
ATOM   1038 O  O   . GLN A 1 135 ? -13.116 -13.142 -4.478  1.00 19.24 ? 135  GLN A O   1 
ATOM   1039 C  CB  . GLN A 1 135 ? -13.690 -13.343 -1.174  1.00 23.59 ? 135  GLN A CB  1 
ATOM   1040 C  CG  . GLN A 1 135 ? -13.900 -14.830 -1.379  1.00 27.17 ? 135  GLN A CG  1 
ATOM   1041 C  CD  . GLN A 1 135 ? -13.751 -15.606 -0.088  1.00 30.67 ? 135  GLN A CD  1 
ATOM   1042 O  OE1 . GLN A 1 135 ? -13.616 -16.831 -0.096  1.00 33.97 ? 135  GLN A OE1 1 
ATOM   1043 N  NE2 . GLN A 1 135 ? -13.781 -14.896 1.035   1.00 30.18 ? 135  GLN A NE2 1 
ATOM   1044 N  N   . VAL A 1 136 ? -11.841 -11.839 -3.162  1.00 14.72 ? 136  VAL A N   1 
ATOM   1045 C  CA  . VAL A 1 136 ? -10.724 -11.783 -4.099  1.00 15.71 ? 136  VAL A CA  1 
ATOM   1046 C  C   . VAL A 1 136 ? -9.559  -12.639 -3.592  1.00 14.99 ? 136  VAL A C   1 
ATOM   1047 O  O   . VAL A 1 136 ? -8.977  -12.325 -2.552  1.00 17.00 ? 136  VAL A O   1 
ATOM   1048 C  CB  . VAL A 1 136 ? -10.228 -10.326 -4.256  1.00 14.69 ? 136  VAL A CB  1 
ATOM   1049 C  CG1 . VAL A 1 136 ? -9.078  -10.260 -5.246  1.00 14.69 ? 136  VAL A CG1 1 
ATOM   1050 C  CG2 . VAL A 1 136 ? -11.379 -9.420  -4.707  1.00 16.64 ? 136  VAL A CG2 1 
ATOM   1051 N  N   . ASN A 1 137 ? -9.235  -13.722 -4.301  1.00 16.07 ? 137  ASN A N   1 
ATOM   1052 C  CA  . ASN A 1 137 ? -8.108  -14.554 -3.883  1.00 17.13 ? 137  ASN A CA  1 
ATOM   1053 C  C   . ASN A 1 137 ? -6.836  -13.973 -4.484  1.00 16.39 ? 137  ASN A C   1 
ATOM   1054 O  O   . ASN A 1 137 ? -6.883  -12.948 -5.155  1.00 15.66 ? 137  ASN A O   1 
ATOM   1055 C  CB  . ASN A 1 137 ? -8.277  -16.037 -4.282  1.00 18.19 ? 137  ASN A CB  1 
ATOM   1056 C  CG  . ASN A 1 137 ? -8.425  -16.254 -5.775  1.00 18.98 ? 137  ASN A CG  1 
ATOM   1057 O  OD1 . ASN A 1 137 ? -8.063  -15.411 -6.587  1.00 17.19 ? 137  ASN A OD1 1 
ATOM   1058 N  ND2 . ASN A 1 137 ? -8.953  -17.418 -6.143  1.00 23.97 ? 137  ASN A ND2 1 
ATOM   1059 N  N   . TYR A 1 138 ? -5.698  -14.613 -4.249  1.00 16.76 ? 138  TYR A N   1 
ATOM   1060 C  CA  . TYR A 1 138 ? -4.452  -14.060 -4.758  1.00 15.96 ? 138  TYR A CA  1 
ATOM   1061 C  C   . TYR A 1 138 ? -4.389  -13.975 -6.276  1.00 17.69 ? 138  TYR A C   1 
ATOM   1062 O  O   . TYR A 1 138 ? -3.996  -12.942 -6.823  1.00 16.66 ? 138  TYR A O   1 
ATOM   1063 C  CB  . TYR A 1 138 ? -3.248  -14.851 -4.234  1.00 17.51 ? 138  TYR A CB  1 
ATOM   1064 C  CG  . TYR A 1 138 ? -1.936  -14.246 -4.674  1.00 16.44 ? 138  TYR A CG  1 
ATOM   1065 C  CD1 . TYR A 1 138 ? -1.522  -13.008 -4.185  1.00 19.07 ? 138  TYR A CD1 1 
ATOM   1066 C  CD2 . TYR A 1 138 ? -1.147  -14.873 -5.636  1.00 19.60 ? 138  TYR A CD2 1 
ATOM   1067 C  CE1 . TYR A 1 138 ? -0.358  -12.402 -4.646  1.00 20.84 ? 138  TYR A CE1 1 
ATOM   1068 C  CE2 . TYR A 1 138 ? 0.020   -14.274 -6.107  1.00 20.24 ? 138  TYR A CE2 1 
ATOM   1069 C  CZ  . TYR A 1 138 ? 0.405   -13.038 -5.607  1.00 21.55 ? 138  TYR A CZ  1 
ATOM   1070 O  OH  . TYR A 1 138 ? 1.539   -12.429 -6.094  1.00 22.67 ? 138  TYR A OH  1 
ATOM   1071 N  N   . GLU A 1 139 ? -4.776  -15.054 -6.951  1.00 20.06 ? 139  GLU A N   1 
ATOM   1072 C  CA  . GLU A 1 139 ? -4.768  -15.100 -8.410  1.00 22.30 ? 139  GLU A CA  1 
ATOM   1073 C  C   . GLU A 1 139 ? -5.572  -13.932 -8.964  1.00 20.93 ? 139  GLU A C   1 
ATOM   1074 O  O   . GLU A 1 139 ? -5.143  -13.254 -9.896  1.00 21.77 ? 139  GLU A O   1 
ATOM   1075 C  CB  . GLU A 1 139 ? -5.378  -16.420 -8.894  1.00 26.82 ? 139  GLU A CB  1 
ATOM   1076 C  CG  . GLU A 1 139 ? -5.344  -16.623 -10.400 1.00 33.66 ? 139  GLU A CG  1 
ATOM   1077 C  CD  . GLU A 1 139 ? -6.051  -17.900 -10.828 1.00 38.05 ? 139  GLU A CD  1 
ATOM   1078 O  OE1 . GLU A 1 139 ? -5.780  -18.960 -10.226 1.00 39.55 ? 139  GLU A OE1 1 
ATOM   1079 O  OE2 . GLU A 1 139 ? -6.873  -17.845 -11.769 1.00 40.71 ? 139  GLU A OE2 1 
ATOM   1080 N  N   . GLU A 1 140 ? -6.746  -13.708 -8.384  1.00 20.23 ? 140  GLU A N   1 
ATOM   1081 C  CA  . GLU A 1 140 ? -7.615  -12.617 -8.810  1.00 18.99 ? 140  GLU A CA  1 
ATOM   1082 C  C   . GLU A 1 140 ? -6.984  -11.258 -8.514  1.00 21.30 ? 140  GLU A C   1 
ATOM   1083 O  O   . GLU A 1 140 ? -7.114  -10.320 -9.305  1.00 20.22 ? 140  GLU A O   1 
ATOM   1084 C  CB  . GLU A 1 140 ? -8.975  -12.746 -8.114  1.00 18.13 ? 140  GLU A CB  1 
ATOM   1085 C  CG  . GLU A 1 140 ? -9.805  -13.904 -8.662  1.00 17.21 ? 140  GLU A CG  1 
ATOM   1086 C  CD  . GLU A 1 140 ? -11.013 -14.236 -7.809  1.00 17.25 ? 140  GLU A CD  1 
ATOM   1087 O  OE1 . GLU A 1 140 ? -11.887 -14.987 -8.298  1.00 16.50 ? 140  GLU A OE1 1 
ATOM   1088 O  OE2 . GLU A 1 140 ? -11.093 -13.771 -6.654  1.00 17.40 ? 140  GLU A OE2 1 
ATOM   1089 N  N   . PHE A 1 141 ? -6.288  -11.163 -7.385  1.00 18.67 ? 141  PHE A N   1 
ATOM   1090 C  CA  . PHE A 1 141 ? -5.635  -9.923  -6.991  1.00 18.00 ? 141  PHE A CA  1 
ATOM   1091 C  C   . PHE A 1 141 ? -4.530  -9.560  -7.977  1.00 20.51 ? 141  PHE A C   1 
ATOM   1092 O  O   . PHE A 1 141 ? -4.429  -8.411  -8.405  1.00 22.19 ? 141  PHE A O   1 
ATOM   1093 C  CB  . PHE A 1 141 ? -5.055  -10.073 -5.582  1.00 15.37 ? 141  PHE A CB  1 
ATOM   1094 C  CG  . PHE A 1 141 ? -4.492  -8.808  -5.016  1.00 17.13 ? 141  PHE A CG  1 
ATOM   1095 C  CD1 . PHE A 1 141 ? -3.118  -8.620  -4.935  1.00 17.10 ? 141  PHE A CD1 1 
ATOM   1096 C  CD2 . PHE A 1 141 ? -5.338  -7.812  -4.540  1.00 16.35 ? 141  PHE A CD2 1 
ATOM   1097 C  CE1 . PHE A 1 141 ? -2.592  -7.457  -4.381  1.00 18.21 ? 141  PHE A CE1 1 
ATOM   1098 C  CE2 . PHE A 1 141 ? -4.826  -6.643  -3.984  1.00 21.24 ? 141  PHE A CE2 1 
ATOM   1099 C  CZ  . PHE A 1 141 ? -3.449  -6.464  -3.903  1.00 21.11 ? 141  PHE A CZ  1 
ATOM   1100 N  N   . VAL A 1 142 ? -3.706  -10.538 -8.339  1.00 21.94 ? 142  VAL A N   1 
ATOM   1101 C  CA  . VAL A 1 142 ? -2.615  -10.293 -9.284  1.00 25.22 ? 142  VAL A CA  1 
ATOM   1102 C  C   . VAL A 1 142 ? -3.137  -9.752  -10.610 1.00 29.48 ? 142  VAL A C   1 
ATOM   1103 O  O   . VAL A 1 142 ? -2.686  -8.706  -11.093 1.00 29.86 ? 142  VAL A O   1 
ATOM   1104 C  CB  . VAL A 1 142 ? -1.816  -11.577 -9.584  1.00 24.33 ? 142  VAL A CB  1 
ATOM   1105 C  CG1 . VAL A 1 142 ? -0.761  -11.297 -10.648 1.00 26.60 ? 142  VAL A CG1 1 
ATOM   1106 C  CG2 . VAL A 1 142 ? -1.159  -12.083 -8.326  1.00 25.44 ? 142  VAL A CG2 1 
ATOM   1107 N  N   . GLN A 1 143 ? -4.085  -10.468 -11.204 1.00 32.23 ? 143  GLN A N   1 
ATOM   1108 C  CA  . GLN A 1 143 ? -4.654  -10.049 -12.478 1.00 34.90 ? 143  GLN A CA  1 
ATOM   1109 C  C   . GLN A 1 143 ? -5.158  -8.615  -12.403 1.00 35.77 ? 143  GLN A C   1 
ATOM   1110 O  O   . GLN A 1 143 ? -5.005  -7.837  -13.346 1.00 35.16 ? 143  GLN A O   1 
ATOM   1111 C  CB  . GLN A 1 143 ? -5.805  -10.969 -12.879 1.00 36.17 ? 143  GLN A CB  1 
ATOM   1112 C  CG  . GLN A 1 143 ? -6.585  -10.448 -14.072 1.00 38.83 ? 143  GLN A CG  1 
ATOM   1113 C  CD  . GLN A 1 143 ? -7.721  -11.357 -14.480 1.00 40.42 ? 143  GLN A CD  1 
ATOM   1114 O  OE1 . GLN A 1 143 ? -8.572  -10.972 -15.281 1.00 41.73 ? 143  GLN A OE1 1 
ATOM   1115 N  NE2 . GLN A 1 143 ? -7.740  -12.572 -13.938 1.00 40.67 ? 143  GLN A NE2 1 
ATOM   1116 N  N   . MET A 1 144 ? -5.764  -8.276  -11.273 1.00 35.86 ? 144  MET A N   1 
ATOM   1117 C  CA  . MET A 1 144 ? -6.297  -6.942  -11.052 1.00 38.02 ? 144  MET A CA  1 
ATOM   1118 C  C   . MET A 1 144 ? -5.169  -5.916  -11.035 1.00 39.29 ? 144  MET A C   1 
ATOM   1119 O  O   . MET A 1 144 ? -5.295  -4.827  -11.596 1.00 40.71 ? 144  MET A O   1 
ATOM   1120 C  CB  . MET A 1 144 ? -7.049  -6.906  -9.721  1.00 37.79 ? 144  MET A CB  1 
ATOM   1121 C  CG  . MET A 1 144 ? -7.628  -5.554  -9.341  1.00 39.58 ? 144  MET A CG  1 
ATOM   1122 S  SD  . MET A 1 144 ? -8.907  -4.984  -10.472 1.00 40.15 ? 144  MET A SD  1 
ATOM   1123 C  CE  . MET A 1 144 ? -8.562  -3.224  -10.524 1.00 39.37 ? 144  MET A CE  1 
ATOM   1124 N  N   . MET A 1 145 ? -4.063  -6.277  -10.393 1.00 39.91 ? 145  MET A N   1 
ATOM   1125 C  CA  . MET A 1 145 ? -2.914  -5.387  -10.278 1.00 40.73 ? 145  MET A CA  1 
ATOM   1126 C  C   . MET A 1 145 ? -2.034  -5.338  -11.521 1.00 42.27 ? 145  MET A C   1 
ATOM   1127 O  O   . MET A 1 145 ? -1.374  -4.333  -11.775 1.00 40.71 ? 145  MET A O   1 
ATOM   1128 C  CB  . MET A 1 145 ? -2.070  -5.791  -9.070  1.00 40.56 ? 145  MET A CB  1 
ATOM   1129 C  CG  . MET A 1 145 ? -2.834  -5.747  -7.763  1.00 40.49 ? 145  MET A CG  1 
ATOM   1130 S  SD  . MET A 1 145 ? -3.594  -4.136  -7.490  1.00 40.80 ? 145  MET A SD  1 
ATOM   1131 C  CE  . MET A 1 145 ? -2.250  -3.263  -6.705  1.00 42.04 ? 145  MET A CE  1 
ATOM   1132 N  N   . THR A 1 146 ? -2.021  -6.422  -12.289 1.00 44.11 ? 146  THR A N   1 
ATOM   1133 C  CA  . THR A 1 146 ? -1.213  -6.480  -13.502 1.00 46.83 ? 146  THR A CA  1 
ATOM   1134 C  C   . THR A 1 146 ? -2.092  -6.362  -14.742 1.00 47.76 ? 146  THR A C   1 
ATOM   1135 O  O   . THR A 1 146 ? -2.144  -7.301  -15.569 1.00 29.45 ? 146  THR A O   1 
ATOM   1136 C  CB  . THR A 1 146 ? -0.418  -7.796  -13.584 1.00 47.91 ? 146  THR A CB  1 
ATOM   1137 O  OG1 . THR A 1 146 ? -1.326  -8.898  -13.710 1.00 49.45 ? 146  THR A OG1 1 
ATOM   1138 C  CG2 . THR A 1 146 ? 0.424   -7.984  -12.333 1.00 48.56 ? 146  THR A CG2 1 
ATOM   1139 N  N   . LYS B 2 1   ? 6.340   -1.759  4.110   1.00 29.46 ? 1665 LYS B N   1 
ATOM   1140 C  CA  . LYS B 2 1   ? 5.034   -1.774  3.464   1.00 26.78 ? 1665 LYS B CA  1 
ATOM   1141 C  C   . LYS B 2 1   ? 4.741   -0.466  2.735   1.00 24.45 ? 1665 LYS B C   1 
ATOM   1142 O  O   . LYS B 2 1   ? 3.598   -0.200  2.365   1.00 23.36 ? 1665 LYS B O   1 
ATOM   1143 C  CB  . LYS B 2 1   ? 3.934   -2.035  4.498   1.00 31.54 ? 1665 LYS B CB  1 
ATOM   1144 C  CG  . LYS B 2 1   ? 3.956   -3.431  5.117   1.00 32.90 ? 1665 LYS B CG  1 
ATOM   1145 C  CD  . LYS B 2 1   ? 3.496   -4.490  4.127   1.00 36.09 ? 1665 LYS B CD  1 
ATOM   1146 C  CE  . LYS B 2 1   ? 3.338   -5.844  4.801   1.00 36.99 ? 1665 LYS B CE  1 
ATOM   1147 N  NZ  . LYS B 2 1   ? 2.826   -6.880  3.857   1.00 34.33 ? 1665 LYS B NZ  1 
ATOM   1148 N  N   . PHE B 2 2   ? 5.767   0.355   2.529   1.00 19.95 ? 1666 PHE B N   1 
ATOM   1149 C  CA  . PHE B 2 2   ? 5.567   1.620   1.832   1.00 19.15 ? 1666 PHE B CA  1 
ATOM   1150 C  C   . PHE B 2 2   ? 4.984   1.407   0.441   1.00 17.84 ? 1666 PHE B C   1 
ATOM   1151 O  O   . PHE B 2 2   ? 3.969   2.004   0.078   1.00 17.44 ? 1666 PHE B O   1 
ATOM   1152 C  CB  . PHE B 2 2   ? 6.894   2.380   1.703   1.00 16.66 ? 1666 PHE B CB  1 
ATOM   1153 C  CG  . PHE B 2 2   ? 7.562   2.660   3.014   1.00 16.58 ? 1666 PHE B CG  1 
ATOM   1154 C  CD1 . PHE B 2 2   ? 8.668   1.920   3.416   1.00 18.04 ? 1666 PHE B CD1 1 
ATOM   1155 C  CD2 . PHE B 2 2   ? 7.070   3.649   3.858   1.00 15.57 ? 1666 PHE B CD2 1 
ATOM   1156 C  CE1 . PHE B 2 2   ? 9.281   2.162   4.652   1.00 19.30 ? 1666 PHE B CE1 1 
ATOM   1157 C  CE2 . PHE B 2 2   ? 7.674   3.903   5.100   1.00 17.63 ? 1666 PHE B CE2 1 
ATOM   1158 C  CZ  . PHE B 2 2   ? 8.783   3.155   5.493   1.00 20.38 ? 1666 PHE B CZ  1 
ATOM   1159 N  N   . TYR B 2 3   ? 5.621   0.542   -0.342  1.00 18.68 ? 1667 TYR B N   1 
ATOM   1160 C  CA  . TYR B 2 3   ? 5.158   0.298   -1.695  1.00 19.60 ? 1667 TYR B CA  1 
ATOM   1161 C  C   . TYR B 2 3   ? 3.818   -0.422  -1.737  1.00 19.23 ? 1667 TYR B C   1 
ATOM   1162 O  O   . TYR B 2 3   ? 3.021   -0.199  -2.641  1.00 18.73 ? 1667 TYR B O   1 
ATOM   1163 C  CB  . TYR B 2 3   ? 6.210   -0.485  -2.484  1.00 21.42 ? 1667 TYR B CB  1 
ATOM   1164 C  CG  . TYR B 2 3   ? 6.010   -0.377  -3.976  1.00 20.68 ? 1667 TYR B CG  1 
ATOM   1165 C  CD1 . TYR B 2 3   ? 5.323   -1.361  -4.685  1.00 23.58 ? 1667 TYR B CD1 1 
ATOM   1166 C  CD2 . TYR B 2 3   ? 6.478   0.735   -4.676  1.00 22.45 ? 1667 TYR B CD2 1 
ATOM   1167 C  CE1 . TYR B 2 3   ? 5.107   -1.241  -6.057  1.00 22.67 ? 1667 TYR B CE1 1 
ATOM   1168 C  CE2 . TYR B 2 3   ? 6.266   0.865   -6.044  1.00 23.29 ? 1667 TYR B CE2 1 
ATOM   1169 C  CZ  . TYR B 2 3   ? 5.583   -0.123  -6.728  1.00 22.96 ? 1667 TYR B CZ  1 
ATOM   1170 O  OH  . TYR B 2 3   ? 5.371   0.012   -8.078  1.00 26.54 ? 1667 TYR B OH  1 
ATOM   1171 N  N   . ALA B 2 4   ? 3.576   -1.287  -0.757  1.00 19.42 ? 1668 ALA B N   1 
ATOM   1172 C  CA  . ALA B 2 4   ? 2.322   -2.024  -0.694  1.00 20.74 ? 1668 ALA B CA  1 
ATOM   1173 C  C   . ALA B 2 4   ? 1.181   -1.025  -0.526  1.00 20.55 ? 1668 ALA B C   1 
ATOM   1174 O  O   . ALA B 2 4   ? 0.120   -1.170  -1.128  1.00 20.64 ? 1668 ALA B O   1 
ATOM   1175 C  CB  . ALA B 2 4   ? 2.351   -3.007  0.475   1.00 22.17 ? 1668 ALA B CB  1 
ATOM   1176 N  N   . THR B 2 5   ? 1.408   0.002   0.288   1.00 22.30 ? 1669 THR B N   1 
ATOM   1177 C  CA  . THR B 2 5   ? 0.395   1.024   0.498   1.00 23.63 ? 1669 THR B CA  1 
ATOM   1178 C  C   . THR B 2 5   ? 0.147   1.786   -0.802  1.00 23.27 ? 1669 THR B C   1 
ATOM   1179 O  O   . THR B 2 5   ? -0.978  2.192   -1.095  1.00 23.54 ? 1669 THR B O   1 
ATOM   1180 C  CB  . THR B 2 5   ? 0.822   2.016   1.591   1.00 27.58 ? 1669 THR B CB  1 
ATOM   1181 O  OG1 . THR B 2 5   ? 0.929   1.329   2.844   1.00 29.74 ? 1669 THR B OG1 1 
ATOM   1182 C  CG2 . THR B 2 5   ? -0.196  3.127   1.718   1.00 31.74 ? 1669 THR B CG2 1 
ATOM   1183 N  N   . PHE B 2 6   ? 1.205   2.005   -1.576  1.00 21.98 ? 1670 PHE B N   1 
ATOM   1184 C  CA  . PHE B 2 6   ? 1.063   2.697   -2.848  1.00 22.78 ? 1670 PHE B CA  1 
ATOM   1185 C  C   . PHE B 2 6   ? 0.209   1.842   -3.785  1.00 22.10 ? 1670 PHE B C   1 
ATOM   1186 O  O   . PHE B 2 6   ? -0.669  2.351   -4.483  1.00 23.25 ? 1670 PHE B O   1 
ATOM   1187 C  CB  . PHE B 2 6   ? 2.441   2.940   -3.472  1.00 24.35 ? 1670 PHE B CB  1 
ATOM   1188 C  CG  . PHE B 2 6   ? 2.390   3.284   -4.931  1.00 24.83 ? 1670 PHE B CG  1 
ATOM   1189 C  CD1 . PHE B 2 6   ? 1.923   4.523   -5.355  1.00 26.93 ? 1670 PHE B CD1 1 
ATOM   1190 C  CD2 . PHE B 2 6   ? 2.785   2.352   -5.886  1.00 25.90 ? 1670 PHE B CD2 1 
ATOM   1191 C  CE1 . PHE B 2 6   ? 1.847   4.827   -6.713  1.00 27.07 ? 1670 PHE B CE1 1 
ATOM   1192 C  CE2 . PHE B 2 6   ? 2.713   2.647   -7.245  1.00 27.28 ? 1670 PHE B CE2 1 
ATOM   1193 C  CZ  . PHE B 2 6   ? 2.242   3.887   -7.659  1.00 27.60 ? 1670 PHE B CZ  1 
ATOM   1194 N  N   . LEU B 2 7   ? 0.459   0.537   -3.784  1.00 19.95 ? 1671 LEU B N   1 
ATOM   1195 C  CA  . LEU B 2 7   ? -0.295  -0.374  -4.636  1.00 22.62 ? 1671 LEU B CA  1 
ATOM   1196 C  C   . LEU B 2 7   ? -1.768  -0.411  -4.252  1.00 24.52 ? 1671 LEU B C   1 
ATOM   1197 O  O   . LEU B 2 7   ? -2.638  -0.523  -5.116  1.00 25.26 ? 1671 LEU B O   1 
ATOM   1198 C  CB  . LEU B 2 7   ? 0.302   -1.782  -4.571  1.00 21.91 ? 1671 LEU B CB  1 
ATOM   1199 C  CG  . LEU B 2 7   ? 1.636   -1.941  -5.309  1.00 22.16 ? 1671 LEU B CG  1 
ATOM   1200 C  CD1 . LEU B 2 7   ? 2.197   -3.334  -5.097  1.00 20.38 ? 1671 LEU B CD1 1 
ATOM   1201 C  CD2 . LEU B 2 7   ? 1.417   -1.684  -6.795  1.00 21.87 ? 1671 LEU B CD2 1 
ATOM   1202 N  N   . ALA B 2 8   ? -2.048  -0.313  -2.957  1.00 25.44 ? 1672 ALA B N   1 
ATOM   1203 C  CA  . ALA B 2 8   ? -3.433  -0.323  -2.502  1.00 26.29 ? 1672 ALA B CA  1 
ATOM   1204 C  C   . ALA B 2 8   ? -4.138  0.872   -3.126  1.00 26.76 ? 1672 ALA B C   1 
ATOM   1205 O  O   . ALA B 2 8   ? -5.276  0.771   -3.579  1.00 27.95 ? 1672 ALA B O   1 
ATOM   1206 C  CB  . ALA B 2 8   ? -3.495  -0.238  -0.983  1.00 23.39 ? 1672 ALA B CB  1 
ATOM   1207 N  N   . ALA B 2 9   ? -3.445  2.004   -3.154  1.00 28.19 ? 1673 ALA B N   1 
ATOM   1208 C  CA  . ALA B 2 9   ? -3.992  3.225   -3.724  1.00 30.31 ? 1673 ALA B CA  1 
ATOM   1209 C  C   . ALA B 2 9   ? -4.135  3.069   -5.232  1.00 33.15 ? 1673 ALA B C   1 
ATOM   1210 O  O   . ALA B 2 9   ? -4.957  3.737   -5.865  1.00 33.60 ? 1673 ALA B O   1 
ATOM   1211 C  CB  . ALA B 2 9   ? -3.084  4.404   -3.397  1.00 29.49 ? 1673 ALA B CB  1 
ATOM   1212 N  N   . GLU B 2 10  ? -3.333  2.173   -5.796  1.00 35.07 ? 1674 GLU B N   1 
ATOM   1213 C  CA  . GLU B 2 10  ? -3.354  1.904   -7.227  1.00 38.23 ? 1674 GLU B CA  1 
ATOM   1214 C  C   . GLU B 2 10  ? -4.615  1.114   -7.562  1.00 37.58 ? 1674 GLU B C   1 
ATOM   1215 O  O   . GLU B 2 10  ? -5.248  1.340   -8.589  1.00 39.24 ? 1674 GLU B O   1 
ATOM   1216 C  CB  . GLU B 2 10  ? -2.108  1.106   -7.623  1.00 39.33 ? 1674 GLU B CB  1 
ATOM   1217 C  CG  . GLU B 2 10  ? -1.851  1.031   -9.116  1.00 43.95 ? 1674 GLU B CG  1 
ATOM   1218 C  CD  . GLU B 2 10  ? -1.657  2.398   -9.745  1.00 45.02 ? 1674 GLU B CD  1 
ATOM   1219 O  OE1 . GLU B 2 10  ? -0.822  3.180   -9.236  1.00 44.51 ? 1674 GLU B OE1 1 
ATOM   1220 O  OE2 . GLU B 2 10  ? -2.335  2.688   -10.753 1.00 47.56 ? 1674 GLU B OE2 1 
ATOM   1221 N  N   . TYR B 2 11  ? -4.971  0.184   -6.681  1.00 38.76 ? 1675 TYR B N   1 
ATOM   1222 C  CA  . TYR B 2 11  ? -6.164  -0.635  -6.860  1.00 39.06 ? 1675 TYR B CA  1 
ATOM   1223 C  C   . TYR B 2 11  ? -7.359  0.314   -6.946  1.00 39.98 ? 1675 TYR B C   1 
ATOM   1224 O  O   . TYR B 2 11  ? -8.276  0.111   -7.742  1.00 39.35 ? 1675 TYR B O   1 
ATOM   1225 C  CB  . TYR B 2 11  ? -6.318  -1.583  -5.663  1.00 40.39 ? 1675 TYR B CB  1 
ATOM   1226 C  CG  . TYR B 2 11  ? -7.421  -2.619  -5.776  1.00 41.52 ? 1675 TYR B CG  1 
ATOM   1227 C  CD1 . TYR B 2 11  ? -8.742  -2.245  -6.018  1.00 43.15 ? 1675 TYR B CD1 1 
ATOM   1228 C  CD2 . TYR B 2 11  ? -7.146  -3.976  -5.596  1.00 42.57 ? 1675 TYR B CD2 1 
ATOM   1229 C  CE1 . TYR B 2 11  ? -9.764  -3.194  -6.073  1.00 42.75 ? 1675 TYR B CE1 1 
ATOM   1230 C  CE2 . TYR B 2 11  ? -8.162  -4.934  -5.648  1.00 42.60 ? 1675 TYR B CE2 1 
ATOM   1231 C  CZ  . TYR B 2 11  ? -9.466  -4.534  -5.884  1.00 42.56 ? 1675 TYR B CZ  1 
ATOM   1232 O  OH  . TYR B 2 11  ? -10.475 -5.469  -5.913  1.00 40.30 ? 1675 TYR B OH  1 
ATOM   1233 N  N   . PHE B 2 12  ? -7.324  1.364   -6.128  1.00 40.26 ? 1676 PHE B N   1 
ATOM   1234 C  CA  . PHE B 2 12  ? -8.392  2.355   -6.084  1.00 41.92 ? 1676 PHE B CA  1 
ATOM   1235 C  C   . PHE B 2 12  ? -8.447  3.229   -7.335  1.00 43.27 ? 1676 PHE B C   1 
ATOM   1236 O  O   . PHE B 2 12  ? -9.501  3.367   -7.952  1.00 42.66 ? 1676 PHE B O   1 
ATOM   1237 C  CB  . PHE B 2 12  ? -8.228  3.243   -4.846  1.00 41.41 ? 1676 PHE B CB  1 
ATOM   1238 C  CG  . PHE B 2 12  ? -9.299  4.287   -4.701  1.00 42.98 ? 1676 PHE B CG  1 
ATOM   1239 C  CD1 . PHE B 2 12  ? -10.636 3.919   -4.582  1.00 43.77 ? 1676 PHE B CD1 1 
ATOM   1240 C  CD2 . PHE B 2 12  ? -8.972  5.639   -4.674  1.00 43.70 ? 1676 PHE B CD2 1 
ATOM   1241 C  CE1 . PHE B 2 12  ? -11.631 4.884   -4.437  1.00 44.10 ? 1676 PHE B CE1 1 
ATOM   1242 C  CE2 . PHE B 2 12  ? -9.959  6.613   -4.530  1.00 44.07 ? 1676 PHE B CE2 1 
ATOM   1243 C  CZ  . PHE B 2 12  ? -11.291 6.233   -4.412  1.00 43.36 ? 1676 PHE B CZ  1 
ATOM   1244 N  N   . ARG B 2 13  ? -7.317  3.824   -7.705  1.00 45.12 ? 1677 ARG B N   1 
ATOM   1245 C  CA  . ARG B 2 13  ? -7.276  4.680   -8.885  1.00 47.29 ? 1677 ARG B CA  1 
ATOM   1246 C  C   . ARG B 2 13  ? -7.838  3.959   -10.102 1.00 48.57 ? 1677 ARG B C   1 
ATOM   1247 O  O   . ARG B 2 13  ? -8.710  4.483   -10.792 1.00 48.76 ? 1677 ARG B O   1 
ATOM   1248 C  CB  . ARG B 2 13  ? -5.844  5.135   -9.179  1.00 47.75 ? 1677 ARG B CB  1 
ATOM   1249 C  CG  . ARG B 2 13  ? -5.232  6.004   -8.099  1.00 48.16 ? 1677 ARG B CG  1 
ATOM   1250 C  CD  . ARG B 2 13  ? -3.947  6.651   -8.590  1.00 49.42 ? 1677 ARG B CD  1 
ATOM   1251 N  NE  . ARG B 2 13  ? -3.281  7.404   -7.534  1.00 50.68 ? 1677 ARG B NE  1 
ATOM   1252 C  CZ  . ARG B 2 13  ? -2.594  6.851   -6.541  1.00 50.13 ? 1677 ARG B CZ  1 
ATOM   1253 N  NH1 . ARG B 2 13  ? -2.027  7.617   -5.621  1.00 50.97 ? 1677 ARG B NH1 1 
ATOM   1254 N  NH2 . ARG B 2 13  ? -2.461  5.534   -6.475  1.00 50.50 ? 1677 ARG B NH2 1 
ATOM   1255 N  N   . LYS B 2 14  ? -7.337  2.756   -10.361 1.00 50.44 ? 1678 LYS B N   1 
ATOM   1256 C  CA  . LYS B 2 14  ? -7.801  1.972   -11.498 1.00 52.29 ? 1678 LYS B CA  1 
ATOM   1257 C  C   . LYS B 2 14  ? -9.317  1.818   -11.446 1.00 53.10 ? 1678 LYS B C   1 
ATOM   1258 O  O   . LYS B 2 14  ? -9.992  1.851   -12.476 1.00 53.77 ? 1678 LYS B O   1 
ATOM   1259 C  CB  . LYS B 2 14  ? -7.142  0.592   -11.491 1.00 52.48 ? 1678 LYS B CB  1 
ATOM   1260 C  CG  . LYS B 2 14  ? -7.523  -0.272  -12.680 1.00 54.01 ? 1678 LYS B CG  1 
ATOM   1261 C  CD  . LYS B 2 14  ? -6.762  -1.586  -12.673 1.00 54.70 ? 1678 LYS B CD  1 
ATOM   1262 C  CE  . LYS B 2 14  ? -7.149  -2.455  -13.857 1.00 55.43 ? 1678 LYS B CE  1 
ATOM   1263 N  NZ  . LYS B 2 14  ? -6.419  -3.754  -13.848 1.00 55.70 ? 1678 LYS B NZ  1 
ATOM   1264 N  N   . PHE B 2 15  ? -9.844  1.650   -10.239 1.00 53.71 ? 1679 PHE B N   1 
ATOM   1265 C  CA  . PHE B 2 15  ? -11.279 1.495   -10.041 1.00 53.87 ? 1679 PHE B CA  1 
ATOM   1266 C  C   . PHE B 2 15  ? -12.018 2.775   -10.420 1.00 55.38 ? 1679 PHE B C   1 
ATOM   1267 O  O   . PHE B 2 15  ? -13.016 2.737   -11.140 1.00 54.60 ? 1679 PHE B O   1 
ATOM   1268 C  CB  . PHE B 2 15  ? -11.565 1.142   -8.579  1.00 52.34 ? 1679 PHE B CB  1 
ATOM   1269 C  CG  . PHE B 2 15  ? -13.025 1.118   -8.233  1.00 50.55 ? 1679 PHE B CG  1 
ATOM   1270 C  CD1 . PHE B 2 15  ? -13.884 0.212   -8.843  1.00 49.42 ? 1679 PHE B CD1 1 
ATOM   1271 C  CD2 . PHE B 2 15  ? -13.541 2.003   -7.291  1.00 49.97 ? 1679 PHE B CD2 1 
ATOM   1272 C  CE1 . PHE B 2 15  ? -15.235 0.186   -8.522  1.00 48.47 ? 1679 PHE B CE1 1 
ATOM   1273 C  CE2 . PHE B 2 15  ? -14.895 1.986   -6.963  1.00 49.13 ? 1679 PHE B CE2 1 
ATOM   1274 C  CZ  . PHE B 2 15  ? -15.743 1.075   -7.580  1.00 49.36 ? 1679 PHE B CZ  1 
ATOM   1275 N  N   . LYS B 2 16  ? -11.521 3.906   -9.931  1.00 56.74 ? 1680 LYS B N   1 
ATOM   1276 C  CA  . LYS B 2 16  ? -12.130 5.198   -10.218 1.00 59.11 ? 1680 LYS B CA  1 
ATOM   1277 C  C   . LYS B 2 16  ? -12.121 5.472   -11.718 1.00 61.06 ? 1680 LYS B C   1 
ATOM   1278 O  O   . LYS B 2 16  ? -12.906 6.282   -12.214 1.00 61.12 ? 1680 LYS B O   1 
ATOM   1279 C  CB  . LYS B 2 16  ? -11.370 6.309   -9.489  1.00 59.11 ? 1680 LYS B CB  1 
ATOM   1280 C  CG  . LYS B 2 16  ? -11.364 6.173   -7.974  1.00 59.59 ? 1680 LYS B CG  1 
ATOM   1281 C  CD  . LYS B 2 16  ? -12.751 6.375   -7.381  1.00 60.32 ? 1680 LYS B CD  1 
ATOM   1282 C  CE  . LYS B 2 16  ? -13.231 7.809   -7.554  1.00 61.03 ? 1680 LYS B CE  1 
ATOM   1283 N  NZ  . LYS B 2 16  ? -12.319 8.797   -6.910  1.00 61.19 ? 1680 LYS B NZ  1 
ATOM   1284 N  N   . LYS B 2 17  ? -11.231 4.788   -12.432 1.00 63.33 ? 1681 LYS B N   1 
ATOM   1285 C  CA  . LYS B 2 17  ? -11.109 4.948   -13.878 1.00 65.74 ? 1681 LYS B CA  1 
ATOM   1286 C  C   . LYS B 2 17  ? -12.346 4.461   -14.625 1.00 66.99 ? 1681 LYS B C   1 
ATOM   1287 O  O   . LYS B 2 17  ? -13.475 4.656   -14.174 1.00 67.35 ? 1681 LYS B O   1 
ATOM   1288 C  CB  . LYS B 2 17  ? -9.875  4.196   -14.390 1.00 65.98 ? 1681 LYS B CB  1 
ATOM   1289 C  CG  . LYS B 2 17  ? -8.640  5.065   -14.610 1.00 67.11 ? 1681 LYS B CG  1 
ATOM   1290 C  CD  . LYS B 2 17  ? -8.137  5.699   -13.325 1.00 67.80 ? 1681 LYS B CD  1 
ATOM   1291 C  CE  . LYS B 2 17  ? -6.865  6.500   -13.574 1.00 68.50 ? 1681 LYS B CE  1 
ATOM   1292 N  NZ  . LYS B 2 17  ? -6.321  7.105   -12.326 1.00 68.87 ? 1681 LYS B NZ  1 
ATOM   1293 N  N   . ARG B 2 18  ? -12.121 3.828   -15.773 1.00 68.43 ? 1682 ARG B N   1 
ATOM   1294 C  CA  . ARG B 2 18  ? -13.199 3.311   -16.608 1.00 69.88 ? 1682 ARG B CA  1 
ATOM   1295 C  C   . ARG B 2 18  ? -14.270 2.619   -15.774 1.00 70.04 ? 1682 ARG B C   1 
ATOM   1296 O  O   . ARG B 2 18  ? -15.434 3.069   -15.822 1.00 29.45 ? 1682 ARG B O   1 
ATOM   1297 C  CB  . ARG B 2 18  ? -12.645 2.326   -17.644 1.00 70.98 ? 1682 ARG B CB  1 
ATOM   1298 C  CG  . ARG B 2 18  ? -11.511 2.869   -18.507 1.00 72.62 ? 1682 ARG B CG  1 
ATOM   1299 C  CD  . ARG B 2 18  ? -10.211 2.987   -17.722 1.00 73.89 ? 1682 ARG B CD  1 
ATOM   1300 N  NE  . ARG B 2 18  ? -9.098  3.434   -18.556 1.00 75.02 ? 1682 ARG B NE  1 
ATOM   1301 C  CZ  . ARG B 2 18  ? -7.843  3.551   -18.131 1.00 75.43 ? 1682 ARG B CZ  1 
ATOM   1302 N  NH1 . ARG B 2 18  ? -6.895  3.964   -18.960 1.00 75.36 ? 1682 ARG B NH1 1 
ATOM   1303 N  NH2 . ARG B 2 18  ? -7.536  3.253   -16.875 1.00 75.63 ? 1682 ARG B NH2 1 
HETATM 1304 CA CA  . CA  C 3 .   ? -13.218 -14.815 -6.086  1.00 16.69 ? 165  CA  A CA  1 
HETATM 1305 CA CA  . CA  D 3 .   ? -9.231  -12.604 4.417   1.00 13.46 ? 166  CA  A CA  1 
HETATM 1306 CA CA  . CA  E 3 .   ? 17.564  9.547   5.856   1.00 19.65 ? 167  CA  A CA  1 
HETATM 1307 CA CA  . CA  F 3 .   ? 7.231   13.238  9.952   1.00 19.30 ? 168  CA  A CA  1 
HETATM 1308 O  O   . HOH G 4 .   ? 8.309   -1.015  0.674   1.00 15.40 ? 170  HOH A O   1 
HETATM 1309 O  O   . HOH G 4 .   ? -6.154  -1.579  6.547   1.00 36.86 ? 171  HOH A O   1 
HETATM 1310 O  O   . HOH G 4 .   ? -14.164 -2.471  6.831   1.00 16.49 ? 172  HOH A O   1 
HETATM 1311 O  O   . HOH G 4 .   ? -11.500 -12.886 5.057   1.00 15.30 ? 173  HOH A O   1 
HETATM 1312 O  O   . HOH G 4 .   ? 1.370   -2.173  19.204  1.00 17.75 ? 174  HOH A O   1 
HETATM 1313 O  O   . HOH G 4 .   ? -7.852  -5.156  5.335   1.00 21.90 ? 175  HOH A O   1 
HETATM 1314 O  O   . HOH G 4 .   ? 3.297   -2.007  16.293  1.00 18.02 ? 176  HOH A O   1 
HETATM 1315 O  O   . HOH G 4 .   ? 15.994  5.117   -0.436  1.00 22.03 ? 177  HOH A O   1 
HETATM 1316 O  O   . HOH G 4 .   ? 11.766  15.354  2.723   1.00 19.60 ? 178  HOH A O   1 
HETATM 1317 O  O   . HOH G 4 .   ? -13.230 -14.461 3.630   1.00 17.07 ? 179  HOH A O   1 
HETATM 1318 O  O   . HOH G 4 .   ? -13.645 2.781   2.614   1.00 24.39 ? 180  HOH A O   1 
HETATM 1319 O  O   . HOH G 4 .   ? 6.010   -2.978  0.538   1.00 31.64 ? 181  HOH A O   1 
HETATM 1320 O  O   . HOH G 4 .   ? -1.433  2.875   16.771  1.00 21.73 ? 182  HOH A O   1 
HETATM 1321 O  O   . HOH G 4 .   ? 2.856   8.755   14.755  1.00 27.01 ? 183  HOH A O   1 
HETATM 1322 O  O   . HOH G 4 .   ? -15.821 -14.940 -14.885 1.00 19.21 ? 184  HOH A O   1 
HETATM 1323 O  O   . HOH G 4 .   ? -12.104 -16.422 -4.870  1.00 19.39 ? 185  HOH A O   1 
HETATM 1324 O  O   . HOH G 4 .   ? -5.384  -16.866 -2.343  1.00 21.29 ? 186  HOH A O   1 
HETATM 1325 O  O   . HOH G 4 .   ? -9.044  -10.167 -11.170 1.00 21.42 ? 187  HOH A O   1 
HETATM 1326 O  O   . HOH G 4 .   ? 15.899  11.096  6.488   1.00 22.75 ? 188  HOH A O   1 
HETATM 1327 O  O   . HOH G 4 .   ? 6.017   -1.392  18.278  1.00 19.35 ? 189  HOH A O   1 
HETATM 1328 O  O   . HOH G 4 .   ? 18.057  11.617  4.987   1.00 25.35 ? 190  HOH A O   1 
HETATM 1329 O  O   . HOH G 4 .   ? -20.712 -17.716 -5.482  1.00 18.16 ? 191  HOH A O   1 
HETATM 1330 O  O   . HOH G 4 .   ? 3.857   5.052   16.794  1.00 23.41 ? 192  HOH A O   1 
HETATM 1331 O  O   . HOH G 4 .   ? 22.181  9.349   0.474   1.00 22.60 ? 193  HOH A O   1 
HETATM 1332 O  O   . HOH G 4 .   ? 19.773  10.004  1.327   1.00 25.91 ? 194  HOH A O   1 
HETATM 1333 O  O   . HOH G 4 .   ? 10.453  7.616   16.105  1.00 19.35 ? 195  HOH A O   1 
HETATM 1334 O  O   . HOH G 4 .   ? -2.410  3.189   14.301  1.00 27.73 ? 196  HOH A O   1 
HETATM 1335 O  O   . HOH G 4 .   ? 18.215  12.094  0.911   1.00 23.98 ? 197  HOH A O   1 
HETATM 1336 O  O   . HOH G 4 .   ? -21.117 0.086   6.068   1.00 25.94 ? 198  HOH A O   1 
HETATM 1337 O  O   . HOH G 4 .   ? 7.953   13.369  12.282  1.00 25.60 ? 199  HOH A O   1 
HETATM 1338 O  O   . HOH G 4 .   ? -19.041 0.768   3.361   1.00 22.98 ? 200  HOH A O   1 
HETATM 1339 O  O   . HOH G 4 .   ? 5.642   1.915   17.479  1.00 26.38 ? 201  HOH A O   1 
HETATM 1340 O  O   . HOH G 4 .   ? 11.181  -0.921  4.135   1.00 25.60 ? 202  HOH A O   1 
HETATM 1341 O  O   . HOH G 4 .   ? 11.438  -7.987  16.840  1.00 31.75 ? 204  HOH A O   1 
HETATM 1342 O  O   . HOH G 4 .   ? -5.291  -17.763 -5.753  1.00 28.32 ? 205  HOH A O   1 
HETATM 1343 O  O   . HOH G 4 .   ? 14.527  -3.002  19.574  1.00 29.34 ? 206  HOH A O   1 
HETATM 1344 O  O   . HOH G 4 .   ? 20.032  4.843   -2.812  1.00 27.86 ? 207  HOH A O   1 
HETATM 1345 O  O   . HOH G 4 .   ? 0.457   -2.874  -9.977  1.00 48.74 ? 208  HOH A O   1 
HETATM 1346 O  O   . HOH G 4 .   ? -10.784 -9.938  8.150   1.00 23.45 ? 209  HOH A O   1 
HETATM 1347 O  O   . HOH G 4 .   ? -15.493 5.800   7.755   1.00 37.82 ? 210  HOH A O   1 
HETATM 1348 O  O   . HOH G 4 .   ? 1.477   -9.824  7.143   1.00 35.58 ? 211  HOH A O   1 
HETATM 1349 O  O   . HOH G 4 .   ? -10.731 -16.811 -9.983  1.00 26.90 ? 212  HOH A O   1 
HETATM 1350 O  O   . HOH G 4 .   ? -2.037  -7.009  7.182   1.00 38.60 ? 213  HOH A O   1 
HETATM 1351 O  O   . HOH G 4 .   ? -2.651  -18.442 -5.824  1.00 37.52 ? 214  HOH A O   1 
HETATM 1352 O  O   . HOH G 4 .   ? -6.191  -19.733 -7.582  1.00 40.22 ? 215  HOH A O   1 
HETATM 1353 O  O   . HOH G 4 .   ? -6.311  -19.171 -3.646  1.00 40.82 ? 216  HOH A O   1 
HETATM 1354 O  O   . HOH G 4 .   ? -24.662 4.680   -2.941  1.00 31.20 ? 217  HOH A O   1 
HETATM 1355 O  O   . HOH G 4 .   ? -19.007 -10.018 -0.691  1.00 33.87 ? 218  HOH A O   1 
HETATM 1356 O  O   . HOH G 4 .   ? -24.615 1.387   -0.787  1.00 42.00 ? 219  HOH A O   1 
HETATM 1357 O  O   . HOH G 4 .   ? -15.261 4.071   5.706   1.00 33.87 ? 220  HOH A O   1 
HETATM 1358 O  O   . HOH G 4 .   ? 15.575  4.563   -7.989  1.00 27.20 ? 221  HOH A O   1 
HETATM 1359 O  O   . HOH G 4 .   ? 11.933  -4.565  19.385  1.00 22.81 ? 222  HOH A O   1 
HETATM 1360 O  O   . HOH G 4 .   ? 11.054  -0.457  1.512   1.00 28.94 ? 223  HOH A O   1 
HETATM 1361 O  O   . HOH G 4 .   ? 9.738   -3.533  20.629  1.00 18.78 ? 224  HOH A O   1 
HETATM 1362 O  O   . HOH G 4 .   ? -8.246  -20.418 3.930   1.00 24.92 ? 225  HOH A O   1 
HETATM 1363 O  O   . HOH G 4 .   ? 19.168  3.886   9.236   1.00 38.00 ? 227  HOH A O   1 
HETATM 1364 O  O   . HOH G 4 .   ? 16.429  14.117  6.113   1.00 34.84 ? 228  HOH A O   1 
HETATM 1365 O  O   . HOH G 4 .   ? -0.851  -14.260 1.006   1.00 32.96 ? 229  HOH A O   1 
HETATM 1366 O  O   . HOH G 4 .   ? -1.397  -15.728 9.281   1.00 41.67 ? 230  HOH A O   1 
HETATM 1367 O  O   . HOH G 4 .   ? -3.516  -14.064 -11.992 1.00 34.39 ? 231  HOH A O   1 
HETATM 1368 O  O   . HOH G 4 .   ? 3.584   -14.828 -6.234  1.00 50.76 ? 232  HOH A O   1 
HETATM 1369 O  O   . HOH G 4 .   ? -2.469  -9.236  9.297   1.00 36.81 ? 233  HOH A O   1 
HETATM 1370 O  O   . HOH G 4 .   ? 11.724  12.744  -13.372 1.00 39.64 ? 234  HOH A O   1 
HETATM 1371 O  O   . HOH G 4 .   ? -22.468 -3.268  5.486   1.00 29.92 ? 235  HOH A O   1 
HETATM 1372 O  O   . HOH G 4 .   ? 18.702  8.381   -5.577  1.00 24.68 ? 236  HOH A O   1 
HETATM 1373 O  O   . HOH G 4 .   ? 5.217   15.704  3.808   1.00 33.71 ? 237  HOH A O   1 
HETATM 1374 O  O   . HOH G 4 .   ? -18.626 -7.838  -2.378  1.00 29.74 ? 238  HOH A O   1 
HETATM 1375 O  O   . HOH G 4 .   ? -3.107  -17.320 -1.179  1.00 34.25 ? 239  HOH A O   1 
HETATM 1376 O  O   . HOH G 4 .   ? -6.711  -19.440 0.430   1.00 31.47 ? 240  HOH A O   1 
HETATM 1377 O  O   . HOH G 4 .   ? 16.386  12.357  10.927  1.00 42.55 ? 241  HOH A O   1 
HETATM 1378 O  O   . HOH G 4 .   ? 17.092  2.950   -1.598  1.00 40.75 ? 242  HOH A O   1 
HETATM 1379 O  O   . HOH G 4 .   ? -17.507 3.730   4.515   1.00 26.35 ? 243  HOH A O   1 
HETATM 1380 O  O   . HOH G 4 .   ? -18.676 5.884   7.883   1.00 40.48 ? 245  HOH A O   1 
HETATM 1381 O  O   . HOH G 4 .   ? 2.223   8.024   10.510  1.00 22.80 ? 246  HOH A O   1 
HETATM 1382 O  O   . HOH G 4 .   ? 10.353  -0.652  -16.518 1.00 47.34 ? 248  HOH A O   1 
HETATM 1383 O  O   . HOH G 4 .   ? 17.364  3.253   12.022  1.00 37.52 ? 249  HOH A O   1 
HETATM 1384 O  O   . HOH G 4 .   ? 9.483   10.376  16.769  1.00 34.36 ? 250  HOH A O   1 
HETATM 1385 O  O   . HOH G 4 .   ? 13.194  -1.271  -0.118  1.00 34.18 ? 251  HOH A O   1 
HETATM 1386 O  O   . HOH G 4 .   ? 4.514   11.453  15.060  1.00 38.76 ? 252  HOH A O   1 
HETATM 1387 O  O   . HOH G 4 .   ? -1.988  11.005  1.276   1.00 41.79 ? 253  HOH A O   1 
HETATM 1388 O  O   . HOH G 4 .   ? 11.413  -8.755  -2.991  1.00 44.66 ? 254  HOH A O   1 
HETATM 1389 O  O   . HOH G 4 .   ? -8.798  -16.006 -11.858 1.00 46.41 ? 255  HOH A O   1 
HETATM 1390 O  O   . HOH G 4 .   ? -4.694  -8.005  11.273  1.00 40.23 ? 256  HOH A O   1 
HETATM 1391 O  O   . HOH G 4 .   ? 1.386   -16.341 -8.914  1.00 41.78 ? 257  HOH A O   1 
HETATM 1392 O  O   . HOH G 4 .   ? 7.013   -4.802  2.286   1.00 36.54 ? 258  HOH A O   1 
HETATM 1393 O  O   . HOH G 4 .   ? -16.616 -10.605 0.880   1.00 21.15 ? 259  HOH A O   1 
HETATM 1394 O  O   . HOH G 4 .   ? -10.141 11.351  4.381   1.00 49.33 ? 260  HOH A O   1 
HETATM 1395 O  O   . HOH G 4 .   ? 7.450   11.213  14.380  1.00 27.34 ? 261  HOH A O   1 
HETATM 1396 O  O   . HOH G 4 .   ? -2.450  5.637   8.962   1.00 36.34 ? 262  HOH A O   1 
HETATM 1397 O  O   . HOH G 4 .   ? 4.270   -16.881 -9.694  1.00 47.20 ? 263  HOH A O   1 
HETATM 1398 O  O   . HOH G 4 .   ? 20.538  14.795  8.771   1.00 45.76 ? 264  HOH A O   1 
HETATM 1399 O  O   . HOH G 4 .   ? -20.148 -4.100  0.827   1.00 31.05 ? 265  HOH A O   1 
HETATM 1400 O  O   . HOH G 4 .   ? 13.408  -8.726  14.808  1.00 34.97 ? 266  HOH A O   1 
HETATM 1401 O  O   . HOH G 4 .   ? 11.145  0.903   22.660  1.00 24.00 ? 267  HOH A O   1 
HETATM 1402 O  O   . HOH G 4 .   ? 12.502  -7.322  19.235  1.00 27.93 ? 268  HOH A O   1 
HETATM 1403 O  O   . HOH G 4 .   ? 5.839   -2.032  -11.725 1.00 31.77 ? 269  HOH A O   1 
HETATM 1404 O  O   . HOH G 4 .   ? -8.365  10.082  -3.998  1.00 47.26 ? 270  HOH A O   1 
HETATM 1405 O  O   . HOH G 4 .   ? 14.979  3.449   -10.354 1.00 41.82 ? 271  HOH A O   1 
HETATM 1406 O  O   . HOH G 4 .   ? -11.402 -5.586  8.129   1.00 25.24 ? 272  HOH A O   1 
HETATM 1407 O  O   . HOH G 4 .   ? -18.402 -10.095 -6.452  1.00 42.98 ? 273  HOH A O   1 
HETATM 1408 O  O   . HOH G 4 .   ? 16.093  -5.391  20.547  1.00 50.01 ? 274  HOH A O   1 
HETATM 1409 O  O   . HOH G 4 .   ? 18.783  2.459   1.543   1.00 45.29 ? 275  HOH A O   1 
HETATM 1410 O  O   . HOH G 4 .   ? 1.054   14.032  13.239  1.00 35.56 ? 276  HOH A O   1 
HETATM 1411 O  O   . HOH G 4 .   ? -19.970 -11.057 -8.678  1.00 32.64 ? 277  HOH A O   1 
HETATM 1412 O  O   . HOH G 4 .   ? 4.321   -4.099  9.516   1.00 36.50 ? 278  HOH A O   1 
HETATM 1413 O  O   . HOH G 4 .   ? -2.432  -4.141  14.628  1.00 46.76 ? 279  HOH A O   1 
HETATM 1414 O  O   . HOH G 4 .   ? 5.327   -7.034  -7.045  1.00 40.66 ? 280  HOH A O   1 
HETATM 1415 O  O   . HOH G 4 .   ? 1.467   -15.005 2.462   1.00 29.16 ? 281  HOH A O   1 
HETATM 1416 O  O   . HOH G 4 .   ? -2.673  -13.664 3.090   1.00 24.75 ? 282  HOH A O   1 
HETATM 1417 O  O   . HOH G 4 .   ? -4.884  -5.301  13.280  1.00 41.40 ? 283  HOH A O   1 
HETATM 1418 O  O   . HOH G 4 .   ? -10.731 7.431   7.001   1.00 48.84 ? 284  HOH A O   1 
HETATM 1419 O  O   . HOH G 4 .   ? 13.899  -0.764  21.008  1.00 27.91 ? 285  HOH A O   1 
HETATM 1420 O  O   . HOH G 4 .   ? 13.998  2.333   23.002  1.00 35.21 ? 286  HOH A O   1 
HETATM 1421 O  O   . HOH G 4 .   ? 17.314  3.134   22.247  1.00 35.16 ? 287  HOH A O   1 
HETATM 1422 O  O   . HOH G 4 .   ? 4.662   -11.416 7.121   1.00 49.09 ? 289  HOH A O   1 
HETATM 1423 O  O   . HOH G 4 .   ? 7.447   -9.762  7.228   1.00 41.98 ? 290  HOH A O   1 
HETATM 1424 O  O   . HOH G 4 .   ? 6.566   -8.083  5.184   1.00 46.52 ? 291  HOH A O   1 
HETATM 1425 O  O   . HOH G 4 .   ? 5.291   -8.440  8.018   1.00 40.79 ? 292  HOH A O   1 
HETATM 1426 O  O   . HOH G 4 .   ? 5.718   -5.823  6.634   1.00 46.38 ? 293  HOH A O   1 
HETATM 1427 O  O   . HOH G 4 .   ? 8.760   -5.326  0.587   1.00 39.76 ? 294  HOH A O   1 
HETATM 1428 O  O   . HOH G 4 .   ? -9.710  -8.441  -13.244 1.00 40.43 ? 295  HOH A O   1 
HETATM 1429 O  O   . HOH G 4 .   ? 12.884  13.944  11.953  1.00 39.62 ? 296  HOH A O   1 
HETATM 1430 O  O   . HOH G 4 .   ? 3.213   12.413  12.733  1.00 33.03 ? 297  HOH A O   1 
HETATM 1431 O  O   . HOH G 4 .   ? -0.749  10.090  13.880  1.00 33.11 ? 298  HOH A O   1 
HETATM 1432 O  O   . HOH G 4 .   ? 5.191   4.330   18.970  1.00 26.98 ? 299  HOH A O   1 
HETATM 1433 O  O   . HOH G 4 .   ? 11.157  -5.417  9.489   1.00 29.23 ? 300  HOH A O   1 
HETATM 1434 O  O   . HOH G 4 .   ? 7.930   -9.967  16.150  1.00 51.04 ? 301  HOH A O   1 
HETATM 1435 O  O   . HOH G 4 .   ? 16.634  -2.540  18.254  1.00 42.50 ? 302  HOH A O   1 
HETATM 1436 O  O   . HOH G 4 .   ? 23.289  11.595  0.858   1.00 31.69 ? 303  HOH A O   1 
HETATM 1437 O  O   . HOH G 4 .   ? 18.210  6.449   -1.603  1.00 38.27 ? 304  HOH A O   1 
HETATM 1438 O  O   . HOH G 4 .   ? 14.608  -1.480  -10.483 1.00 48.16 ? 305  HOH A O   1 
HETATM 1439 O  O   . HOH G 4 .   ? 7.262   -3.729  -8.322  1.00 47.98 ? 306  HOH A O   1 
HETATM 1440 O  O   . HOH G 4 .   ? 0.511   -12.899 -0.829  1.00 29.52 ? 307  HOH A O   1 
HETATM 1441 O  O   . HOH G 4 .   ? -2.198  -13.420 8.902   1.00 43.57 ? 308  HOH A O   1 
HETATM 1442 O  O   . HOH G 4 .   ? 3.067   -7.595  12.362  1.00 38.56 ? 309  HOH A O   1 
HETATM 1443 O  O   . HOH G 4 .   ? -8.129  -21.531 -0.681  1.00 28.45 ? 310  HOH A O   1 
HETATM 1444 O  O   . HOH G 4 .   ? -4.075  -13.011 10.601  1.00 44.29 ? 311  HOH A O   1 
HETATM 1445 O  O   . HOH G 4 .   ? -6.330  -23.148 5.438   1.00 48.11 ? 312  HOH A O   1 
HETATM 1446 O  O   . HOH G 4 .   ? -9.242  -17.656 9.151   1.00 57.22 ? 313  HOH A O   1 
HETATM 1447 O  O   . HOH G 4 .   ? -11.561 -16.306 8.054   1.00 39.90 ? 314  HOH A O   1 
HETATM 1448 O  O   . HOH G 4 .   ? 9.998   3.498   20.905  1.00 25.27 ? 315  HOH A O   1 
HETATM 1449 O  O   . HOH G 4 .   ? 8.143   3.833   16.890  1.00 43.79 ? 316  HOH A O   1 
HETATM 1450 O  O   . HOH G 4 .   ? -19.421 -9.423  1.842   1.00 32.81 ? 317  HOH A O   1 
HETATM 1451 O  O   . HOH G 4 .   ? -6.844  9.271   -0.450  1.00 47.07 ? 318  HOH A O   1 
HETATM 1452 O  O   . HOH G 4 .   ? -22.783 2.426   5.246   1.00 43.63 ? 320  HOH A O   1 
HETATM 1453 O  O   . HOH G 4 .   ? 13.408  8.366   -13.196 1.00 41.70 ? 321  HOH A O   1 
HETATM 1454 O  O   . HOH G 4 .   ? 11.328  19.685  9.142   1.00 45.93 ? 322  HOH A O   1 
HETATM 1455 O  O   . HOH G 4 .   ? 17.481  2.761   -8.589  1.00 41.84 ? 323  HOH A O   1 
HETATM 1456 O  O   . HOH G 4 .   ? 10.137  -9.283  8.495   1.00 40.44 ? 324  HOH A O   1 
HETATM 1457 O  O   . HOH G 4 .   ? 5.263   -8.854  16.915  1.00 31.16 ? 325  HOH A O   1 
HETATM 1458 O  O   . HOH G 4 .   ? -8.707  -19.813 -3.945  1.00 31.52 ? 326  HOH A O   1 
HETATM 1459 O  O   . HOH G 4 .   ? 19.535  -3.504  19.502  1.00 41.49 ? 327  HOH A O   1 
HETATM 1460 O  O   . HOH G 4 .   ? 22.947  5.317   -1.786  0.50 51.48 ? 328  HOH A O   1 
HETATM 1461 O  O   . HOH G 4 .   ? 20.282  7.444   -2.777  0.50 51.48 ? 329  HOH A O   1 
HETATM 1462 O  O   . HOH G 4 .   ? 18.355  -1.306  1.052   1.00 38.57 ? 330  HOH A O   1 
HETATM 1463 O  O   . HOH G 4 .   ? -0.044  17.604  -10.156 1.00 48.29 ? 331  HOH A O   1 
HETATM 1464 O  O   . HOH G 4 .   ? -2.087  15.312  1.707   1.00 45.26 ? 332  HOH A O   1 
HETATM 1465 O  O   . HOH G 4 .   ? -3.793  6.539   11.607  1.00 39.46 ? 333  HOH A O   1 
HETATM 1466 O  O   . HOH G 4 .   ? 1.829   9.967   12.846  1.00 35.49 ? 334  HOH A O   1 
HETATM 1467 O  O   . HOH G 4 .   ? 10.486  12.660  -17.418 1.00 44.17 ? 335  HOH A O   1 
HETATM 1468 O  O   . HOH G 4 .   ? 15.406  4.530   12.763  1.00 28.53 ? 336  HOH A O   1 
HETATM 1469 O  O   . HOH G 4 .   ? 6.560   -14.056 -0.067  1.00 37.37 ? 337  HOH A O   1 
HETATM 1470 O  O   . HOH G 4 .   ? -22.848 2.656   2.320   1.00 44.39 ? 338  HOH A O   1 
HETATM 1471 O  O   . HOH G 4 .   ? -4.061  -1.327  -11.630 1.00 49.09 ? 340  HOH A O   1 
HETATM 1472 O  O   . HOH G 4 .   ? 14.859  12.691  13.240  1.00 48.06 ? 341  HOH A O   1 
HETATM 1473 O  O   . HOH G 4 .   ? 4.539   -13.040 12.094  1.00 39.42 ? 342  HOH A O   1 
HETATM 1474 O  O   . HOH H 4 .   ? -0.272  6.666   -3.979  1.00 33.22 ? 203  HOH B O   1 
HETATM 1475 O  O   . HOH H 4 .   ? -6.073  6.066   -4.983  1.00 51.13 ? 226  HOH B O   1 
HETATM 1476 O  O   . HOH H 4 .   ? -6.177  6.570   -2.298  1.00 49.31 ? 244  HOH B O   1 
HETATM 1477 O  O   . HOH H 4 .   ? -8.378  -5.906  -14.066 1.00 45.65 ? 247  HOH B O   1 
HETATM 1478 O  O   . HOH H 4 .   ? 3.332   -9.103  5.341   1.00 47.60 ? 288  HOH B O   1 
HETATM 1479 O  O   . HOH H 4 .   ? -0.745  5.563   -1.124  1.00 38.77 ? 319  HOH B O   1 
HETATM 1480 O  O   . HOH H 4 .   ? 8.606   -3.590  4.210   1.00 45.82 ? 339  HOH B O   1 
# 
loop_
_pdbx_poly_seq_scheme.asym_id 
_pdbx_poly_seq_scheme.entity_id 
_pdbx_poly_seq_scheme.seq_id 
_pdbx_poly_seq_scheme.mon_id 
_pdbx_poly_seq_scheme.ndb_seq_num 
_pdbx_poly_seq_scheme.pdb_seq_num 
_pdbx_poly_seq_scheme.auth_seq_num 
_pdbx_poly_seq_scheme.pdb_mon_id 
_pdbx_poly_seq_scheme.auth_mon_id 
_pdbx_poly_seq_scheme.pdb_strand_id 
_pdbx_poly_seq_scheme.pdb_ins_code 
_pdbx_poly_seq_scheme.hetero 
A 1 1   ALA 1   1    ?    ?   ?   A . n 
A 1 2   ASP 2   2    ?    ?   ?   A . n 
A 1 3   GLN 3   3    3    GLN GLN A . n 
A 1 4   LEU 4   4    4    LEU LEU A . n 
A 1 5   THR 5   5    5    THR THR A . n 
A 1 6   GLU 6   6    6    GLU GLU A . n 
A 1 7   GLU 7   7    7    GLU GLU A . n 
A 1 8   GLN 8   8    8    GLN GLN A . n 
A 1 9   ILE 9   9    9    ILE ILE A . n 
A 1 10  ALA 10  10   10   ALA ALA A . n 
A 1 11  GLU 11  11   11   GLU GLU A . n 
A 1 12  PHE 12  12   12   PHE PHE A . n 
A 1 13  LYS 13  13   13   LYS LYS A . n 
A 1 14  GLU 14  14   14   GLU GLU A . n 
A 1 15  ALA 15  15   15   ALA ALA A . n 
A 1 16  PHE 16  16   16   PHE PHE A . n 
A 1 17  SER 17  17   17   SER SER A . n 
A 1 18  LEU 18  18   18   LEU LEU A . n 
A 1 19  PHE 19  19   19   PHE PHE A . n 
A 1 20  ASP 20  20   20   ASP ASP A . n 
A 1 21  LYS 21  21   21   LYS LYS A . n 
A 1 22  ASP 22  22   22   ASP ASP A . n 
A 1 23  GLY 23  23   23   GLY GLY A . n 
A 1 24  ASP 24  24   24   ASP ASP A . n 
A 1 25  GLY 25  25   25   GLY GLY A . n 
A 1 26  THR 26  26   26   THR THR A . n 
A 1 27  ILE 27  27   27   ILE ILE A . n 
A 1 28  THR 28  28   28   THR THR A . n 
A 1 29  THR 29  29   29   THR THR A . n 
A 1 30  LYS 30  30   30   LYS LYS A . n 
A 1 31  GLU 31  31   31   GLU GLU A . n 
A 1 32  LEU 32  32   32   LEU LEU A . n 
A 1 33  GLY 33  33   33   GLY GLY A . n 
A 1 34  THR 34  34   34   THR THR A . n 
A 1 35  VAL 35  35   35   VAL VAL A . n 
A 1 36  MET 36  36   36   MET MET A . n 
A 1 37  ARG 37  37   37   ARG ARG A . n 
A 1 38  SER 38  38   38   SER SER A . n 
A 1 39  LEU 39  39   39   LEU LEU A . n 
A 1 40  GLY 40  40   40   GLY GLY A . n 
A 1 41  GLN 41  41   41   GLN GLN A . n 
A 1 42  ASN 42  42   42   ASN ASN A . n 
A 1 43  PRO 43  43   43   PRO PRO A . n 
A 1 44  THR 44  44   44   THR THR A . n 
A 1 45  GLU 45  45   45   GLU GLU A . n 
A 1 46  ALA 46  46   46   ALA ALA A . n 
A 1 47  GLU 47  47   47   GLU GLU A . n 
A 1 48  LEU 48  48   48   LEU LEU A . n 
A 1 49  GLN 49  49   49   GLN GLN A . n 
A 1 50  ASP 50  50   50   ASP ASP A . n 
A 1 51  MET 51  51   51   MET MET A . n 
A 1 52  ILE 52  52   52   ILE ILE A . n 
A 1 53  ASN 53  53   53   ASN ASN A . n 
A 1 54  GLU 54  54   54   GLU GLU A . n 
A 1 55  VAL 55  55   55   VAL VAL A . n 
A 1 56  ASP 56  56   56   ASP ASP A . n 
A 1 57  ALA 57  57   57   ALA ALA A . n 
A 1 58  ASP 58  58   58   ASP ASP A . n 
A 1 59  GLY 59  59   59   GLY GLY A . n 
A 1 60  ASN 60  60   60   ASN ASN A . n 
A 1 61  GLY 61  61   61   GLY GLY A . n 
A 1 62  THR 62  62   62   THR THR A . n 
A 1 63  ILE 63  63   63   ILE ILE A . n 
A 1 64  ASP 64  64   64   ASP ASP A . n 
A 1 65  PHE 65  65   65   PHE PHE A . n 
A 1 66  PRO 66  66   66   PRO PRO A . n 
A 1 67  GLU 67  67   67   GLU GLU A . n 
A 1 68  PHE 68  68   68   PHE PHE A . n 
A 1 69  LEU 69  69   69   LEU LEU A . n 
A 1 70  THR 70  70   70   THR THR A . n 
A 1 71  MET 71  71   71   MET MET A . n 
A 1 72  MET 72  72   72   MET MET A . n 
A 1 73  ALA 73  73   73   ALA ALA A . n 
A 1 74  ARG 74  74   74   ARG ARG A . n 
A 1 75  LYS 75  75   75   LYS LYS A . n 
A 1 76  MET 76  76   76   MET MET A . n 
A 1 77  LYS 77  77   77   LYS LYS A . n 
A 1 78  ASP 78  78   78   ASP ASP A . n 
A 1 79  THR 79  79   79   THR THR A . n 
A 1 80  ASP 80  80   80   ASP ASP A . n 
A 1 81  SER 81  81   81   SER SER A . n 
A 1 82  GLU 82  82   82   GLU GLU A . n 
A 1 83  GLU 83  83   83   GLU GLU A . n 
A 1 84  GLU 84  84   84   GLU GLU A . n 
A 1 85  ILE 85  85   85   ILE ILE A . n 
A 1 86  ARG 86  86   86   ARG ARG A . n 
A 1 87  GLU 87  87   87   GLU GLU A . n 
A 1 88  ALA 88  88   88   ALA ALA A . n 
A 1 89  PHE 89  89   89   PHE PHE A . n 
A 1 90  ARG 90  90   90   ARG ARG A . n 
A 1 91  VAL 91  91   91   VAL VAL A . n 
A 1 92  PHE 92  92   92   PHE PHE A . n 
A 1 93  ASP 93  93   93   ASP ASP A . n 
A 1 94  LYS 94  94   94   LYS LYS A . n 
A 1 95  ASP 95  95   95   ASP ASP A . n 
A 1 96  GLY 96  96   96   GLY GLY A . n 
A 1 97  ASN 97  97   97   ASN ASN A . n 
A 1 98  GLY 98  98   98   GLY GLY A . n 
A 1 99  TYR 99  99   99   TYR TYR A . n 
A 1 100 ILE 100 100  100  ILE ILE A . n 
A 1 101 SER 101 101  101  SER SER A . n 
A 1 102 ALA 102 102  102  ALA ALA A . n 
A 1 103 ALA 103 103  103  ALA ALA A . n 
A 1 104 GLU 104 104  104  GLU GLU A . n 
A 1 105 LEU 105 105  105  LEU LEU A . n 
A 1 106 ARG 106 106  106  ARG ARG A . n 
A 1 107 HIS 107 107  107  HIS HIS A . n 
A 1 108 VAL 108 108  108  VAL VAL A . n 
A 1 109 MET 109 109  109  MET MET A . n 
A 1 110 THR 110 110  110  THR THR A . n 
A 1 111 ASN 111 111  111  ASN ASN A . n 
A 1 112 LEU 112 112  112  LEU LEU A . n 
A 1 113 GLY 113 113  113  GLY GLY A . n 
A 1 114 GLU 114 114  114  GLU GLU A . n 
A 1 115 LYS 115 115  115  LYS LYS A . n 
A 1 116 LEU 116 116  116  LEU LEU A . n 
A 1 117 THR 117 117  117  THR THR A . n 
A 1 118 ASP 118 118  118  ASP ASP A . n 
A 1 119 GLU 119 119  119  GLU GLU A . n 
A 1 120 GLU 120 120  120  GLU GLU A . n 
A 1 121 VAL 121 121  121  VAL VAL A . n 
A 1 122 ASP 122 122  122  ASP ASP A . n 
A 1 123 GLU 123 123  123  GLU GLU A . n 
A 1 124 MET 124 124  124  MET MET A . n 
A 1 125 ILE 125 125  125  ILE ILE A . n 
A 1 126 ARG 126 126  126  ARG ARG A . n 
A 1 127 GLU 127 127  127  GLU GLU A . n 
A 1 128 ALA 128 128  128  ALA ALA A . n 
A 1 129 ASP 129 129  129  ASP ASP A . n 
A 1 130 ILE 130 130  130  ILE ILE A . n 
A 1 131 ASP 131 131  131  ASP ASP A . n 
A 1 132 GLY 132 132  132  GLY GLY A . n 
A 1 133 ASP 133 133  133  ASP ASP A . n 
A 1 134 GLY 134 134  134  GLY GLY A . n 
A 1 135 GLN 135 135  135  GLN GLN A . n 
A 1 136 VAL 136 136  136  VAL VAL A . n 
A 1 137 ASN 137 137  137  ASN ASN A . n 
A 1 138 TYR 138 138  138  TYR TYR A . n 
A 1 139 GLU 139 139  139  GLU GLU A . n 
A 1 140 GLU 140 140  140  GLU GLU A . n 
A 1 141 PHE 141 141  141  PHE PHE A . n 
A 1 142 VAL 142 142  142  VAL VAL A . n 
A 1 143 GLN 143 143  143  GLN GLN A . n 
A 1 144 MET 144 144  144  MET MET A . n 
A 1 145 MET 145 145  145  MET MET A . n 
A 1 146 THR 146 146  146  THR THR A . n 
A 1 147 ALA 147 147  ?    ?   ?   A . n 
A 1 148 LYS 148 148  ?    ?   ?   A . n 
B 2 1   LYS 1   1665 1665 LYS LYS B . n 
B 2 2   PHE 2   1666 1666 PHE PHE B . n 
B 2 3   TYR 3   1667 1667 TYR TYR B . n 
B 2 4   ALA 4   1668 1668 ALA ALA B . n 
B 2 5   THR 5   1669 1669 THR THR B . n 
B 2 6   PHE 6   1670 1670 PHE PHE B . n 
B 2 7   LEU 7   1671 1671 LEU LEU B . n 
B 2 8   ALA 8   1672 1672 ALA ALA B . n 
B 2 9   ALA 9   1673 1673 ALA ALA B . n 
B 2 10  GLU 10  1674 1674 GLU GLU B . n 
B 2 11  TYR 11  1675 1675 TYR TYR B . n 
B 2 12  PHE 12  1676 1676 PHE PHE B . n 
B 2 13  ARG 13  1677 1677 ARG ARG B . n 
B 2 14  LYS 14  1678 1678 LYS LYS B . n 
B 2 15  PHE 15  1679 1679 PHE PHE B . n 
B 2 16  LYS 16  1680 1680 LYS LYS B . n 
B 2 17  LYS 17  1681 1681 LYS LYS B . n 
B 2 18  ARG 18  1682 1682 ARG ARG B . n 
B 2 19  LYS 19  1683 ?    ?   ?   B . n 
B 2 20  GLU 20  1684 ?    ?   ?   B . n 
B 2 21  GLN 21  1685 ?    ?   ?   B . n 
# 
loop_
_pdbx_nonpoly_scheme.asym_id 
_pdbx_nonpoly_scheme.entity_id 
_pdbx_nonpoly_scheme.mon_id 
_pdbx_nonpoly_scheme.ndb_seq_num 
_pdbx_nonpoly_scheme.pdb_seq_num 
_pdbx_nonpoly_scheme.auth_seq_num 
_pdbx_nonpoly_scheme.pdb_mon_id 
_pdbx_nonpoly_scheme.auth_mon_id 
_pdbx_nonpoly_scheme.pdb_strand_id 
_pdbx_nonpoly_scheme.pdb_ins_code 
C 3 CA  1   165 165 CA  CA  A . 
D 3 CA  1   166 166 CA  CA  A . 
E 3 CA  1   167 167 CA  CA  A . 
F 3 CA  1   168 168 CA  CA  A . 
G 4 HOH 1   170 170 HOH HOH A . 
G 4 HOH 2   171 171 HOH HOH A . 
G 4 HOH 3   172 172 HOH HOH A . 
G 4 HOH 4   173 173 HOH HOH A . 
G 4 HOH 5   174 174 HOH HOH A . 
G 4 HOH 6   175 175 HOH HOH A . 
G 4 HOH 7   176 176 HOH HOH A . 
G 4 HOH 8   177 177 HOH HOH A . 
G 4 HOH 9   178 178 HOH HOH A . 
G 4 HOH 10  179 179 HOH HOH A . 
G 4 HOH 11  180 180 HOH HOH A . 
G 4 HOH 12  181 181 HOH HOH A . 
G 4 HOH 13  182 182 HOH HOH A . 
G 4 HOH 14  183 183 HOH HOH A . 
G 4 HOH 15  184 184 HOH HOH A . 
G 4 HOH 16  185 185 HOH HOH A . 
G 4 HOH 17  186 186 HOH HOH A . 
G 4 HOH 18  187 187 HOH HOH A . 
G 4 HOH 19  188 188 HOH HOH A . 
G 4 HOH 20  189 189 HOH HOH A . 
G 4 HOH 21  190 190 HOH HOH A . 
G 4 HOH 22  191 191 HOH HOH A . 
G 4 HOH 23  192 192 HOH HOH A . 
G 4 HOH 24  193 193 HOH HOH A . 
G 4 HOH 25  194 194 HOH HOH A . 
G 4 HOH 26  195 195 HOH HOH A . 
G 4 HOH 27  196 196 HOH HOH A . 
G 4 HOH 28  197 197 HOH HOH A . 
G 4 HOH 29  198 198 HOH HOH A . 
G 4 HOH 30  199 199 HOH HOH A . 
G 4 HOH 31  200 200 HOH HOH A . 
G 4 HOH 32  201 201 HOH HOH A . 
G 4 HOH 33  202 202 HOH HOH A . 
G 4 HOH 34  204 204 HOH HOH A . 
G 4 HOH 35  205 205 HOH HOH A . 
G 4 HOH 36  206 206 HOH HOH A . 
G 4 HOH 37  207 207 HOH HOH A . 
G 4 HOH 38  208 208 HOH HOH A . 
G 4 HOH 39  209 209 HOH HOH A . 
G 4 HOH 40  210 210 HOH HOH A . 
G 4 HOH 41  211 211 HOH HOH A . 
G 4 HOH 42  212 212 HOH HOH A . 
G 4 HOH 43  213 213 HOH HOH A . 
G 4 HOH 44  214 214 HOH HOH A . 
G 4 HOH 45  215 215 HOH HOH A . 
G 4 HOH 46  216 216 HOH HOH A . 
G 4 HOH 47  217 217 HOH HOH A . 
G 4 HOH 48  218 218 HOH HOH A . 
G 4 HOH 49  219 219 HOH HOH A . 
G 4 HOH 50  220 220 HOH HOH A . 
G 4 HOH 51  221 221 HOH HOH A . 
G 4 HOH 52  222 222 HOH HOH A . 
G 4 HOH 53  223 223 HOH HOH A . 
G 4 HOH 54  224 224 HOH HOH A . 
G 4 HOH 55  225 225 HOH HOH A . 
G 4 HOH 56  227 227 HOH HOH A . 
G 4 HOH 57  228 228 HOH HOH A . 
G 4 HOH 58  229 229 HOH HOH A . 
G 4 HOH 59  230 230 HOH HOH A . 
G 4 HOH 60  231 231 HOH HOH A . 
G 4 HOH 61  232 232 HOH HOH A . 
G 4 HOH 62  233 233 HOH HOH A . 
G 4 HOH 63  234 234 HOH HOH A . 
G 4 HOH 64  235 235 HOH HOH A . 
G 4 HOH 65  236 236 HOH HOH A . 
G 4 HOH 66  237 237 HOH HOH A . 
G 4 HOH 67  238 238 HOH HOH A . 
G 4 HOH 68  239 239 HOH HOH A . 
G 4 HOH 69  240 240 HOH HOH A . 
G 4 HOH 70  241 241 HOH HOH A . 
G 4 HOH 71  242 242 HOH HOH A . 
G 4 HOH 72  243 243 HOH HOH A . 
G 4 HOH 73  245 245 HOH HOH A . 
G 4 HOH 74  246 246 HOH HOH A . 
G 4 HOH 75  248 248 HOH HOH A . 
G 4 HOH 76  249 249 HOH HOH A . 
G 4 HOH 77  250 250 HOH HOH A . 
G 4 HOH 78  251 251 HOH HOH A . 
G 4 HOH 79  252 252 HOH HOH A . 
G 4 HOH 80  253 253 HOH HOH A . 
G 4 HOH 81  254 254 HOH HOH A . 
G 4 HOH 82  255 255 HOH HOH A . 
G 4 HOH 83  256 256 HOH HOH A . 
G 4 HOH 84  257 257 HOH HOH A . 
G 4 HOH 85  258 258 HOH HOH A . 
G 4 HOH 86  259 259 HOH HOH A . 
G 4 HOH 87  260 260 HOH HOH A . 
G 4 HOH 88  261 261 HOH HOH A . 
G 4 HOH 89  262 262 HOH HOH A . 
G 4 HOH 90  263 263 HOH HOH A . 
G 4 HOH 91  264 264 HOH HOH A . 
G 4 HOH 92  265 265 HOH HOH A . 
G 4 HOH 93  266 266 HOH HOH A . 
G 4 HOH 94  267 267 HOH HOH A . 
G 4 HOH 95  268 268 HOH HOH A . 
G 4 HOH 96  269 269 HOH HOH A . 
G 4 HOH 97  270 270 HOH HOH A . 
G 4 HOH 98  271 271 HOH HOH A . 
G 4 HOH 99  272 272 HOH HOH A . 
G 4 HOH 100 273 273 HOH HOH A . 
G 4 HOH 101 274 274 HOH HOH A . 
G 4 HOH 102 275 275 HOH HOH A . 
G 4 HOH 103 276 276 HOH HOH A . 
G 4 HOH 104 277 277 HOH HOH A . 
G 4 HOH 105 278 278 HOH HOH A . 
G 4 HOH 106 279 279 HOH HOH A . 
G 4 HOH 107 280 280 HOH HOH A . 
G 4 HOH 108 281 281 HOH HOH A . 
G 4 HOH 109 282 282 HOH HOH A . 
G 4 HOH 110 283 283 HOH HOH A . 
G 4 HOH 111 284 284 HOH HOH A . 
G 4 HOH 112 285 285 HOH HOH A . 
G 4 HOH 113 286 286 HOH HOH A . 
G 4 HOH 114 287 287 HOH HOH A . 
G 4 HOH 115 289 289 HOH HOH A . 
G 4 HOH 116 290 290 HOH HOH A . 
G 4 HOH 117 291 291 HOH HOH A . 
G 4 HOH 118 292 292 HOH HOH A . 
G 4 HOH 119 293 293 HOH HOH A . 
G 4 HOH 120 294 294 HOH HOH A . 
G 4 HOH 121 295 295 HOH HOH A . 
G 4 HOH 122 296 296 HOH HOH A . 
G 4 HOH 123 297 297 HOH HOH A . 
G 4 HOH 124 298 298 HOH HOH A . 
G 4 HOH 125 299 299 HOH HOH A . 
G 4 HOH 126 300 300 HOH HOH A . 
G 4 HOH 127 301 301 HOH HOH A . 
G 4 HOH 128 302 302 HOH HOH A . 
G 4 HOH 129 303 303 HOH HOH A . 
G 4 HOH 130 304 304 HOH HOH A . 
G 4 HOH 131 305 305 HOH HOH A . 
G 4 HOH 132 306 306 HOH HOH A . 
G 4 HOH 133 307 307 HOH HOH A . 
G 4 HOH 134 308 308 HOH HOH A . 
G 4 HOH 135 309 309 HOH HOH A . 
G 4 HOH 136 310 310 HOH HOH A . 
G 4 HOH 137 311 311 HOH HOH A . 
G 4 HOH 138 312 312 HOH HOH A . 
G 4 HOH 139 313 313 HOH HOH A . 
G 4 HOH 140 314 314 HOH HOH A . 
G 4 HOH 141 315 315 HOH HOH A . 
G 4 HOH 142 316 316 HOH HOH A . 
G 4 HOH 143 317 317 HOH HOH A . 
G 4 HOH 144 318 318 HOH HOH A . 
G 4 HOH 145 320 320 HOH HOH A . 
G 4 HOH 146 321 321 HOH HOH A . 
G 4 HOH 147 322 322 HOH HOH A . 
G 4 HOH 148 323 323 HOH HOH A . 
G 4 HOH 149 324 324 HOH HOH A . 
G 4 HOH 150 325 325 HOH HOH A . 
G 4 HOH 151 326 326 HOH HOH A . 
G 4 HOH 152 327 327 HOH HOH A . 
G 4 HOH 153 328 328 HOH HOH A . 
G 4 HOH 154 329 329 HOH HOH A . 
G 4 HOH 155 330 330 HOH HOH A . 
G 4 HOH 156 331 331 HOH HOH A . 
G 4 HOH 157 332 332 HOH HOH A . 
G 4 HOH 158 333 333 HOH HOH A . 
G 4 HOH 159 334 334 HOH HOH A . 
G 4 HOH 160 335 335 HOH HOH A . 
G 4 HOH 161 336 336 HOH HOH A . 
G 4 HOH 162 337 337 HOH HOH A . 
G 4 HOH 163 338 338 HOH HOH A . 
G 4 HOH 164 340 340 HOH HOH A . 
G 4 HOH 165 341 341 HOH HOH A . 
G 4 HOH 166 342 342 HOH HOH A . 
H 4 HOH 1   203 203 HOH HOH B . 
H 4 HOH 2   226 226 HOH HOH B . 
H 4 HOH 3   244 244 HOH HOH B . 
H 4 HOH 4   247 247 HOH HOH B . 
H 4 HOH 5   288 288 HOH HOH B . 
H 4 HOH 6   319 319 HOH HOH B . 
H 4 HOH 7   339 339 HOH HOH B . 
# 
_pdbx_struct_assembly.id                   1 
_pdbx_struct_assembly.details              author_and_software_defined_assembly 
_pdbx_struct_assembly.method_details       PISA 
_pdbx_struct_assembly.oligomeric_details   dimeric 
_pdbx_struct_assembly.oligomeric_count     2 
# 
_pdbx_struct_assembly_gen.assembly_id       1 
_pdbx_struct_assembly_gen.oper_expression   1 
_pdbx_struct_assembly_gen.asym_id_list      A,B,C,D,E,F,G,H 
# 
loop_
_pdbx_struct_assembly_prop.biol_id 
_pdbx_struct_assembly_prop.type 
_pdbx_struct_assembly_prop.value 
_pdbx_struct_assembly_prop.details 
1 'ABSA (A^2)' 2810 ? 
1 MORE         -76  ? 
1 'SSA (A^2)'  8900 ? 
# 
_pdbx_struct_oper_list.id                   1 
_pdbx_struct_oper_list.type                 'identity operation' 
_pdbx_struct_oper_list.name                 1_555 
_pdbx_struct_oper_list.symmetry_operation   x,y,z 
_pdbx_struct_oper_list.matrix[1][1]         1.0000000000 
_pdbx_struct_oper_list.matrix[1][2]         0.0000000000 
_pdbx_struct_oper_list.matrix[1][3]         0.0000000000 
_pdbx_struct_oper_list.vector[1]            0.0000000000 
_pdbx_struct_oper_list.matrix[2][1]         0.0000000000 
_pdbx_struct_oper_list.matrix[2][2]         1.0000000000 
_pdbx_struct_oper_list.matrix[2][3]         0.0000000000 
_pdbx_struct_oper_list.vector[2]            0.0000000000 
_pdbx_struct_oper_list.matrix[3][1]         0.0000000000 
_pdbx_struct_oper_list.matrix[3][2]         0.0000000000 
_pdbx_struct_oper_list.matrix[3][3]         1.0000000000 
_pdbx_struct_oper_list.vector[3]            0.0000000000 
# 
loop_
_pdbx_struct_special_symmetry.id 
_pdbx_struct_special_symmetry.PDB_model_num 
_pdbx_struct_special_symmetry.auth_asym_id 
_pdbx_struct_special_symmetry.auth_comp_id 
_pdbx_struct_special_symmetry.auth_seq_id 
_pdbx_struct_special_symmetry.PDB_ins_code 
_pdbx_struct_special_symmetry.label_asym_id 
_pdbx_struct_special_symmetry.label_comp_id 
_pdbx_struct_special_symmetry.label_seq_id 
1 1 A HOH 328 ? G HOH . 
2 1 A HOH 329 ? G HOH . 
# 
loop_
_pdbx_struct_conn_angle.id 
_pdbx_struct_conn_angle.ptnr1_label_atom_id 
_pdbx_struct_conn_angle.ptnr1_label_alt_id 
_pdbx_struct_conn_angle.ptnr1_label_asym_id 
_pdbx_struct_conn_angle.ptnr1_label_comp_id 
_pdbx_struct_conn_angle.ptnr1_label_seq_id 
_pdbx_struct_conn_angle.ptnr1_auth_atom_id 
_pdbx_struct_conn_angle.ptnr1_auth_asym_id 
_pdbx_struct_conn_angle.ptnr1_auth_comp_id 
_pdbx_struct_conn_angle.ptnr1_auth_seq_id 
_pdbx_struct_conn_angle.ptnr1_PDB_ins_code 
_pdbx_struct_conn_angle.ptnr1_symmetry 
_pdbx_struct_conn_angle.ptnr2_label_atom_id 
_pdbx_struct_conn_angle.ptnr2_label_alt_id 
_pdbx_struct_conn_angle.ptnr2_label_asym_id 
_pdbx_struct_conn_angle.ptnr2_label_comp_id 
_pdbx_struct_conn_angle.ptnr2_label_seq_id 
_pdbx_struct_conn_angle.ptnr2_auth_atom_id 
_pdbx_struct_conn_angle.ptnr2_auth_asym_id 
_pdbx_struct_conn_angle.ptnr2_auth_comp_id 
_pdbx_struct_conn_angle.ptnr2_auth_seq_id 
_pdbx_struct_conn_angle.ptnr2_PDB_ins_code 
_pdbx_struct_conn_angle.ptnr2_symmetry 
_pdbx_struct_conn_angle.ptnr3_label_atom_id 
_pdbx_struct_conn_angle.ptnr3_label_alt_id 
_pdbx_struct_conn_angle.ptnr3_label_asym_id 
_pdbx_struct_conn_angle.ptnr3_label_comp_id 
_pdbx_struct_conn_angle.ptnr3_label_seq_id 
_pdbx_struct_conn_angle.ptnr3_auth_atom_id 
_pdbx_struct_conn_angle.ptnr3_auth_asym_id 
_pdbx_struct_conn_angle.ptnr3_auth_comp_id 
_pdbx_struct_conn_angle.ptnr3_auth_seq_id 
_pdbx_struct_conn_angle.ptnr3_PDB_ins_code 
_pdbx_struct_conn_angle.ptnr3_symmetry 
_pdbx_struct_conn_angle.value 
_pdbx_struct_conn_angle.value_esd 
1  OD2 ? A ASP 20  ? A ASP 20  ? 1_555 CA ? F CA . ? A CA 168 ? 1_555 OD2 ? A ASP 22  ? A ASP 22  ? 1_555 75.7  ? 
2  OD2 ? A ASP 20  ? A ASP 20  ? 1_555 CA ? F CA . ? A CA 168 ? 1_555 OD1 ? A ASP 24  ? A ASP 24  ? 1_555 86.7  ? 
3  OD2 ? A ASP 22  ? A ASP 22  ? 1_555 CA ? F CA . ? A CA 168 ? 1_555 OD1 ? A ASP 24  ? A ASP 24  ? 1_555 82.4  ? 
4  OD2 ? A ASP 20  ? A ASP 20  ? 1_555 CA ? F CA . ? A CA 168 ? 1_555 O   ? A THR 26  ? A THR 26  ? 1_555 89.3  ? 
5  OD2 ? A ASP 22  ? A ASP 22  ? 1_555 CA ? F CA . ? A CA 168 ? 1_555 O   ? A THR 26  ? A THR 26  ? 1_555 157.8 ? 
6  OD1 ? A ASP 24  ? A ASP 24  ? 1_555 CA ? F CA . ? A CA 168 ? 1_555 O   ? A THR 26  ? A THR 26  ? 1_555 80.4  ? 
7  OD2 ? A ASP 20  ? A ASP 20  ? 1_555 CA ? F CA . ? A CA 168 ? 1_555 OE1 ? A GLU 31  ? A GLU 31  ? 1_555 109.5 ? 
8  OD2 ? A ASP 22  ? A ASP 22  ? 1_555 CA ? F CA . ? A CA 168 ? 1_555 OE1 ? A GLU 31  ? A GLU 31  ? 1_555 125.4 ? 
9  OD1 ? A ASP 24  ? A ASP 24  ? 1_555 CA ? F CA . ? A CA 168 ? 1_555 OE1 ? A GLU 31  ? A GLU 31  ? 1_555 149.9 ? 
10 O   ? A THR 26  ? A THR 26  ? 1_555 CA ? F CA . ? A CA 168 ? 1_555 OE1 ? A GLU 31  ? A GLU 31  ? 1_555 74.8  ? 
11 OD2 ? A ASP 20  ? A ASP 20  ? 1_555 CA ? F CA . ? A CA 168 ? 1_555 OE2 ? A GLU 31  ? A GLU 31  ? 1_555 92.7  ? 
12 OD2 ? A ASP 22  ? A ASP 22  ? 1_555 CA ? F CA . ? A CA 168 ? 1_555 OE2 ? A GLU 31  ? A GLU 31  ? 1_555 74.7  ? 
13 OD1 ? A ASP 24  ? A ASP 24  ? 1_555 CA ? F CA . ? A CA 168 ? 1_555 OE2 ? A GLU 31  ? A GLU 31  ? 1_555 156.5 ? 
14 O   ? A THR 26  ? A THR 26  ? 1_555 CA ? F CA . ? A CA 168 ? 1_555 OE2 ? A GLU 31  ? A GLU 31  ? 1_555 123.1 ? 
15 OE1 ? A GLU 31  ? A GLU 31  ? 1_555 CA ? F CA . ? A CA 168 ? 1_555 OE2 ? A GLU 31  ? A GLU 31  ? 1_555 51.1  ? 
16 OD2 ? A ASP 20  ? A ASP 20  ? 1_555 CA ? F CA . ? A CA 168 ? 1_555 O   ? G HOH .   ? A HOH 199 ? 1_555 156.7 ? 
17 OD2 ? A ASP 22  ? A ASP 22  ? 1_555 CA ? F CA . ? A CA 168 ? 1_555 O   ? G HOH .   ? A HOH 199 ? 1_555 81.2  ? 
18 OD1 ? A ASP 24  ? A ASP 24  ? 1_555 CA ? F CA . ? A CA 168 ? 1_555 O   ? G HOH .   ? A HOH 199 ? 1_555 87.3  ? 
19 O   ? A THR 26  ? A THR 26  ? 1_555 CA ? F CA . ? A CA 168 ? 1_555 O   ? G HOH .   ? A HOH 199 ? 1_555 111.9 ? 
20 OE1 ? A GLU 31  ? A GLU 31  ? 1_555 CA ? F CA . ? A CA 168 ? 1_555 O   ? G HOH .   ? A HOH 199 ? 1_555 86.4  ? 
21 OE2 ? A GLU 31  ? A GLU 31  ? 1_555 CA ? F CA . ? A CA 168 ? 1_555 O   ? G HOH .   ? A HOH 199 ? 1_555 84.0  ? 
22 OD1 ? A ASP 56  ? A ASP 56  ? 1_555 CA ? E CA . ? A CA 167 ? 1_555 OD1 ? A ASP 58  ? A ASP 58  ? 1_555 75.2  ? 
23 OD1 ? A ASP 56  ? A ASP 56  ? 1_555 CA ? E CA . ? A CA 167 ? 1_555 OD1 ? A ASN 60  ? A ASN 60  ? 1_555 82.0  ? 
24 OD1 ? A ASP 58  ? A ASP 58  ? 1_555 CA ? E CA . ? A CA 167 ? 1_555 OD1 ? A ASN 60  ? A ASN 60  ? 1_555 78.5  ? 
25 OD1 ? A ASP 56  ? A ASP 56  ? 1_555 CA ? E CA . ? A CA 167 ? 1_555 O   ? A THR 62  ? A THR 62  ? 1_555 75.6  ? 
26 OD1 ? A ASP 58  ? A ASP 58  ? 1_555 CA ? E CA . ? A CA 167 ? 1_555 O   ? A THR 62  ? A THR 62  ? 1_555 145.5 ? 
27 OD1 ? A ASN 60  ? A ASN 60  ? 1_555 CA ? E CA . ? A CA 167 ? 1_555 O   ? A THR 62  ? A THR 62  ? 1_555 79.5  ? 
28 OD1 ? A ASP 56  ? A ASP 56  ? 1_555 CA ? E CA . ? A CA 167 ? 1_555 OE2 ? A GLU 67  ? A GLU 67  ? 1_555 103.0 ? 
29 OD1 ? A ASP 58  ? A ASP 58  ? 1_555 CA ? E CA . ? A CA 167 ? 1_555 OE2 ? A GLU 67  ? A GLU 67  ? 1_555 124.8 ? 
30 OD1 ? A ASN 60  ? A ASN 60  ? 1_555 CA ? E CA . ? A CA 167 ? 1_555 OE2 ? A GLU 67  ? A GLU 67  ? 1_555 156.6 ? 
31 O   ? A THR 62  ? A THR 62  ? 1_555 CA ? E CA . ? A CA 167 ? 1_555 OE2 ? A GLU 67  ? A GLU 67  ? 1_555 79.8  ? 
32 OD1 ? A ASP 56  ? A ASP 56  ? 1_555 CA ? E CA . ? A CA 167 ? 1_555 OE1 ? A GLU 67  ? A GLU 67  ? 1_555 85.6  ? 
33 OD1 ? A ASP 58  ? A ASP 58  ? 1_555 CA ? E CA . ? A CA 167 ? 1_555 OE1 ? A GLU 67  ? A GLU 67  ? 1_555 72.8  ? 
34 OD1 ? A ASN 60  ? A ASN 60  ? 1_555 CA ? E CA . ? A CA 167 ? 1_555 OE1 ? A GLU 67  ? A GLU 67  ? 1_555 150.8 ? 
35 O   ? A THR 62  ? A THR 62  ? 1_555 CA ? E CA . ? A CA 167 ? 1_555 OE1 ? A GLU 67  ? A GLU 67  ? 1_555 122.7 ? 
36 OE2 ? A GLU 67  ? A GLU 67  ? 1_555 CA ? E CA . ? A CA 167 ? 1_555 OE1 ? A GLU 67  ? A GLU 67  ? 1_555 52.3  ? 
37 OD1 ? A ASP 56  ? A ASP 56  ? 1_555 CA ? E CA . ? A CA 167 ? 1_555 O   ? G HOH .   ? A HOH 188 ? 1_555 138.9 ? 
38 OD1 ? A ASP 58  ? A ASP 58  ? 1_555 CA ? E CA . ? A CA 167 ? 1_555 O   ? G HOH .   ? A HOH 188 ? 1_555 133.0 ? 
39 OD1 ? A ASN 60  ? A ASN 60  ? 1_555 CA ? E CA . ? A CA 167 ? 1_555 O   ? G HOH .   ? A HOH 188 ? 1_555 77.5  ? 
40 O   ? A THR 62  ? A THR 62  ? 1_555 CA ? E CA . ? A CA 167 ? 1_555 O   ? G HOH .   ? A HOH 188 ? 1_555 66.0  ? 
41 OE2 ? A GLU 67  ? A GLU 67  ? 1_555 CA ? E CA . ? A CA 167 ? 1_555 O   ? G HOH .   ? A HOH 188 ? 1_555 84.4  ? 
42 OE1 ? A GLU 67  ? A GLU 67  ? 1_555 CA ? E CA . ? A CA 167 ? 1_555 O   ? G HOH .   ? A HOH 188 ? 1_555 127.0 ? 
43 OD1 ? A ASP 56  ? A ASP 56  ? 1_555 CA ? E CA . ? A CA 167 ? 1_555 O   ? G HOH .   ? A HOH 190 ? 1_555 148.2 ? 
44 OD1 ? A ASP 58  ? A ASP 58  ? 1_555 CA ? E CA . ? A CA 167 ? 1_555 O   ? G HOH .   ? A HOH 190 ? 1_555 73.4  ? 
45 OD1 ? A ASN 60  ? A ASN 60  ? 1_555 CA ? E CA . ? A CA 167 ? 1_555 O   ? G HOH .   ? A HOH 190 ? 1_555 97.1  ? 
46 O   ? A THR 62  ? A THR 62  ? 1_555 CA ? E CA . ? A CA 167 ? 1_555 O   ? G HOH .   ? A HOH 190 ? 1_555 135.8 ? 
47 OE2 ? A GLU 67  ? A GLU 67  ? 1_555 CA ? E CA . ? A CA 167 ? 1_555 O   ? G HOH .   ? A HOH 190 ? 1_555 90.4  ? 
48 OE1 ? A GLU 67  ? A GLU 67  ? 1_555 CA ? E CA . ? A CA 167 ? 1_555 O   ? G HOH .   ? A HOH 190 ? 1_555 80.0  ? 
49 O   ? G HOH .   ? A HOH 188 ? 1_555 CA ? E CA . ? A CA 167 ? 1_555 O   ? G HOH .   ? A HOH 190 ? 1_555 70.2  ? 
50 OD2 ? A ASP 93  ? A ASP 93  ? 1_555 CA ? D CA . ? A CA 166 ? 1_555 OD1 ? A ASP 95  ? A ASP 95  ? 1_555 81.1  ? 
51 OD2 ? A ASP 93  ? A ASP 93  ? 1_555 CA ? D CA . ? A CA 166 ? 1_555 OD1 ? A ASN 97  ? A ASN 97  ? 1_555 86.4  ? 
52 OD1 ? A ASP 95  ? A ASP 95  ? 1_555 CA ? D CA . ? A CA 166 ? 1_555 OD1 ? A ASN 97  ? A ASN 97  ? 1_555 76.5  ? 
53 OD2 ? A ASP 93  ? A ASP 93  ? 1_555 CA ? D CA . ? A CA 166 ? 1_555 O   ? A TYR 99  ? A TYR 99  ? 1_555 91.7  ? 
54 OD1 ? A ASP 95  ? A ASP 95  ? 1_555 CA ? D CA . ? A CA 166 ? 1_555 O   ? A TYR 99  ? A TYR 99  ? 1_555 155.8 ? 
55 OD1 ? A ASN 97  ? A ASN 97  ? 1_555 CA ? D CA . ? A CA 166 ? 1_555 O   ? A TYR 99  ? A TYR 99  ? 1_555 80.0  ? 
56 OD2 ? A ASP 93  ? A ASP 93  ? 1_555 CA ? D CA . ? A CA 166 ? 1_555 OE1 ? A GLU 104 ? A GLU 104 ? 1_555 95.9  ? 
57 OD1 ? A ASP 95  ? A ASP 95  ? 1_555 CA ? D CA . ? A CA 166 ? 1_555 OE1 ? A GLU 104 ? A GLU 104 ? 1_555 76.2  ? 
58 OD1 ? A ASN 97  ? A ASN 97  ? 1_555 CA ? D CA . ? A CA 166 ? 1_555 OE1 ? A GLU 104 ? A GLU 104 ? 1_555 151.9 ? 
59 O   ? A TYR 99  ? A TYR 99  ? 1_555 CA ? D CA . ? A CA 166 ? 1_555 OE1 ? A GLU 104 ? A GLU 104 ? 1_555 127.7 ? 
60 OD2 ? A ASP 93  ? A ASP 93  ? 1_555 CA ? D CA . ? A CA 166 ? 1_555 OE2 ? A GLU 104 ? A GLU 104 ? 1_555 99.9  ? 
61 OD1 ? A ASP 95  ? A ASP 95  ? 1_555 CA ? D CA . ? A CA 166 ? 1_555 OE2 ? A GLU 104 ? A GLU 104 ? 1_555 128.2 ? 
62 OD1 ? A ASN 97  ? A ASN 97  ? 1_555 CA ? D CA . ? A CA 166 ? 1_555 OE2 ? A GLU 104 ? A GLU 104 ? 1_555 155.1 ? 
63 O   ? A TYR 99  ? A TYR 99  ? 1_555 CA ? D CA . ? A CA 166 ? 1_555 OE2 ? A GLU 104 ? A GLU 104 ? 1_555 75.7  ? 
64 OE1 ? A GLU 104 ? A GLU 104 ? 1_555 CA ? D CA . ? A CA 166 ? 1_555 OE2 ? A GLU 104 ? A GLU 104 ? 1_555 52.0  ? 
65 OD2 ? A ASP 93  ? A ASP 93  ? 1_555 CA ? D CA . ? A CA 166 ? 1_555 O   ? G HOH .   ? A HOH 173 ? 1_555 169.2 ? 
66 OD1 ? A ASP 95  ? A ASP 95  ? 1_555 CA ? D CA . ? A CA 166 ? 1_555 O   ? G HOH .   ? A HOH 173 ? 1_555 88.5  ? 
67 OD1 ? A ASN 97  ? A ASN 97  ? 1_555 CA ? D CA . ? A CA 166 ? 1_555 O   ? G HOH .   ? A HOH 173 ? 1_555 88.6  ? 
68 O   ? A TYR 99  ? A TYR 99  ? 1_555 CA ? D CA . ? A CA 166 ? 1_555 O   ? G HOH .   ? A HOH 173 ? 1_555 96.8  ? 
69 OE1 ? A GLU 104 ? A GLU 104 ? 1_555 CA ? D CA . ? A CA 166 ? 1_555 O   ? G HOH .   ? A HOH 173 ? 1_555 84.1  ? 
70 OE2 ? A GLU 104 ? A GLU 104 ? 1_555 CA ? D CA . ? A CA 166 ? 1_555 O   ? G HOH .   ? A HOH 173 ? 1_555 88.7  ? 
71 OD1 ? A ASP 129 ? A ASP 129 ? 1_555 CA ? C CA . ? A CA 165 ? 1_555 OD2 ? A ASP 131 ? A ASP 131 ? 1_555 78.5  ? 
72 OD1 ? A ASP 129 ? A ASP 129 ? 1_555 CA ? C CA . ? A CA 165 ? 1_555 OD2 ? A ASP 133 ? A ASP 133 ? 1_555 85.4  ? 
73 OD2 ? A ASP 131 ? A ASP 131 ? 1_555 CA ? C CA . ? A CA 165 ? 1_555 OD2 ? A ASP 133 ? A ASP 133 ? 1_555 78.5  ? 
74 OD1 ? A ASP 129 ? A ASP 129 ? 1_555 CA ? C CA . ? A CA 165 ? 1_555 O   ? A GLN 135 ? A GLN 135 ? 1_555 84.1  ? 
75 OD2 ? A ASP 131 ? A ASP 131 ? 1_555 CA ? C CA . ? A CA 165 ? 1_555 O   ? A GLN 135 ? A GLN 135 ? 1_555 152.1 ? 
76 OD2 ? A ASP 133 ? A ASP 133 ? 1_555 CA ? C CA . ? A CA 165 ? 1_555 O   ? A GLN 135 ? A GLN 135 ? 1_555 78.4  ? 
77 OD1 ? A ASP 129 ? A ASP 129 ? 1_555 CA ? C CA . ? A CA 165 ? 1_555 OE1 ? A GLU 140 ? A GLU 140 ? 1_555 91.6  ? 
78 OD2 ? A ASP 131 ? A ASP 131 ? 1_555 CA ? C CA . ? A CA 165 ? 1_555 OE1 ? A GLU 140 ? A GLU 140 ? 1_555 74.5  ? 
79 OD2 ? A ASP 133 ? A ASP 133 ? 1_555 CA ? C CA . ? A CA 165 ? 1_555 OE1 ? A GLU 140 ? A GLU 140 ? 1_555 152.9 ? 
80 O   ? A GLN 135 ? A GLN 135 ? 1_555 CA ? C CA . ? A CA 165 ? 1_555 OE1 ? A GLU 140 ? A GLU 140 ? 1_555 128.1 ? 
81 OD1 ? A ASP 129 ? A ASP 129 ? 1_555 CA ? C CA . ? A CA 165 ? 1_555 OE2 ? A GLU 140 ? A GLU 140 ? 1_555 104.1 ? 
82 OD2 ? A ASP 131 ? A ASP 131 ? 1_555 CA ? C CA . ? A CA 165 ? 1_555 OE2 ? A GLU 140 ? A GLU 140 ? 1_555 126.0 ? 
83 OD2 ? A ASP 133 ? A ASP 133 ? 1_555 CA ? C CA . ? A CA 165 ? 1_555 OE2 ? A GLU 140 ? A GLU 140 ? 1_555 154.7 ? 
84 O   ? A GLN 135 ? A GLN 135 ? 1_555 CA ? C CA . ? A CA 165 ? 1_555 OE2 ? A GLU 140 ? A GLU 140 ? 1_555 79.3  ? 
85 OE1 ? A GLU 140 ? A GLU 140 ? 1_555 CA ? C CA . ? A CA 165 ? 1_555 OE2 ? A GLU 140 ? A GLU 140 ? 1_555 51.7  ? 
86 OD1 ? A ASP 129 ? A ASP 129 ? 1_555 CA ? C CA . ? A CA 165 ? 1_555 O   ? G HOH .   ? A HOH 185 ? 1_555 165.7 ? 
87 OD2 ? A ASP 131 ? A ASP 131 ? 1_555 CA ? C CA . ? A CA 165 ? 1_555 O   ? G HOH .   ? A HOH 185 ? 1_555 95.0  ? 
88 OD2 ? A ASP 133 ? A ASP 133 ? 1_555 CA ? C CA . ? A CA 165 ? 1_555 O   ? G HOH .   ? A HOH 185 ? 1_555 80.8  ? 
89 O   ? A GLN 135 ? A GLN 135 ? 1_555 CA ? C CA . ? A CA 165 ? 1_555 O   ? G HOH .   ? A HOH 185 ? 1_555 96.7  ? 
90 OE1 ? A GLU 140 ? A GLU 140 ? 1_555 CA ? C CA . ? A CA 165 ? 1_555 O   ? G HOH .   ? A HOH 185 ? 1_555 99.0  ? 
91 OE2 ? A GLU 140 ? A GLU 140 ? 1_555 CA ? C CA . ? A CA 165 ? 1_555 O   ? G HOH .   ? A HOH 185 ? 1_555 90.0  ? 
# 
loop_
_pdbx_audit_revision_history.ordinal 
_pdbx_audit_revision_history.data_content_type 
_pdbx_audit_revision_history.major_revision 
_pdbx_audit_revision_history.minor_revision 
_pdbx_audit_revision_history.revision_date 
1 'Structure model' 1 0 2005-12-27 
2 'Structure model' 1 1 2008-05-01 
3 'Structure model' 1 2 2011-07-13 
4 'Structure model' 1 3 2017-10-18 
5 'Structure model' 1 4 2021-10-20 
6 'Structure model' 1 5 2023-08-23 
# 
_pdbx_audit_revision_details.ordinal             1 
_pdbx_audit_revision_details.revision_ordinal    1 
_pdbx_audit_revision_details.data_content_type   'Structure model' 
_pdbx_audit_revision_details.provider            repository 
_pdbx_audit_revision_details.type                'Initial release' 
_pdbx_audit_revision_details.description         ? 
_pdbx_audit_revision_details.details             ? 
# 
loop_
_pdbx_audit_revision_group.ordinal 
_pdbx_audit_revision_group.revision_ordinal 
_pdbx_audit_revision_group.data_content_type 
_pdbx_audit_revision_group.group 
1 2 'Structure model' 'Version format compliance' 
2 3 'Structure model' 'Version format compliance' 
3 4 'Structure model' 'Refinement description'    
4 5 'Structure model' 'Database references'       
5 5 'Structure model' 'Derived calculations'      
6 6 'Structure model' 'Data collection'           
7 6 'Structure model' 'Refinement description'    
# 
loop_
_pdbx_audit_revision_category.ordinal 
_pdbx_audit_revision_category.revision_ordinal 
_pdbx_audit_revision_category.data_content_type 
_pdbx_audit_revision_category.category 
1 4 'Structure model' software                      
2 5 'Structure model' database_2                    
3 5 'Structure model' pdbx_struct_conn_angle        
4 5 'Structure model' struct_conn                   
5 5 'Structure model' struct_ref_seq_dif            
6 5 'Structure model' struct_site                   
7 6 'Structure model' chem_comp_atom                
8 6 'Structure model' chem_comp_bond                
9 6 'Structure model' pdbx_initial_refinement_model 
# 
loop_
_pdbx_audit_revision_item.ordinal 
_pdbx_audit_revision_item.revision_ordinal 
_pdbx_audit_revision_item.data_content_type 
_pdbx_audit_revision_item.item 
1  4 'Structure model' '_software.classification'                    
2  4 'Structure model' '_software.contact_author'                    
3  4 'Structure model' '_software.contact_author_email'              
4  4 'Structure model' '_software.date'                              
5  4 'Structure model' '_software.language'                          
6  4 'Structure model' '_software.location'                          
7  4 'Structure model' '_software.name'                              
8  4 'Structure model' '_software.type'                              
9  4 'Structure model' '_software.version'                           
10 5 'Structure model' '_database_2.pdbx_DOI'                        
11 5 'Structure model' '_database_2.pdbx_database_accession'         
12 5 'Structure model' '_pdbx_struct_conn_angle.ptnr1_auth_comp_id'  
13 5 'Structure model' '_pdbx_struct_conn_angle.ptnr1_auth_seq_id'   
14 5 'Structure model' '_pdbx_struct_conn_angle.ptnr1_label_asym_id' 
15 5 'Structure model' '_pdbx_struct_conn_angle.ptnr1_label_atom_id' 
16 5 'Structure model' '_pdbx_struct_conn_angle.ptnr1_label_comp_id' 
17 5 'Structure model' '_pdbx_struct_conn_angle.ptnr1_label_seq_id'  
18 5 'Structure model' '_pdbx_struct_conn_angle.ptnr2_auth_seq_id'   
19 5 'Structure model' '_pdbx_struct_conn_angle.ptnr2_label_asym_id' 
20 5 'Structure model' '_pdbx_struct_conn_angle.ptnr3_auth_comp_id'  
21 5 'Structure model' '_pdbx_struct_conn_angle.ptnr3_auth_seq_id'   
22 5 'Structure model' '_pdbx_struct_conn_angle.ptnr3_label_asym_id' 
23 5 'Structure model' '_pdbx_struct_conn_angle.ptnr3_label_atom_id' 
24 5 'Structure model' '_pdbx_struct_conn_angle.ptnr3_label_comp_id' 
25 5 'Structure model' '_pdbx_struct_conn_angle.ptnr3_label_seq_id'  
26 5 'Structure model' '_pdbx_struct_conn_angle.value'               
27 5 'Structure model' '_struct_conn.pdbx_dist_value'                
28 5 'Structure model' '_struct_conn.ptnr1_auth_comp_id'             
29 5 'Structure model' '_struct_conn.ptnr1_auth_seq_id'              
30 5 'Structure model' '_struct_conn.ptnr1_label_asym_id'            
31 5 'Structure model' '_struct_conn.ptnr1_label_atom_id'            
32 5 'Structure model' '_struct_conn.ptnr1_label_comp_id'            
33 5 'Structure model' '_struct_conn.ptnr1_label_seq_id'             
34 5 'Structure model' '_struct_conn.ptnr2_auth_comp_id'             
35 5 'Structure model' '_struct_conn.ptnr2_auth_seq_id'              
36 5 'Structure model' '_struct_conn.ptnr2_label_asym_id'            
37 5 'Structure model' '_struct_conn.ptnr2_label_atom_id'            
38 5 'Structure model' '_struct_conn.ptnr2_label_comp_id'            
39 5 'Structure model' '_struct_conn.ptnr2_label_seq_id'             
40 5 'Structure model' '_struct_ref_seq_dif.details'                 
41 5 'Structure model' '_struct_site.pdbx_auth_asym_id'              
42 5 'Structure model' '_struct_site.pdbx_auth_comp_id'              
43 5 'Structure model' '_struct_site.pdbx_auth_seq_id'               
# 
loop_
_software.name 
_software.version 
_software.date 
_software.type 
_software.contact_author 
_software.contact_author_email 
_software.classification 
_software.location 
_software.language 
_software.citation_id 
_software.pdbx_ordinal 
DENZO       .     ?               package 'Zbyszek Otwinowski' zbyszek@mix.swmed.edu    'data reduction'  
http://www.lnls.br/infra/linhasluz/denzo-hkl.htm ?          ? 1 
SCALEPACK   .     ?               package 'Zbyszek Otwinowski' zbyszek@mix.swmed.edu    'data scaling'    
http://www.lnls.br/infra/linhasluz/denzo-hkl.htm ?          ? 2 
CNS         1.1   ?               package 'Axel T. Brunger'    axel.brunger@yale.edu    refinement        
http://cns.csb.yale.edu/v1.1/                    Fortran_77 ? 3 
PDB_EXTRACT 1.701 'OCT. 28, 2005' package PDB                  sw-help@rcsb.rutgers.edu 'data extraction' 
http://pdb.rutgers.edu/software/                 C++        ? 4 
MAR345      .     ?               ?       ?                    ?                        'data collection' ? ?          ? 5 
CNS         .     ?               ?       ?                    ?                        phasing           ? ?          ? 6 
# 
loop_
_pdbx_validate_torsion.id 
_pdbx_validate_torsion.PDB_model_num 
_pdbx_validate_torsion.auth_comp_id 
_pdbx_validate_torsion.auth_asym_id 
_pdbx_validate_torsion.auth_seq_id 
_pdbx_validate_torsion.PDB_ins_code 
_pdbx_validate_torsion.label_alt_id 
_pdbx_validate_torsion.phi 
_pdbx_validate_torsion.psi 
1 1 ASP A 56   ? ? -68.35 82.50   
2 1 LYS B 1681 ? ? -65.93 -141.45 
# 
loop_
_pdbx_unobs_or_zero_occ_residues.id 
_pdbx_unobs_or_zero_occ_residues.PDB_model_num 
_pdbx_unobs_or_zero_occ_residues.polymer_flag 
_pdbx_unobs_or_zero_occ_residues.occupancy_flag 
_pdbx_unobs_or_zero_occ_residues.auth_asym_id 
_pdbx_unobs_or_zero_occ_residues.auth_comp_id 
_pdbx_unobs_or_zero_occ_residues.auth_seq_id 
_pdbx_unobs_or_zero_occ_residues.PDB_ins_code 
_pdbx_unobs_or_zero_occ_residues.label_asym_id 
_pdbx_unobs_or_zero_occ_residues.label_comp_id 
_pdbx_unobs_or_zero_occ_residues.label_seq_id 
1 1 Y 1 A ALA 1    ? A ALA 1   
2 1 Y 1 A ASP 2    ? A ASP 2   
3 1 Y 1 A ALA 147  ? A ALA 147 
4 1 Y 1 A LYS 148  ? A LYS 148 
5 1 Y 1 B LYS 1683 ? B LYS 19  
6 1 Y 1 B GLU 1684 ? B GLU 20  
7 1 Y 1 B GLN 1685 ? B GLN 21  
# 
loop_
_chem_comp_atom.comp_id 
_chem_comp_atom.atom_id 
_chem_comp_atom.type_symbol 
_chem_comp_atom.pdbx_aromatic_flag 
_chem_comp_atom.pdbx_stereo_config 
_chem_comp_atom.pdbx_ordinal 
ALA N    N  N N 1   
ALA CA   C  N S 2   
ALA C    C  N N 3   
ALA O    O  N N 4   
ALA CB   C  N N 5   
ALA OXT  O  N N 6   
ALA H    H  N N 7   
ALA H2   H  N N 8   
ALA HA   H  N N 9   
ALA HB1  H  N N 10  
ALA HB2  H  N N 11  
ALA HB3  H  N N 12  
ALA HXT  H  N N 13  
ARG N    N  N N 14  
ARG CA   C  N S 15  
ARG C    C  N N 16  
ARG O    O  N N 17  
ARG CB   C  N N 18  
ARG CG   C  N N 19  
ARG CD   C  N N 20  
ARG NE   N  N N 21  
ARG CZ   C  N N 22  
ARG NH1  N  N N 23  
ARG NH2  N  N N 24  
ARG OXT  O  N N 25  
ARG H    H  N N 26  
ARG H2   H  N N 27  
ARG HA   H  N N 28  
ARG HB2  H  N N 29  
ARG HB3  H  N N 30  
ARG HG2  H  N N 31  
ARG HG3  H  N N 32  
ARG HD2  H  N N 33  
ARG HD3  H  N N 34  
ARG HE   H  N N 35  
ARG HH11 H  N N 36  
ARG HH12 H  N N 37  
ARG HH21 H  N N 38  
ARG HH22 H  N N 39  
ARG HXT  H  N N 40  
ASN N    N  N N 41  
ASN CA   C  N S 42  
ASN C    C  N N 43  
ASN O    O  N N 44  
ASN CB   C  N N 45  
ASN CG   C  N N 46  
ASN OD1  O  N N 47  
ASN ND2  N  N N 48  
ASN OXT  O  N N 49  
ASN H    H  N N 50  
ASN H2   H  N N 51  
ASN HA   H  N N 52  
ASN HB2  H  N N 53  
ASN HB3  H  N N 54  
ASN HD21 H  N N 55  
ASN HD22 H  N N 56  
ASN HXT  H  N N 57  
ASP N    N  N N 58  
ASP CA   C  N S 59  
ASP C    C  N N 60  
ASP O    O  N N 61  
ASP CB   C  N N 62  
ASP CG   C  N N 63  
ASP OD1  O  N N 64  
ASP OD2  O  N N 65  
ASP OXT  O  N N 66  
ASP H    H  N N 67  
ASP H2   H  N N 68  
ASP HA   H  N N 69  
ASP HB2  H  N N 70  
ASP HB3  H  N N 71  
ASP HD2  H  N N 72  
ASP HXT  H  N N 73  
CA  CA   CA N N 74  
GLN N    N  N N 75  
GLN CA   C  N S 76  
GLN C    C  N N 77  
GLN O    O  N N 78  
GLN CB   C  N N 79  
GLN CG   C  N N 80  
GLN CD   C  N N 81  
GLN OE1  O  N N 82  
GLN NE2  N  N N 83  
GLN OXT  O  N N 84  
GLN H    H  N N 85  
GLN H2   H  N N 86  
GLN HA   H  N N 87  
GLN HB2  H  N N 88  
GLN HB3  H  N N 89  
GLN HG2  H  N N 90  
GLN HG3  H  N N 91  
GLN HE21 H  N N 92  
GLN HE22 H  N N 93  
GLN HXT  H  N N 94  
GLU N    N  N N 95  
GLU CA   C  N S 96  
GLU C    C  N N 97  
GLU O    O  N N 98  
GLU CB   C  N N 99  
GLU CG   C  N N 100 
GLU CD   C  N N 101 
GLU OE1  O  N N 102 
GLU OE2  O  N N 103 
GLU OXT  O  N N 104 
GLU H    H  N N 105 
GLU H2   H  N N 106 
GLU HA   H  N N 107 
GLU HB2  H  N N 108 
GLU HB3  H  N N 109 
GLU HG2  H  N N 110 
GLU HG3  H  N N 111 
GLU HE2  H  N N 112 
GLU HXT  H  N N 113 
GLY N    N  N N 114 
GLY CA   C  N N 115 
GLY C    C  N N 116 
GLY O    O  N N 117 
GLY OXT  O  N N 118 
GLY H    H  N N 119 
GLY H2   H  N N 120 
GLY HA2  H  N N 121 
GLY HA3  H  N N 122 
GLY HXT  H  N N 123 
HIS N    N  N N 124 
HIS CA   C  N S 125 
HIS C    C  N N 126 
HIS O    O  N N 127 
HIS CB   C  N N 128 
HIS CG   C  Y N 129 
HIS ND1  N  Y N 130 
HIS CD2  C  Y N 131 
HIS CE1  C  Y N 132 
HIS NE2  N  Y N 133 
HIS OXT  O  N N 134 
HIS H    H  N N 135 
HIS H2   H  N N 136 
HIS HA   H  N N 137 
HIS HB2  H  N N 138 
HIS HB3  H  N N 139 
HIS HD1  H  N N 140 
HIS HD2  H  N N 141 
HIS HE1  H  N N 142 
HIS HE2  H  N N 143 
HIS HXT  H  N N 144 
HOH O    O  N N 145 
HOH H1   H  N N 146 
HOH H2   H  N N 147 
ILE N    N  N N 148 
ILE CA   C  N S 149 
ILE C    C  N N 150 
ILE O    O  N N 151 
ILE CB   C  N S 152 
ILE CG1  C  N N 153 
ILE CG2  C  N N 154 
ILE CD1  C  N N 155 
ILE OXT  O  N N 156 
ILE H    H  N N 157 
ILE H2   H  N N 158 
ILE HA   H  N N 159 
ILE HB   H  N N 160 
ILE HG12 H  N N 161 
ILE HG13 H  N N 162 
ILE HG21 H  N N 163 
ILE HG22 H  N N 164 
ILE HG23 H  N N 165 
ILE HD11 H  N N 166 
ILE HD12 H  N N 167 
ILE HD13 H  N N 168 
ILE HXT  H  N N 169 
LEU N    N  N N 170 
LEU CA   C  N S 171 
LEU C    C  N N 172 
LEU O    O  N N 173 
LEU CB   C  N N 174 
LEU CG   C  N N 175 
LEU CD1  C  N N 176 
LEU CD2  C  N N 177 
LEU OXT  O  N N 178 
LEU H    H  N N 179 
LEU H2   H  N N 180 
LEU HA   H  N N 181 
LEU HB2  H  N N 182 
LEU HB3  H  N N 183 
LEU HG   H  N N 184 
LEU HD11 H  N N 185 
LEU HD12 H  N N 186 
LEU HD13 H  N N 187 
LEU HD21 H  N N 188 
LEU HD22 H  N N 189 
LEU HD23 H  N N 190 
LEU HXT  H  N N 191 
LYS N    N  N N 192 
LYS CA   C  N S 193 
LYS C    C  N N 194 
LYS O    O  N N 195 
LYS CB   C  N N 196 
LYS CG   C  N N 197 
LYS CD   C  N N 198 
LYS CE   C  N N 199 
LYS NZ   N  N N 200 
LYS OXT  O  N N 201 
LYS H    H  N N 202 
LYS H2   H  N N 203 
LYS HA   H  N N 204 
LYS HB2  H  N N 205 
LYS HB3  H  N N 206 
LYS HG2  H  N N 207 
LYS HG3  H  N N 208 
LYS HD2  H  N N 209 
LYS HD3  H  N N 210 
LYS HE2  H  N N 211 
LYS HE3  H  N N 212 
LYS HZ1  H  N N 213 
LYS HZ2  H  N N 214 
LYS HZ3  H  N N 215 
LYS HXT  H  N N 216 
MET N    N  N N 217 
MET CA   C  N S 218 
MET C    C  N N 219 
MET O    O  N N 220 
MET CB   C  N N 221 
MET CG   C  N N 222 
MET SD   S  N N 223 
MET CE   C  N N 224 
MET OXT  O  N N 225 
MET H    H  N N 226 
MET H2   H  N N 227 
MET HA   H  N N 228 
MET HB2  H  N N 229 
MET HB3  H  N N 230 
MET HG2  H  N N 231 
MET HG3  H  N N 232 
MET HE1  H  N N 233 
MET HE2  H  N N 234 
MET HE3  H  N N 235 
MET HXT  H  N N 236 
PHE N    N  N N 237 
PHE CA   C  N S 238 
PHE C    C  N N 239 
PHE O    O  N N 240 
PHE CB   C  N N 241 
PHE CG   C  Y N 242 
PHE CD1  C  Y N 243 
PHE CD2  C  Y N 244 
PHE CE1  C  Y N 245 
PHE CE2  C  Y N 246 
PHE CZ   C  Y N 247 
PHE OXT  O  N N 248 
PHE H    H  N N 249 
PHE H2   H  N N 250 
PHE HA   H  N N 251 
PHE HB2  H  N N 252 
PHE HB3  H  N N 253 
PHE HD1  H  N N 254 
PHE HD2  H  N N 255 
PHE HE1  H  N N 256 
PHE HE2  H  N N 257 
PHE HZ   H  N N 258 
PHE HXT  H  N N 259 
PRO N    N  N N 260 
PRO CA   C  N S 261 
PRO C    C  N N 262 
PRO O    O  N N 263 
PRO CB   C  N N 264 
PRO CG   C  N N 265 
PRO CD   C  N N 266 
PRO OXT  O  N N 267 
PRO H    H  N N 268 
PRO HA   H  N N 269 
PRO HB2  H  N N 270 
PRO HB3  H  N N 271 
PRO HG2  H  N N 272 
PRO HG3  H  N N 273 
PRO HD2  H  N N 274 
PRO HD3  H  N N 275 
PRO HXT  H  N N 276 
SER N    N  N N 277 
SER CA   C  N S 278 
SER C    C  N N 279 
SER O    O  N N 280 
SER CB   C  N N 281 
SER OG   O  N N 282 
SER OXT  O  N N 283 
SER H    H  N N 284 
SER H2   H  N N 285 
SER HA   H  N N 286 
SER HB2  H  N N 287 
SER HB3  H  N N 288 
SER HG   H  N N 289 
SER HXT  H  N N 290 
THR N    N  N N 291 
THR CA   C  N S 292 
THR C    C  N N 293 
THR O    O  N N 294 
THR CB   C  N R 295 
THR OG1  O  N N 296 
THR CG2  C  N N 297 
THR OXT  O  N N 298 
THR H    H  N N 299 
THR H2   H  N N 300 
THR HA   H  N N 301 
THR HB   H  N N 302 
THR HG1  H  N N 303 
THR HG21 H  N N 304 
THR HG22 H  N N 305 
THR HG23 H  N N 306 
THR HXT  H  N N 307 
TYR N    N  N N 308 
TYR CA   C  N S 309 
TYR C    C  N N 310 
TYR O    O  N N 311 
TYR CB   C  N N 312 
TYR CG   C  Y N 313 
TYR CD1  C  Y N 314 
TYR CD2  C  Y N 315 
TYR CE1  C  Y N 316 
TYR CE2  C  Y N 317 
TYR CZ   C  Y N 318 
TYR OH   O  N N 319 
TYR OXT  O  N N 320 
TYR H    H  N N 321 
TYR H2   H  N N 322 
TYR HA   H  N N 323 
TYR HB2  H  N N 324 
TYR HB3  H  N N 325 
TYR HD1  H  N N 326 
TYR HD2  H  N N 327 
TYR HE1  H  N N 328 
TYR HE2  H  N N 329 
TYR HH   H  N N 330 
TYR HXT  H  N N 331 
VAL N    N  N N 332 
VAL CA   C  N S 333 
VAL C    C  N N 334 
VAL O    O  N N 335 
VAL CB   C  N N 336 
VAL CG1  C  N N 337 
VAL CG2  C  N N 338 
VAL OXT  O  N N 339 
VAL H    H  N N 340 
VAL H2   H  N N 341 
VAL HA   H  N N 342 
VAL HB   H  N N 343 
VAL HG11 H  N N 344 
VAL HG12 H  N N 345 
VAL HG13 H  N N 346 
VAL HG21 H  N N 347 
VAL HG22 H  N N 348 
VAL HG23 H  N N 349 
VAL HXT  H  N N 350 
# 
loop_
_chem_comp_bond.comp_id 
_chem_comp_bond.atom_id_1 
_chem_comp_bond.atom_id_2 
_chem_comp_bond.value_order 
_chem_comp_bond.pdbx_aromatic_flag 
_chem_comp_bond.pdbx_stereo_config 
_chem_comp_bond.pdbx_ordinal 
ALA N   CA   sing N N 1   
ALA N   H    sing N N 2   
ALA N   H2   sing N N 3   
ALA CA  C    sing N N 4   
ALA CA  CB   sing N N 5   
ALA CA  HA   sing N N 6   
ALA C   O    doub N N 7   
ALA C   OXT  sing N N 8   
ALA CB  HB1  sing N N 9   
ALA CB  HB2  sing N N 10  
ALA CB  HB3  sing N N 11  
ALA OXT HXT  sing N N 12  
ARG N   CA   sing N N 13  
ARG N   H    sing N N 14  
ARG N   H2   sing N N 15  
ARG CA  C    sing N N 16  
ARG CA  CB   sing N N 17  
ARG CA  HA   sing N N 18  
ARG C   O    doub N N 19  
ARG C   OXT  sing N N 20  
ARG CB  CG   sing N N 21  
ARG CB  HB2  sing N N 22  
ARG CB  HB3  sing N N 23  
ARG CG  CD   sing N N 24  
ARG CG  HG2  sing N N 25  
ARG CG  HG3  sing N N 26  
ARG CD  NE   sing N N 27  
ARG CD  HD2  sing N N 28  
ARG CD  HD3  sing N N 29  
ARG NE  CZ   sing N N 30  
ARG NE  HE   sing N N 31  
ARG CZ  NH1  sing N N 32  
ARG CZ  NH2  doub N N 33  
ARG NH1 HH11 sing N N 34  
ARG NH1 HH12 sing N N 35  
ARG NH2 HH21 sing N N 36  
ARG NH2 HH22 sing N N 37  
ARG OXT HXT  sing N N 38  
ASN N   CA   sing N N 39  
ASN N   H    sing N N 40  
ASN N   H2   sing N N 41  
ASN CA  C    sing N N 42  
ASN CA  CB   sing N N 43  
ASN CA  HA   sing N N 44  
ASN C   O    doub N N 45  
ASN C   OXT  sing N N 46  
ASN CB  CG   sing N N 47  
ASN CB  HB2  sing N N 48  
ASN CB  HB3  sing N N 49  
ASN CG  OD1  doub N N 50  
ASN CG  ND2  sing N N 51  
ASN ND2 HD21 sing N N 52  
ASN ND2 HD22 sing N N 53  
ASN OXT HXT  sing N N 54  
ASP N   CA   sing N N 55  
ASP N   H    sing N N 56  
ASP N   H2   sing N N 57  
ASP CA  C    sing N N 58  
ASP CA  CB   sing N N 59  
ASP CA  HA   sing N N 60  
ASP C   O    doub N N 61  
ASP C   OXT  sing N N 62  
ASP CB  CG   sing N N 63  
ASP CB  HB2  sing N N 64  
ASP CB  HB3  sing N N 65  
ASP CG  OD1  doub N N 66  
ASP CG  OD2  sing N N 67  
ASP OD2 HD2  sing N N 68  
ASP OXT HXT  sing N N 69  
GLN N   CA   sing N N 70  
GLN N   H    sing N N 71  
GLN N   H2   sing N N 72  
GLN CA  C    sing N N 73  
GLN CA  CB   sing N N 74  
GLN CA  HA   sing N N 75  
GLN C   O    doub N N 76  
GLN C   OXT  sing N N 77  
GLN CB  CG   sing N N 78  
GLN CB  HB2  sing N N 79  
GLN CB  HB3  sing N N 80  
GLN CG  CD   sing N N 81  
GLN CG  HG2  sing N N 82  
GLN CG  HG3  sing N N 83  
GLN CD  OE1  doub N N 84  
GLN CD  NE2  sing N N 85  
GLN NE2 HE21 sing N N 86  
GLN NE2 HE22 sing N N 87  
GLN OXT HXT  sing N N 88  
GLU N   CA   sing N N 89  
GLU N   H    sing N N 90  
GLU N   H2   sing N N 91  
GLU CA  C    sing N N 92  
GLU CA  CB   sing N N 93  
GLU CA  HA   sing N N 94  
GLU C   O    doub N N 95  
GLU C   OXT  sing N N 96  
GLU CB  CG   sing N N 97  
GLU CB  HB2  sing N N 98  
GLU CB  HB3  sing N N 99  
GLU CG  CD   sing N N 100 
GLU CG  HG2  sing N N 101 
GLU CG  HG3  sing N N 102 
GLU CD  OE1  doub N N 103 
GLU CD  OE2  sing N N 104 
GLU OE2 HE2  sing N N 105 
GLU OXT HXT  sing N N 106 
GLY N   CA   sing N N 107 
GLY N   H    sing N N 108 
GLY N   H2   sing N N 109 
GLY CA  C    sing N N 110 
GLY CA  HA2  sing N N 111 
GLY CA  HA3  sing N N 112 
GLY C   O    doub N N 113 
GLY C   OXT  sing N N 114 
GLY OXT HXT  sing N N 115 
HIS N   CA   sing N N 116 
HIS N   H    sing N N 117 
HIS N   H2   sing N N 118 
HIS CA  C    sing N N 119 
HIS CA  CB   sing N N 120 
HIS CA  HA   sing N N 121 
HIS C   O    doub N N 122 
HIS C   OXT  sing N N 123 
HIS CB  CG   sing N N 124 
HIS CB  HB2  sing N N 125 
HIS CB  HB3  sing N N 126 
HIS CG  ND1  sing Y N 127 
HIS CG  CD2  doub Y N 128 
HIS ND1 CE1  doub Y N 129 
HIS ND1 HD1  sing N N 130 
HIS CD2 NE2  sing Y N 131 
HIS CD2 HD2  sing N N 132 
HIS CE1 NE2  sing Y N 133 
HIS CE1 HE1  sing N N 134 
HIS NE2 HE2  sing N N 135 
HIS OXT HXT  sing N N 136 
HOH O   H1   sing N N 137 
HOH O   H2   sing N N 138 
ILE N   CA   sing N N 139 
ILE N   H    sing N N 140 
ILE N   H2   sing N N 141 
ILE CA  C    sing N N 142 
ILE CA  CB   sing N N 143 
ILE CA  HA   sing N N 144 
ILE C   O    doub N N 145 
ILE C   OXT  sing N N 146 
ILE CB  CG1  sing N N 147 
ILE CB  CG2  sing N N 148 
ILE CB  HB   sing N N 149 
ILE CG1 CD1  sing N N 150 
ILE CG1 HG12 sing N N 151 
ILE CG1 HG13 sing N N 152 
ILE CG2 HG21 sing N N 153 
ILE CG2 HG22 sing N N 154 
ILE CG2 HG23 sing N N 155 
ILE CD1 HD11 sing N N 156 
ILE CD1 HD12 sing N N 157 
ILE CD1 HD13 sing N N 158 
ILE OXT HXT  sing N N 159 
LEU N   CA   sing N N 160 
LEU N   H    sing N N 161 
LEU N   H2   sing N N 162 
LEU CA  C    sing N N 163 
LEU CA  CB   sing N N 164 
LEU CA  HA   sing N N 165 
LEU C   O    doub N N 166 
LEU C   OXT  sing N N 167 
LEU CB  CG   sing N N 168 
LEU CB  HB2  sing N N 169 
LEU CB  HB3  sing N N 170 
LEU CG  CD1  sing N N 171 
LEU CG  CD2  sing N N 172 
LEU CG  HG   sing N N 173 
LEU CD1 HD11 sing N N 174 
LEU CD1 HD12 sing N N 175 
LEU CD1 HD13 sing N N 176 
LEU CD2 HD21 sing N N 177 
LEU CD2 HD22 sing N N 178 
LEU CD2 HD23 sing N N 179 
LEU OXT HXT  sing N N 180 
LYS N   CA   sing N N 181 
LYS N   H    sing N N 182 
LYS N   H2   sing N N 183 
LYS CA  C    sing N N 184 
LYS CA  CB   sing N N 185 
LYS CA  HA   sing N N 186 
LYS C   O    doub N N 187 
LYS C   OXT  sing N N 188 
LYS CB  CG   sing N N 189 
LYS CB  HB2  sing N N 190 
LYS CB  HB3  sing N N 191 
LYS CG  CD   sing N N 192 
LYS CG  HG2  sing N N 193 
LYS CG  HG3  sing N N 194 
LYS CD  CE   sing N N 195 
LYS CD  HD2  sing N N 196 
LYS CD  HD3  sing N N 197 
LYS CE  NZ   sing N N 198 
LYS CE  HE2  sing N N 199 
LYS CE  HE3  sing N N 200 
LYS NZ  HZ1  sing N N 201 
LYS NZ  HZ2  sing N N 202 
LYS NZ  HZ3  sing N N 203 
LYS OXT HXT  sing N N 204 
MET N   CA   sing N N 205 
MET N   H    sing N N 206 
MET N   H2   sing N N 207 
MET CA  C    sing N N 208 
MET CA  CB   sing N N 209 
MET CA  HA   sing N N 210 
MET C   O    doub N N 211 
MET C   OXT  sing N N 212 
MET CB  CG   sing N N 213 
MET CB  HB2  sing N N 214 
MET CB  HB3  sing N N 215 
MET CG  SD   sing N N 216 
MET CG  HG2  sing N N 217 
MET CG  HG3  sing N N 218 
MET SD  CE   sing N N 219 
MET CE  HE1  sing N N 220 
MET CE  HE2  sing N N 221 
MET CE  HE3  sing N N 222 
MET OXT HXT  sing N N 223 
PHE N   CA   sing N N 224 
PHE N   H    sing N N 225 
PHE N   H2   sing N N 226 
PHE CA  C    sing N N 227 
PHE CA  CB   sing N N 228 
PHE CA  HA   sing N N 229 
PHE C   O    doub N N 230 
PHE C   OXT  sing N N 231 
PHE CB  CG   sing N N 232 
PHE CB  HB2  sing N N 233 
PHE CB  HB3  sing N N 234 
PHE CG  CD1  doub Y N 235 
PHE CG  CD2  sing Y N 236 
PHE CD1 CE1  sing Y N 237 
PHE CD1 HD1  sing N N 238 
PHE CD2 CE2  doub Y N 239 
PHE CD2 HD2  sing N N 240 
PHE CE1 CZ   doub Y N 241 
PHE CE1 HE1  sing N N 242 
PHE CE2 CZ   sing Y N 243 
PHE CE2 HE2  sing N N 244 
PHE CZ  HZ   sing N N 245 
PHE OXT HXT  sing N N 246 
PRO N   CA   sing N N 247 
PRO N   CD   sing N N 248 
PRO N   H    sing N N 249 
PRO CA  C    sing N N 250 
PRO CA  CB   sing N N 251 
PRO CA  HA   sing N N 252 
PRO C   O    doub N N 253 
PRO C   OXT  sing N N 254 
PRO CB  CG   sing N N 255 
PRO CB  HB2  sing N N 256 
PRO CB  HB3  sing N N 257 
PRO CG  CD   sing N N 258 
PRO CG  HG2  sing N N 259 
PRO CG  HG3  sing N N 260 
PRO CD  HD2  sing N N 261 
PRO CD  HD3  sing N N 262 
PRO OXT HXT  sing N N 263 
SER N   CA   sing N N 264 
SER N   H    sing N N 265 
SER N   H2   sing N N 266 
SER CA  C    sing N N 267 
SER CA  CB   sing N N 268 
SER CA  HA   sing N N 269 
SER C   O    doub N N 270 
SER C   OXT  sing N N 271 
SER CB  OG   sing N N 272 
SER CB  HB2  sing N N 273 
SER CB  HB3  sing N N 274 
SER OG  HG   sing N N 275 
SER OXT HXT  sing N N 276 
THR N   CA   sing N N 277 
THR N   H    sing N N 278 
THR N   H2   sing N N 279 
THR CA  C    sing N N 280 
THR CA  CB   sing N N 281 
THR CA  HA   sing N N 282 
THR C   O    doub N N 283 
THR C   OXT  sing N N 284 
THR CB  OG1  sing N N 285 
THR CB  CG2  sing N N 286 
THR CB  HB   sing N N 287 
THR OG1 HG1  sing N N 288 
THR CG2 HG21 sing N N 289 
THR CG2 HG22 sing N N 290 
THR CG2 HG23 sing N N 291 
THR OXT HXT  sing N N 292 
TYR N   CA   sing N N 293 
TYR N   H    sing N N 294 
TYR N   H2   sing N N 295 
TYR CA  C    sing N N 296 
TYR CA  CB   sing N N 297 
TYR CA  HA   sing N N 298 
TYR C   O    doub N N 299 
TYR C   OXT  sing N N 300 
TYR CB  CG   sing N N 301 
TYR CB  HB2  sing N N 302 
TYR CB  HB3  sing N N 303 
TYR CG  CD1  doub Y N 304 
TYR CG  CD2  sing Y N 305 
TYR CD1 CE1  sing Y N 306 
TYR CD1 HD1  sing N N 307 
TYR CD2 CE2  doub Y N 308 
TYR CD2 HD2  sing N N 309 
TYR CE1 CZ   doub Y N 310 
TYR CE1 HE1  sing N N 311 
TYR CE2 CZ   sing Y N 312 
TYR CE2 HE2  sing N N 313 
TYR CZ  OH   sing N N 314 
TYR OH  HH   sing N N 315 
TYR OXT HXT  sing N N 316 
VAL N   CA   sing N N 317 
VAL N   H    sing N N 318 
VAL N   H2   sing N N 319 
VAL CA  C    sing N N 320 
VAL CA  CB   sing N N 321 
VAL CA  HA   sing N N 322 
VAL C   O    doub N N 323 
VAL C   OXT  sing N N 324 
VAL CB  CG1  sing N N 325 
VAL CB  CG2  sing N N 326 
VAL CB  HB   sing N N 327 
VAL CG1 HG11 sing N N 328 
VAL CG1 HG12 sing N N 329 
VAL CG1 HG13 sing N N 330 
VAL CG2 HG21 sing N N 331 
VAL CG2 HG22 sing N N 332 
VAL CG2 HG23 sing N N 333 
VAL OXT HXT  sing N N 334 
# 
loop_
_pdbx_entity_nonpoly.entity_id 
_pdbx_entity_nonpoly.name 
_pdbx_entity_nonpoly.comp_id 
3 'CALCIUM ION' CA  
4 water         HOH 
# 
_pdbx_initial_refinement_model.id               1 
_pdbx_initial_refinement_model.entity_id_list   ? 
_pdbx_initial_refinement_model.type             'experimental model' 
_pdbx_initial_refinement_model.source_name      PDB 
_pdbx_initial_refinement_model.accession_code   2F3Y 
_pdbx_initial_refinement_model.details          ? 
# 
